data_9I6H
#
_entry.id   9I6H
#
_cell.length_a   136.100
_cell.length_b   240.900
_cell.length_c   138.500
_cell.angle_alpha   90.000
_cell.angle_beta   90.000
_cell.angle_gamma   90.000
#
_symmetry.space_group_name_H-M   'C 2 2 21'
#
loop_
_entity.id
_entity.type
_entity.pdbx_description
1 polymer 'Sodium pumping rhodopsin'
2 non-polymer RETINAL
3 non-polymer 'SODIUM ION'
4 non-polymer '(2R)-2,3-dihydroxypropyl (9Z)-octadec-9-enoate'
5 non-polymer EICOSANE
6 water water
#
_entity_poly.entity_id   1
_entity_poly.type   'polypeptide(L)'
_entity_poly.pdbx_seq_one_letter_code
;QELGNANFENFIGATEGFSEIAYQFTSHILTLGYAVMLAGLLYFILTIKNVDKKFQMSNILSAVVMVSAFLLLYAQAQNW
TSSFTFNEEVGRYFLDPSGDLFNNGYRYLNWLIDVPMLLFQILFVVSLTTSKFSSVRNQFWFSGAMMIITGYIGQFYEVS
NLTAFLVWGAISSAFFFHILWVMKKVINEGKEGISPAGQKILSNIWILFLISWTLYPGAYLMPYLTGVDGFLYSEDGVMA
RQLVYTIADVSSKVIYGVLLGNLAITLSKNKEL
;
_entity_poly.pdbx_strand_id   A,B,C,D,E
#
loop_
_chem_comp.id
_chem_comp.type
_chem_comp.name
_chem_comp.formula
LFA non-polymer EICOSANE 'C20 H42'
NA non-polymer 'SODIUM ION' 'Na 1'
OLC non-polymer '(2R)-2,3-dihydroxypropyl (9Z)-octadec-9-enoate' 'C21 H40 O4'
RET non-polymer RETINAL 'C20 H28 O'
#
# COMPACT_ATOMS: atom_id res chain seq x y z
N GLN A 1 -21.87 -6.42 31.73
CA GLN A 1 -22.04 -5.29 30.84
C GLN A 1 -22.93 -5.64 29.65
N GLU A 2 -23.62 -4.64 29.10
CA GLU A 2 -24.60 -4.85 28.05
C GLU A 2 -23.91 -4.81 26.68
N LEU A 3 -24.05 -5.90 25.91
CA LEU A 3 -23.43 -6.01 24.60
C LEU A 3 -24.42 -6.00 23.45
N GLY A 4 -25.67 -6.36 23.69
CA GLY A 4 -26.69 -6.26 22.64
C GLY A 4 -26.55 -7.38 21.61
N ASN A 5 -26.79 -7.02 20.35
CA ASN A 5 -26.77 -7.98 19.25
C ASN A 5 -25.34 -8.13 18.71
N ALA A 6 -24.52 -8.79 19.50
CA ALA A 6 -23.10 -8.95 19.21
C ALA A 6 -22.75 -10.42 19.07
N ASN A 7 -21.65 -10.67 18.34
CA ASN A 7 -21.18 -12.03 18.14
C ASN A 7 -20.67 -12.61 19.46
N PHE A 8 -20.64 -13.95 19.54
CA PHE A 8 -20.33 -14.61 20.79
C PHE A 8 -18.86 -14.47 21.18
N GLU A 9 -17.99 -14.14 20.22
CA GLU A 9 -16.59 -13.85 20.56
C GLU A 9 -16.51 -12.75 21.61
N ASN A 10 -17.34 -11.72 21.47
CA ASN A 10 -17.34 -10.61 22.42
C ASN A 10 -17.77 -11.06 23.81
N PHE A 11 -18.75 -11.96 23.88
CA PHE A 11 -19.22 -12.44 25.17
C PHE A 11 -18.17 -13.30 25.86
N ILE A 12 -17.57 -14.23 25.11
CA ILE A 12 -16.48 -15.05 25.66
C ILE A 12 -15.34 -14.17 26.14
N GLY A 13 -14.92 -13.20 25.32
CA GLY A 13 -13.81 -12.34 25.69
C GLY A 13 -14.11 -11.38 26.81
N ALA A 14 -15.38 -11.03 27.02
CA ALA A 14 -15.75 -10.13 28.11
C ALA A 14 -15.95 -10.86 29.42
N THR A 15 -16.34 -12.14 29.39
CA THR A 15 -16.56 -12.90 30.61
C THR A 15 -15.35 -13.74 31.01
N GLU A 16 -14.96 -14.69 30.16
CA GLU A 16 -13.84 -15.56 30.48
C GLU A 16 -12.50 -15.00 30.03
N GLY A 17 -12.48 -14.27 28.92
CA GLY A 17 -11.24 -13.87 28.30
C GLY A 17 -10.60 -15.00 27.52
N PHE A 18 -9.61 -14.64 26.71
CA PHE A 18 -8.89 -15.59 25.88
C PHE A 18 -7.50 -15.84 26.43
N SER A 19 -7.07 -17.10 26.37
CA SER A 19 -5.70 -17.43 26.73
C SER A 19 -4.75 -16.99 25.62
N GLU A 20 -3.45 -17.11 25.89
CA GLU A 20 -2.45 -16.74 24.88
C GLU A 20 -2.61 -17.58 23.62
N ILE A 21 -2.82 -18.89 23.77
CA ILE A 21 -2.96 -19.76 22.60
C ILE A 21 -4.13 -19.34 21.74
N ALA A 22 -5.29 -19.10 22.36
CA ALA A 22 -6.50 -18.78 21.59
C ALA A 22 -6.33 -17.49 20.81
N TYR A 23 -5.95 -16.41 21.50
CA TYR A 23 -5.78 -15.11 20.85
C TYR A 23 -4.72 -15.17 19.76
N GLN A 24 -3.54 -15.73 20.10
CA GLN A 24 -2.45 -15.78 19.14
C GLN A 24 -2.81 -16.63 17.93
N PHE A 25 -3.48 -17.76 18.14
CA PHE A 25 -3.86 -18.63 17.03
C PHE A 25 -4.87 -17.95 16.12
N THR A 26 -5.87 -17.29 16.70
CA THR A 26 -6.84 -16.58 15.88
C THR A 26 -6.16 -15.51 15.02
N SER A 27 -5.23 -14.76 15.63
CA SER A 27 -4.52 -13.74 14.87
C SER A 27 -3.68 -14.37 13.76
N HIS A 28 -2.97 -15.45 14.07
CA HIS A 28 -2.13 -16.10 13.08
C HIS A 28 -2.96 -16.65 11.92
N ILE A 29 -4.12 -17.23 12.22
CA ILE A 29 -4.92 -17.85 11.16
C ILE A 29 -5.53 -16.79 10.25
N LEU A 30 -5.95 -15.65 10.82
CA LEU A 30 -6.47 -14.58 9.96
C LEU A 30 -5.35 -13.99 9.10
N THR A 31 -4.16 -13.82 9.69
CA THR A 31 -3.02 -13.31 8.94
C THR A 31 -2.67 -14.24 7.78
N LEU A 32 -2.62 -15.55 8.06
CA LEU A 32 -2.38 -16.54 7.01
C LEU A 32 -3.43 -16.45 5.92
N GLY A 33 -4.69 -16.25 6.31
CA GLY A 33 -5.74 -16.10 5.31
C GLY A 33 -5.47 -14.97 4.33
N TYR A 34 -5.21 -13.78 4.86
CA TYR A 34 -5.05 -12.65 3.93
C TYR A 34 -3.73 -12.76 3.13
N ALA A 35 -2.69 -13.35 3.73
CA ALA A 35 -1.46 -13.61 2.99
C ALA A 35 -1.73 -14.55 1.81
N VAL A 36 -2.45 -15.65 2.07
CA VAL A 36 -2.82 -16.58 1.01
C VAL A 36 -3.58 -15.85 -0.09
N MET A 37 -4.48 -14.95 0.29
CA MET A 37 -5.27 -14.25 -0.72
C MET A 37 -4.39 -13.38 -1.62
N LEU A 38 -3.43 -12.66 -1.03
CA LEU A 38 -2.56 -11.82 -1.85
C LEU A 38 -1.67 -12.66 -2.77
N ALA A 39 -1.14 -13.77 -2.23
CA ALA A 39 -0.34 -14.66 -3.06
C ALA A 39 -1.16 -15.24 -4.22
N GLY A 40 -2.42 -15.59 -3.95
CA GLY A 40 -3.28 -16.07 -5.02
C GLY A 40 -3.57 -15.02 -6.05
N LEU A 41 -3.74 -13.76 -5.62
CA LEU A 41 -3.88 -12.66 -6.56
C LEU A 41 -2.69 -12.62 -7.52
N LEU A 42 -1.49 -12.64 -6.96
CA LEU A 42 -0.29 -12.64 -7.81
C LEU A 42 -0.29 -13.82 -8.77
N TYR A 43 -0.60 -15.02 -8.26
CA TYR A 43 -0.60 -16.21 -9.10
C TYR A 43 -1.58 -16.09 -10.26
N PHE A 44 -2.83 -15.72 -9.96
CA PHE A 44 -3.84 -15.64 -11.01
C PHE A 44 -3.54 -14.56 -12.03
N ILE A 45 -2.93 -13.44 -11.62
CA ILE A 45 -2.53 -12.45 -12.60
C ILE A 45 -1.41 -13.00 -13.49
N LEU A 46 -0.41 -13.64 -12.88
CA LEU A 46 0.78 -14.05 -13.62
C LEU A 46 0.52 -15.23 -14.57
N THR A 47 -0.53 -16.01 -14.34
CA THR A 47 -0.80 -17.19 -15.16
C THR A 47 -1.92 -16.97 -16.17
N ILE A 48 -2.19 -15.71 -16.53
CA ILE A 48 -3.29 -15.42 -17.44
C ILE A 48 -3.00 -15.97 -18.83
N LYS A 49 -1.79 -15.73 -19.34
CA LYS A 49 -1.42 -16.15 -20.69
C LYS A 49 -1.13 -17.64 -20.81
N ASN A 50 -1.47 -18.44 -19.81
CA ASN A 50 -1.28 -19.88 -19.86
C ASN A 50 -2.47 -20.62 -20.47
N VAL A 51 -3.57 -19.92 -20.74
CA VAL A 51 -4.77 -20.53 -21.29
C VAL A 51 -5.19 -19.76 -22.54
N ASP A 52 -6.02 -20.40 -23.36
CA ASP A 52 -6.57 -19.74 -24.52
C ASP A 52 -7.37 -18.51 -24.10
N LYS A 53 -7.52 -17.57 -25.04
CA LYS A 53 -8.15 -16.28 -24.74
C LYS A 53 -9.52 -16.45 -24.12
N LYS A 54 -10.34 -17.35 -24.67
CA LYS A 54 -11.72 -17.49 -24.21
C LYS A 54 -11.82 -17.89 -22.74
N PHE A 55 -10.77 -18.51 -22.19
CA PHE A 55 -10.77 -18.91 -20.80
C PHE A 55 -10.18 -17.87 -19.86
N GLN A 56 -9.48 -16.87 -20.41
CA GLN A 56 -8.73 -15.94 -19.55
C GLN A 56 -9.65 -15.17 -18.62
N MET A 57 -10.91 -14.96 -19.01
CA MET A 57 -11.87 -14.30 -18.13
C MET A 57 -11.89 -14.96 -16.75
N SER A 58 -11.87 -16.30 -16.73
CA SER A 58 -11.83 -17.01 -15.46
C SER A 58 -10.72 -16.47 -14.57
N ASN A 59 -9.49 -16.44 -15.10
CA ASN A 59 -8.37 -15.89 -14.35
C ASN A 59 -8.73 -14.53 -13.76
N ILE A 60 -9.22 -13.63 -14.61
CA ILE A 60 -9.54 -12.28 -14.16
C ILE A 60 -10.49 -12.34 -12.97
N LEU A 61 -11.56 -13.12 -13.10
CA LEU A 61 -12.54 -13.18 -12.03
C LEU A 61 -11.90 -13.69 -10.75
N SER A 62 -11.05 -14.72 -10.86
CA SER A 62 -10.31 -15.19 -9.69
C SER A 62 -9.58 -14.02 -9.05
N ALA A 63 -8.79 -13.28 -9.84
CA ALA A 63 -8.07 -12.14 -9.31
C ALA A 63 -9.02 -11.18 -8.62
N VAL A 64 -10.15 -10.88 -9.25
CA VAL A 64 -11.14 -9.99 -8.64
C VAL A 64 -11.47 -10.49 -7.24
N VAL A 65 -11.90 -11.75 -7.14
CA VAL A 65 -12.23 -12.33 -5.85
C VAL A 65 -11.08 -12.14 -4.88
N MET A 66 -9.87 -12.50 -5.34
CA MET A 66 -8.69 -12.39 -4.48
C MET A 66 -8.62 -11.01 -3.83
N VAL A 67 -8.72 -9.97 -4.65
CA VAL A 67 -8.63 -8.60 -4.13
C VAL A 67 -9.59 -8.45 -2.97
N SER A 68 -10.88 -8.66 -3.23
CA SER A 68 -11.90 -8.58 -2.18
C SER A 68 -11.43 -9.33 -0.95
N ALA A 69 -11.18 -10.63 -1.12
CA ALA A 69 -10.82 -11.47 0.01
C ALA A 69 -9.68 -10.84 0.79
N PHE A 70 -8.59 -10.51 0.11
CA PHE A 70 -7.43 -9.95 0.80
C PHE A 70 -7.87 -8.78 1.65
N LEU A 71 -8.48 -7.77 1.01
CA LEU A 71 -8.86 -6.56 1.72
C LEU A 71 -9.67 -6.94 2.95
N LEU A 72 -10.72 -7.74 2.73
CA LEU A 72 -11.61 -8.06 3.83
C LEU A 72 -10.84 -8.74 4.95
N LEU A 73 -10.09 -9.79 4.61
CA LEU A 73 -9.40 -10.52 5.67
C LEU A 73 -8.40 -9.62 6.37
N TYR A 74 -7.75 -8.74 5.61
CA TYR A 74 -6.81 -7.82 6.25
C TYR A 74 -7.53 -7.01 7.31
N ALA A 75 -8.63 -6.35 6.92
CA ALA A 75 -9.42 -5.59 7.88
C ALA A 75 -9.74 -6.47 9.07
N GLN A 76 -10.27 -7.67 8.81
CA GLN A 76 -10.72 -8.51 9.91
C GLN A 76 -9.57 -8.84 10.84
N ALA A 77 -8.39 -9.10 10.27
CA ALA A 77 -7.22 -9.35 11.12
C ALA A 77 -7.02 -8.19 12.08
N GLN A 78 -6.95 -6.97 11.54
CA GLN A 78 -6.80 -5.79 12.38
C GLN A 78 -7.88 -5.78 13.45
N ASN A 79 -9.12 -6.04 13.05
CA ASN A 79 -10.23 -5.96 13.98
C ASN A 79 -10.00 -6.87 15.18
N TRP A 80 -9.56 -8.11 14.93
CA TRP A 80 -9.29 -9.02 16.03
C TRP A 80 -8.33 -8.37 17.02
N THR A 81 -7.18 -7.93 16.52
CA THR A 81 -6.15 -7.39 17.39
C THR A 81 -6.61 -6.11 18.09
N SER A 82 -7.62 -5.44 17.55
CA SER A 82 -8.10 -4.21 18.16
C SER A 82 -9.17 -4.44 19.22
N SER A 83 -9.77 -5.64 19.26
CA SER A 83 -10.90 -5.84 20.17
C SER A 83 -10.52 -6.48 21.50
N PHE A 84 -9.31 -7.02 21.62
CA PHE A 84 -8.96 -7.76 22.83
C PHE A 84 -7.56 -7.37 23.29
N THR A 85 -7.44 -7.04 24.57
CA THR A 85 -6.21 -6.50 25.15
C THR A 85 -5.81 -7.34 26.35
N PHE A 86 -4.50 -7.52 26.50
CA PHE A 86 -3.95 -8.35 27.56
C PHE A 86 -4.14 -7.71 28.93
N ASN A 87 -4.57 -8.51 29.90
CA ASN A 87 -4.68 -8.06 31.31
C ASN A 87 -3.60 -8.80 32.08
N GLU A 88 -2.58 -8.08 32.55
CA GLU A 88 -1.41 -8.72 33.20
C GLU A 88 -1.79 -9.40 34.51
N GLU A 89 -2.87 -8.96 35.16
CA GLU A 89 -3.22 -9.51 36.50
C GLU A 89 -3.57 -11.00 36.38
N VAL A 90 -4.30 -11.38 35.33
CA VAL A 90 -4.78 -12.79 35.21
C VAL A 90 -4.00 -13.50 34.10
N GLY A 91 -3.53 -12.77 33.09
CA GLY A 91 -2.77 -13.38 31.99
C GLY A 91 -3.68 -13.77 30.84
N ARG A 92 -4.69 -12.94 30.55
CA ARG A 92 -5.65 -13.29 29.52
C ARG A 92 -6.09 -12.03 28.80
N TYR A 93 -6.49 -12.20 27.53
CA TYR A 93 -6.97 -11.09 26.72
C TYR A 93 -8.47 -10.91 26.93
N PHE A 94 -8.88 -9.70 27.31
CA PHE A 94 -10.29 -9.40 27.50
C PHE A 94 -10.77 -8.39 26.47
N LEU A 95 -12.09 -8.31 26.35
CA LEU A 95 -12.72 -7.38 25.42
C LEU A 95 -12.26 -5.95 25.71
N ASP A 96 -11.93 -5.23 24.65
CA ASP A 96 -11.52 -3.83 24.74
C ASP A 96 -12.49 -3.00 23.92
N PRO A 97 -13.49 -2.39 24.53
CA PRO A 97 -14.55 -1.74 23.74
C PRO A 97 -14.06 -0.53 22.96
N SER A 98 -12.97 0.11 23.38
CA SER A 98 -12.43 1.22 22.62
C SER A 98 -11.96 0.81 21.24
N GLY A 99 -11.75 -0.48 21.01
CA GLY A 99 -11.40 -1.04 19.72
C GLY A 99 -12.58 -1.55 18.92
N ASP A 100 -13.81 -1.26 19.36
CA ASP A 100 -15.05 -1.75 18.75
C ASP A 100 -15.27 -3.22 19.06
N LEU A 101 -16.52 -3.67 19.02
CA LEU A 101 -16.82 -5.08 19.19
C LEU A 101 -16.38 -5.86 17.94
N PHE A 102 -16.03 -7.12 18.15
CA PHE A 102 -15.65 -7.99 17.04
C PHE A 102 -16.91 -8.52 16.37
N ASN A 103 -16.95 -8.47 15.04
CA ASN A 103 -18.11 -8.90 14.28
C ASN A 103 -17.68 -9.57 13.00
N ASN A 104 -18.32 -10.70 12.69
CA ASN A 104 -18.01 -11.45 11.48
C ASN A 104 -18.70 -10.92 10.24
N GLY A 105 -19.62 -9.95 10.39
CA GLY A 105 -20.38 -9.45 9.26
C GLY A 105 -19.54 -8.90 8.14
N TYR A 106 -18.31 -8.46 8.45
CA TYR A 106 -17.38 -8.02 7.40
C TYR A 106 -17.28 -9.07 6.29
N ARG A 107 -17.18 -10.35 6.66
CA ARG A 107 -17.17 -11.40 5.66
C ARG A 107 -18.45 -11.39 4.84
N TYR A 108 -19.59 -11.37 5.53
CA TYR A 108 -20.88 -11.63 4.87
C TYR A 108 -21.10 -10.69 3.70
N LEU A 109 -21.05 -9.38 3.95
CA LEU A 109 -21.28 -8.42 2.87
C LEU A 109 -20.25 -8.57 1.76
N ASN A 110 -19.00 -8.90 2.10
CA ASN A 110 -17.99 -9.09 1.07
C ASN A 110 -18.25 -10.34 0.25
N TRP A 111 -19.00 -11.31 0.79
CA TRP A 111 -19.44 -12.43 -0.02
C TRP A 111 -20.31 -11.99 -1.18
N LEU A 112 -20.95 -10.82 -1.06
CA LEU A 112 -21.70 -10.26 -2.19
C LEU A 112 -20.81 -10.05 -3.40
N ILE A 113 -19.50 -9.91 -3.20
CA ILE A 113 -18.56 -10.00 -4.32
C ILE A 113 -18.21 -11.44 -4.61
N ASP A 114 -17.86 -12.20 -3.58
CA ASP A 114 -17.22 -13.50 -3.77
C ASP A 114 -18.19 -14.51 -4.36
N VAL A 115 -19.38 -14.64 -3.76
CA VAL A 115 -20.29 -15.72 -4.15
C VAL A 115 -20.74 -15.60 -5.60
N PRO A 116 -21.22 -14.44 -6.09
CA PRO A 116 -21.56 -14.37 -7.52
C PRO A 116 -20.39 -14.66 -8.44
N MET A 117 -19.27 -13.94 -8.26
CA MET A 117 -18.13 -14.09 -9.16
C MET A 117 -17.63 -15.53 -9.20
N LEU A 118 -17.45 -16.16 -8.04
CA LEU A 118 -17.08 -17.57 -8.00
C LEU A 118 -18.05 -18.42 -8.80
N LEU A 119 -19.35 -18.18 -8.63
CA LEU A 119 -20.34 -18.94 -9.39
C LEU A 119 -20.33 -18.54 -10.86
N PHE A 120 -19.94 -17.30 -11.16
CA PHE A 120 -19.96 -16.81 -12.54
C PHE A 120 -18.83 -17.40 -13.36
N GLN A 121 -17.64 -17.49 -12.78
CA GLN A 121 -16.44 -17.72 -13.59
C GLN A 121 -16.42 -19.12 -14.21
N ILE A 122 -17.03 -20.11 -13.55
CA ILE A 122 -17.06 -21.45 -14.12
C ILE A 122 -17.81 -21.46 -15.43
N LEU A 123 -18.73 -20.51 -15.64
CA LEU A 123 -19.45 -20.45 -16.90
C LEU A 123 -18.58 -19.95 -18.06
N PHE A 124 -17.33 -19.58 -17.79
CA PHE A 124 -16.38 -19.23 -18.85
C PHE A 124 -15.42 -20.37 -19.20
N VAL A 125 -15.57 -21.53 -18.57
CA VAL A 125 -14.70 -22.67 -18.86
C VAL A 125 -15.53 -23.81 -19.43
N VAL A 126 -16.56 -24.23 -18.68
CA VAL A 126 -17.43 -25.31 -19.16
C VAL A 126 -18.42 -24.78 -20.18
N SER A 127 -18.95 -25.69 -20.98
CA SER A 127 -19.97 -25.37 -21.98
C SER A 127 -21.28 -26.03 -21.57
N LEU A 128 -22.32 -25.24 -21.38
CA LEU A 128 -23.63 -25.77 -21.06
C LEU A 128 -24.24 -26.44 -22.29
N THR A 129 -25.12 -27.41 -22.03
CA THR A 129 -25.78 -28.14 -23.12
C THR A 129 -27.24 -27.73 -23.24
N THR A 130 -28.10 -28.13 -22.30
CA THR A 130 -29.52 -27.82 -22.38
C THR A 130 -29.93 -26.57 -21.61
N SER A 131 -29.09 -26.09 -20.69
CA SER A 131 -29.41 -24.90 -19.91
C SER A 131 -28.97 -23.64 -20.65
N LYS A 132 -29.63 -22.53 -20.34
CA LYS A 132 -29.30 -21.24 -20.92
C LYS A 132 -28.34 -20.50 -20.00
N PHE A 133 -27.26 -19.96 -20.59
CA PHE A 133 -26.23 -19.27 -19.83
C PHE A 133 -26.82 -18.20 -18.91
N SER A 134 -27.62 -17.30 -19.48
CA SER A 134 -28.15 -16.19 -18.69
C SER A 134 -29.10 -16.66 -17.61
N SER A 135 -29.88 -17.71 -17.88
CA SER A 135 -30.78 -18.24 -16.86
C SER A 135 -30.01 -18.78 -15.67
N VAL A 136 -28.99 -19.61 -15.94
CA VAL A 136 -28.14 -20.14 -14.88
C VAL A 136 -27.48 -19.02 -14.10
N ARG A 137 -26.97 -18.01 -14.81
CA ARG A 137 -26.29 -16.90 -14.16
C ARG A 137 -27.23 -16.13 -13.24
N ASN A 138 -28.42 -15.80 -13.72
CA ASN A 138 -29.38 -15.05 -12.91
C ASN A 138 -29.81 -15.85 -11.70
N GLN A 139 -30.01 -17.17 -11.87
CA GLN A 139 -30.36 -18.02 -10.75
C GLN A 139 -29.27 -17.99 -9.69
N PHE A 140 -28.02 -18.23 -10.12
CA PHE A 140 -26.88 -18.15 -9.23
C PHE A 140 -26.87 -16.84 -8.46
N TRP A 141 -26.99 -15.72 -9.16
CA TRP A 141 -26.82 -14.41 -8.54
C TRP A 141 -27.94 -14.12 -7.54
N PHE A 142 -29.19 -14.37 -7.93
CA PHE A 142 -30.31 -14.11 -7.03
C PHE A 142 -30.24 -14.98 -5.78
N SER A 143 -30.02 -16.29 -5.97
CA SER A 143 -29.98 -17.18 -4.83
C SER A 143 -28.82 -16.85 -3.89
N GLY A 144 -27.65 -16.52 -4.46
CA GLY A 144 -26.52 -16.14 -3.64
C GLY A 144 -26.79 -14.87 -2.84
N ALA A 145 -27.36 -13.85 -3.50
CA ALA A 145 -27.67 -12.61 -2.80
C ALA A 145 -28.62 -12.87 -1.63
N MET A 146 -29.69 -13.63 -1.88
CA MET A 146 -30.65 -13.90 -0.81
C MET A 146 -30.00 -14.67 0.33
N MET A 147 -29.23 -15.71 -0.01
CA MET A 147 -28.50 -16.48 1.01
C MET A 147 -27.64 -15.58 1.88
N ILE A 148 -26.81 -14.75 1.23
CA ILE A 148 -25.88 -13.90 1.96
C ILE A 148 -26.64 -12.93 2.86
N ILE A 149 -27.67 -12.27 2.32
CA ILE A 149 -28.36 -11.25 3.10
C ILE A 149 -29.08 -11.87 4.29
N THR A 150 -29.74 -13.01 4.09
CA THR A 150 -30.45 -13.64 5.20
C THR A 150 -29.49 -14.13 6.27
N GLY A 151 -28.38 -14.75 5.88
CA GLY A 151 -27.40 -15.17 6.88
C GLY A 151 -26.77 -14.00 7.61
N TYR A 152 -26.54 -12.89 6.90
CA TYR A 152 -25.98 -11.69 7.51
C TYR A 152 -26.92 -11.11 8.55
N ILE A 153 -28.22 -11.07 8.24
CA ILE A 153 -29.20 -10.65 9.23
C ILE A 153 -29.18 -11.60 10.42
N GLY A 154 -29.15 -12.91 10.15
CA GLY A 154 -29.26 -13.88 11.24
C GLY A 154 -28.10 -13.87 12.20
N GLN A 155 -26.87 -13.66 11.70
CA GLN A 155 -25.70 -13.81 12.56
C GLN A 155 -25.62 -12.74 13.65
N PHE A 156 -26.30 -11.60 13.48
CA PHE A 156 -26.31 -10.58 14.52
C PHE A 156 -27.01 -11.05 15.79
N TYR A 157 -27.82 -12.10 15.72
CA TYR A 157 -28.60 -12.58 16.85
C TYR A 157 -28.13 -13.93 17.38
N GLU A 158 -26.88 -14.31 17.09
CA GLU A 158 -26.40 -15.62 17.50
C GLU A 158 -26.36 -15.79 19.01
N VAL A 159 -26.38 -14.69 19.77
CA VAL A 159 -26.45 -14.73 21.22
C VAL A 159 -27.72 -14.09 21.75
N SER A 160 -28.10 -12.93 21.21
CA SER A 160 -29.21 -12.17 21.77
C SER A 160 -30.57 -12.79 21.47
N ASN A 161 -30.70 -13.58 20.40
CA ASN A 161 -31.99 -14.14 20.03
C ASN A 161 -31.73 -15.40 19.19
N LEU A 162 -31.70 -16.55 19.86
CA LEU A 162 -31.41 -17.80 19.17
C LEU A 162 -32.49 -18.15 18.15
N THR A 163 -33.74 -17.75 18.41
CA THR A 163 -34.82 -18.08 17.50
C THR A 163 -34.64 -17.41 16.15
N ALA A 164 -34.42 -16.10 16.14
CA ALA A 164 -34.16 -15.40 14.88
C ALA A 164 -32.90 -15.95 14.21
N PHE A 165 -31.86 -16.22 14.99
CA PHE A 165 -30.65 -16.85 14.49
C PHE A 165 -30.98 -18.09 13.65
N LEU A 166 -31.72 -19.03 14.24
CA LEU A 166 -32.02 -20.29 13.57
C LEU A 166 -32.96 -20.09 12.38
N VAL A 167 -33.95 -19.20 12.51
CA VAL A 167 -34.91 -19.00 11.44
C VAL A 167 -34.23 -18.41 10.21
N TRP A 168 -33.42 -17.36 10.41
CA TRP A 168 -32.68 -16.77 9.30
C TRP A 168 -31.69 -17.77 8.72
N GLY A 169 -31.06 -18.58 9.57
CA GLY A 169 -30.16 -19.61 9.07
C GLY A 169 -30.85 -20.61 8.16
N ALA A 170 -32.07 -21.03 8.53
CA ALA A 170 -32.81 -21.97 7.69
C ALA A 170 -33.24 -21.33 6.37
N ILE A 171 -33.74 -20.10 6.44
CA ILE A 171 -34.10 -19.39 5.21
C ILE A 171 -32.90 -19.29 4.29
N SER A 172 -31.71 -19.03 4.85
CA SER A 172 -30.50 -18.99 4.04
C SER A 172 -30.16 -20.37 3.47
N SER A 173 -30.32 -21.42 4.28
CA SER A 173 -30.01 -22.77 3.82
C SER A 173 -30.86 -23.17 2.62
N ALA A 174 -32.10 -22.69 2.56
CA ALA A 174 -32.93 -22.95 1.38
C ALA A 174 -32.24 -22.49 0.09
N PHE A 175 -31.84 -21.22 0.04
CA PHE A 175 -31.15 -20.69 -1.13
C PHE A 175 -29.81 -21.39 -1.36
N PHE A 176 -29.14 -21.80 -0.27
CA PHE A 176 -27.90 -22.55 -0.42
C PHE A 176 -28.14 -23.87 -1.17
N PHE A 177 -29.20 -24.58 -0.81
CA PHE A 177 -29.53 -25.84 -1.48
C PHE A 177 -29.90 -25.59 -2.94
N HIS A 178 -30.62 -24.50 -3.22
CA HIS A 178 -30.90 -24.17 -4.62
C HIS A 178 -29.61 -23.94 -5.40
N ILE A 179 -28.66 -23.23 -4.80
CA ILE A 179 -27.36 -23.00 -5.45
C ILE A 179 -26.67 -24.32 -5.73
N LEU A 180 -26.67 -25.22 -4.74
CA LEU A 180 -26.05 -26.53 -4.94
C LEU A 180 -26.70 -27.29 -6.09
N TRP A 181 -28.03 -27.20 -6.20
CA TRP A 181 -28.75 -27.86 -7.29
C TRP A 181 -28.30 -27.32 -8.64
N VAL A 182 -28.30 -25.99 -8.79
CA VAL A 182 -27.92 -25.39 -10.06
C VAL A 182 -26.47 -25.72 -10.40
N MET A 183 -25.60 -25.74 -9.38
CA MET A 183 -24.19 -26.04 -9.62
C MET A 183 -24.00 -27.48 -10.07
N LYS A 184 -24.74 -28.42 -9.47
CA LYS A 184 -24.69 -29.80 -9.95
C LYS A 184 -25.15 -29.90 -11.40
N LYS A 185 -26.21 -29.19 -11.76
CA LYS A 185 -26.64 -29.15 -13.15
C LYS A 185 -25.50 -28.66 -14.05
N VAL A 186 -24.85 -27.56 -13.65
CA VAL A 186 -23.78 -26.98 -14.44
C VAL A 186 -22.65 -27.98 -14.63
N ILE A 187 -22.26 -28.69 -13.57
CA ILE A 187 -21.16 -29.64 -13.66
C ILE A 187 -21.52 -30.81 -14.57
N ASN A 188 -22.75 -31.33 -14.44
CA ASN A 188 -23.17 -32.45 -15.28
C ASN A 188 -23.17 -32.05 -16.75
N GLU A 189 -23.65 -30.83 -17.06
CA GLU A 189 -23.64 -30.40 -18.46
C GLU A 189 -22.22 -30.14 -18.95
N GLY A 190 -21.36 -29.60 -18.08
CA GLY A 190 -19.99 -29.33 -18.49
C GLY A 190 -19.17 -30.58 -18.74
N LYS A 191 -19.50 -31.68 -18.06
CA LYS A 191 -18.77 -32.93 -18.31
C LYS A 191 -18.99 -33.43 -19.73
N GLU A 192 -20.14 -33.12 -20.33
CA GLU A 192 -20.49 -33.66 -21.64
C GLU A 192 -19.61 -33.05 -22.72
N GLY A 193 -18.94 -33.90 -23.49
CA GLY A 193 -18.22 -33.49 -24.67
C GLY A 193 -16.80 -33.02 -24.46
N ILE A 194 -16.21 -33.28 -23.29
CA ILE A 194 -14.81 -32.94 -23.04
C ILE A 194 -14.07 -34.21 -22.67
N SER A 195 -12.74 -34.12 -22.68
CA SER A 195 -11.89 -35.29 -22.46
C SER A 195 -12.10 -35.86 -21.06
N PRO A 196 -11.78 -37.14 -20.88
CA PRO A 196 -11.91 -37.73 -19.53
C PRO A 196 -11.09 -37.02 -18.47
N ALA A 197 -9.94 -36.45 -18.83
CA ALA A 197 -9.14 -35.71 -17.87
C ALA A 197 -9.89 -34.49 -17.36
N GLY A 198 -10.50 -33.74 -18.27
CA GLY A 198 -11.32 -32.61 -17.87
C GLY A 198 -12.52 -33.05 -17.05
N GLN A 199 -13.08 -34.23 -17.34
CA GLN A 199 -14.19 -34.74 -16.54
C GLN A 199 -13.74 -35.05 -15.12
N LYS A 200 -12.55 -35.65 -14.97
CA LYS A 200 -12.01 -35.89 -13.63
C LYS A 200 -11.78 -34.58 -12.88
N ILE A 201 -11.24 -33.58 -13.57
CA ILE A 201 -11.05 -32.26 -12.96
C ILE A 201 -12.39 -31.69 -12.51
N LEU A 202 -13.43 -31.86 -13.33
CA LEU A 202 -14.75 -31.35 -12.97
C LEU A 202 -15.31 -32.08 -11.75
N SER A 203 -15.08 -33.40 -11.66
CA SER A 203 -15.52 -34.15 -10.48
C SER A 203 -14.83 -33.64 -9.22
N ASN A 204 -13.52 -33.44 -9.29
CA ASN A 204 -12.79 -32.89 -8.15
C ASN A 204 -13.32 -31.51 -7.79
N ILE A 205 -13.61 -30.69 -8.81
CA ILE A 205 -14.16 -29.35 -8.57
C ILE A 205 -15.49 -29.43 -7.85
N TRP A 206 -16.33 -30.39 -8.24
CA TRP A 206 -17.63 -30.54 -7.60
C TRP A 206 -17.48 -30.94 -6.14
N ILE A 207 -16.60 -31.91 -5.85
CA ILE A 207 -16.39 -32.32 -4.47
C ILE A 207 -15.88 -31.14 -3.63
N LEU A 208 -14.89 -30.42 -4.17
CA LEU A 208 -14.34 -29.27 -3.46
C LEU A 208 -15.39 -28.20 -3.20
N PHE A 209 -16.15 -27.84 -4.23
CA PHE A 209 -17.24 -26.88 -4.09
C PHE A 209 -18.17 -27.30 -2.96
N LEU A 210 -18.64 -28.55 -3.01
CA LEU A 210 -19.60 -29.05 -2.02
C LEU A 210 -19.05 -28.87 -0.60
N ILE A 211 -17.86 -29.44 -0.35
CA ILE A 211 -17.31 -29.45 1.01
C ILE A 211 -17.03 -28.01 1.47
N SER A 212 -16.31 -27.25 0.65
CA SER A 212 -15.87 -25.91 1.06
C SER A 212 -17.04 -24.97 1.30
N TRP A 213 -18.10 -25.08 0.48
CA TRP A 213 -19.25 -24.22 0.70
C TRP A 213 -20.07 -24.68 1.89
N THR A 214 -20.16 -25.99 2.13
CA THR A 214 -20.85 -26.47 3.32
C THR A 214 -20.14 -26.04 4.59
N LEU A 215 -18.82 -25.81 4.52
CA LEU A 215 -18.08 -25.38 5.70
C LEU A 215 -18.61 -24.06 6.27
N TYR A 216 -19.22 -23.21 5.45
CA TYR A 216 -19.62 -21.89 5.93
C TYR A 216 -20.78 -21.94 6.91
N PRO A 217 -21.90 -22.64 6.63
CA PRO A 217 -22.91 -22.80 7.69
C PRO A 217 -22.37 -23.51 8.93
N GLY A 218 -21.34 -24.33 8.78
CA GLY A 218 -20.68 -24.90 9.94
C GLY A 218 -20.09 -23.85 10.84
N ALA A 219 -19.35 -22.91 10.25
CA ALA A 219 -18.84 -21.78 11.02
C ALA A 219 -19.96 -20.92 11.57
N TYR A 220 -21.07 -20.82 10.83
CA TYR A 220 -22.24 -20.11 11.32
C TYR A 220 -22.74 -20.71 12.63
N LEU A 221 -22.86 -22.04 12.69
CA LEU A 221 -23.40 -22.73 13.85
C LEU A 221 -22.36 -23.08 14.91
N MET A 222 -21.07 -22.88 14.64
CA MET A 222 -19.98 -23.35 15.50
C MET A 222 -20.20 -23.24 17.01
N PRO A 223 -20.58 -22.09 17.58
CA PRO A 223 -20.66 -22.01 19.05
C PRO A 223 -21.70 -22.93 19.67
N TYR A 224 -22.62 -23.47 18.88
CA TYR A 224 -23.71 -24.29 19.40
C TYR A 224 -23.64 -25.74 18.92
N LEU A 225 -22.57 -26.12 18.20
CA LEU A 225 -22.49 -27.48 17.69
C LEU A 225 -22.32 -28.52 18.79
N THR A 226 -22.02 -28.10 20.03
CA THR A 226 -22.00 -29.00 21.18
C THR A 226 -23.05 -28.62 22.21
N GLY A 227 -24.06 -27.85 21.81
CA GLY A 227 -25.14 -27.47 22.69
C GLY A 227 -24.82 -26.27 23.56
N VAL A 228 -25.86 -25.78 24.25
CA VAL A 228 -25.70 -24.67 25.17
C VAL A 228 -24.82 -25.08 26.34
N ASP A 229 -23.91 -24.20 26.74
CA ASP A 229 -22.90 -24.49 27.76
C ASP A 229 -22.08 -25.72 27.38
N GLY A 230 -21.89 -25.92 26.08
CA GLY A 230 -21.11 -27.04 25.59
C GLY A 230 -19.64 -26.72 25.50
N PHE A 231 -18.90 -27.68 24.95
CA PHE A 231 -17.45 -27.52 24.83
C PHE A 231 -17.09 -26.39 23.87
N LEU A 232 -17.85 -26.24 22.79
CA LEU A 232 -17.55 -25.22 21.78
C LEU A 232 -18.02 -23.82 22.15
N TYR A 233 -18.78 -23.65 23.23
CA TYR A 233 -19.11 -22.30 23.69
C TYR A 233 -18.01 -21.76 24.61
N SER A 234 -16.82 -21.62 24.01
CA SER A 234 -15.62 -21.23 24.74
C SER A 234 -14.66 -20.61 23.74
N GLU A 235 -13.46 -20.29 24.21
CA GLU A 235 -12.42 -19.82 23.31
C GLU A 235 -12.06 -20.88 22.28
N ASP A 236 -12.21 -22.16 22.65
CA ASP A 236 -12.03 -23.24 21.69
C ASP A 236 -12.97 -23.09 20.52
N GLY A 237 -14.21 -22.67 20.78
CA GLY A 237 -15.15 -22.44 19.70
C GLY A 237 -14.76 -21.27 18.82
N VAL A 238 -14.20 -20.21 19.41
CA VAL A 238 -13.74 -19.07 18.63
C VAL A 238 -12.61 -19.50 17.69
N MET A 239 -11.62 -20.21 18.25
CA MET A 239 -10.54 -20.75 17.43
C MET A 239 -11.09 -21.62 16.31
N ALA A 240 -11.99 -22.54 16.64
CA ALA A 240 -12.56 -23.44 15.64
C ALA A 240 -13.29 -22.66 14.55
N ARG A 241 -14.06 -21.63 14.92
CA ARG A 241 -14.80 -20.85 13.94
C ARG A 241 -13.86 -20.15 12.98
N GLN A 242 -12.83 -19.47 13.51
CA GLN A 242 -11.93 -18.76 12.60
C GLN A 242 -11.10 -19.73 11.76
N LEU A 243 -10.73 -20.89 12.33
CA LEU A 243 -10.02 -21.90 11.55
C LEU A 243 -10.87 -22.44 10.42
N VAL A 244 -12.14 -22.73 10.68
CA VAL A 244 -13.05 -23.20 9.65
C VAL A 244 -13.24 -22.12 8.59
N TYR A 245 -13.38 -20.86 9.01
CA TYR A 245 -13.47 -19.76 8.05
C TYR A 245 -12.26 -19.72 7.14
N THR A 246 -11.06 -19.86 7.71
CA THR A 246 -9.85 -19.77 6.89
C THR A 246 -9.73 -20.95 5.93
N ILE A 247 -10.00 -22.16 6.42
CA ILE A 247 -9.94 -23.35 5.56
C ILE A 247 -10.95 -23.21 4.42
N ALA A 248 -12.17 -22.79 4.74
CA ALA A 248 -13.20 -22.64 3.71
C ALA A 248 -12.82 -21.56 2.71
N ASP A 249 -12.29 -20.44 3.19
CA ASP A 249 -11.87 -19.36 2.29
C ASP A 249 -10.82 -19.88 1.31
N VAL A 250 -9.75 -20.47 1.82
CA VAL A 250 -8.68 -20.96 0.96
C VAL A 250 -9.23 -21.97 -0.05
N SER A 251 -9.95 -22.99 0.44
CA SER A 251 -10.44 -24.05 -0.44
C SER A 251 -11.38 -23.49 -1.51
N SER A 252 -12.38 -22.72 -1.11
CA SER A 252 -13.42 -22.27 -2.03
C SER A 252 -12.94 -21.16 -2.96
N LYS A 253 -11.86 -20.46 -2.63
CA LYS A 253 -11.39 -19.41 -3.52
C LYS A 253 -10.14 -19.84 -4.29
N VAL A 254 -9.04 -20.03 -3.57
CA VAL A 254 -7.74 -20.21 -4.25
C VAL A 254 -7.67 -21.55 -4.95
N ILE A 255 -7.95 -22.63 -4.22
CA ILE A 255 -7.86 -23.97 -4.81
C ILE A 255 -8.92 -24.14 -5.90
N TYR A 256 -10.10 -23.55 -5.69
CA TYR A 256 -11.15 -23.56 -6.70
C TYR A 256 -10.68 -22.90 -7.99
N GLY A 257 -10.06 -21.72 -7.88
CA GLY A 257 -9.53 -21.05 -9.05
C GLY A 257 -8.42 -21.83 -9.72
N VAL A 258 -7.56 -22.47 -8.91
CA VAL A 258 -6.46 -23.24 -9.47
C VAL A 258 -6.98 -24.44 -10.25
N LEU A 259 -7.97 -25.15 -9.70
CA LEU A 259 -8.56 -26.28 -10.42
C LEU A 259 -9.26 -25.81 -11.69
N LEU A 260 -9.98 -24.69 -11.62
CA LEU A 260 -10.59 -24.13 -12.83
C LEU A 260 -9.54 -23.80 -13.88
N GLY A 261 -8.39 -23.26 -13.45
CA GLY A 261 -7.34 -22.95 -14.40
C GLY A 261 -6.71 -24.19 -15.02
N ASN A 262 -6.55 -25.25 -14.22
CA ASN A 262 -6.07 -26.51 -14.77
C ASN A 262 -7.05 -27.07 -15.80
N LEU A 263 -8.34 -27.02 -15.49
CA LEU A 263 -9.35 -27.44 -16.47
C LEU A 263 -9.24 -26.62 -17.74
N ALA A 264 -9.12 -25.30 -17.61
CA ALA A 264 -8.97 -24.43 -18.78
C ALA A 264 -7.72 -24.80 -19.58
N ILE A 265 -6.65 -25.20 -18.89
CA ILE A 265 -5.42 -25.60 -19.57
C ILE A 265 -5.65 -26.86 -20.40
N THR A 266 -6.29 -27.87 -19.80
CA THR A 266 -6.54 -29.10 -20.56
C THR A 266 -7.46 -28.87 -21.74
N LEU A 267 -8.39 -27.91 -21.64
CA LEU A 267 -9.28 -27.59 -22.75
C LEU A 267 -8.62 -26.70 -23.80
N SER A 268 -7.48 -26.09 -23.49
CA SER A 268 -6.84 -25.19 -24.43
C SER A 268 -6.07 -25.97 -25.49
N LYS A 269 -5.78 -25.31 -26.60
CA LYS A 269 -5.03 -25.92 -27.69
C LYS A 269 -3.79 -25.10 -28.03
N GLN B 1 3.20 -10.63 37.23
CA GLN B 1 2.80 -10.74 35.84
C GLN B 1 2.90 -12.18 35.34
N GLU B 2 1.75 -12.84 35.25
CA GLU B 2 1.68 -14.21 34.76
C GLU B 2 1.46 -14.18 33.24
N LEU B 3 2.34 -14.86 32.51
CA LEU B 3 2.30 -14.84 31.05
C LEU B 3 1.79 -16.14 30.42
N GLY B 4 1.88 -17.25 31.13
CA GLY B 4 1.31 -18.48 30.61
C GLY B 4 2.16 -19.09 29.51
N ASN B 5 1.48 -19.62 28.49
CA ASN B 5 2.14 -20.29 27.38
C ASN B 5 2.56 -19.26 26.33
N ALA B 6 3.58 -18.49 26.68
CA ALA B 6 4.10 -17.41 25.87
C ALA B 6 5.57 -17.66 25.55
N ASN B 7 6.03 -17.04 24.47
CA ASN B 7 7.42 -17.18 24.06
C ASN B 7 8.34 -16.51 25.08
N PHE B 8 9.61 -16.94 25.09
CA PHE B 8 10.54 -16.49 26.12
C PHE B 8 10.96 -15.04 25.94
N GLU B 9 10.79 -14.49 24.74
CA GLU B 9 11.04 -13.06 24.54
C GLU B 9 10.22 -12.22 25.52
N ASN B 10 8.97 -12.61 25.73
CA ASN B 10 8.11 -11.87 26.66
C ASN B 10 8.63 -11.97 28.08
N PHE B 11 9.16 -13.13 28.48
CA PHE B 11 9.67 -13.28 29.84
C PHE B 11 10.92 -12.43 30.03
N ILE B 12 11.85 -12.48 29.08
CA ILE B 12 13.04 -11.64 29.15
C ILE B 12 12.65 -10.17 29.23
N GLY B 13 11.73 -9.73 28.35
CA GLY B 13 11.32 -8.35 28.34
C GLY B 13 10.49 -7.91 29.54
N ALA B 14 9.83 -8.86 30.20
CA ALA B 14 9.04 -8.53 31.38
C ALA B 14 9.86 -8.52 32.66
N THR B 15 10.95 -9.29 32.72
CA THR B 15 11.78 -9.34 33.93
C THR B 15 12.97 -8.40 33.83
N GLU B 16 13.88 -8.65 32.89
CA GLU B 16 15.07 -7.82 32.75
C GLU B 16 14.88 -6.63 31.81
N GLY B 17 14.05 -6.79 30.78
CA GLY B 17 13.96 -5.79 29.73
C GLY B 17 15.13 -5.89 28.76
N PHE B 18 14.99 -5.17 27.65
CA PHE B 18 15.98 -5.15 26.59
C PHE B 18 16.73 -3.84 26.59
N SER B 19 18.04 -3.90 26.35
CA SER B 19 18.83 -2.70 26.19
C SER B 19 18.54 -2.06 24.84
N GLU B 20 19.07 -0.86 24.64
CA GLU B 20 18.87 -0.15 23.37
C GLU B 20 19.43 -0.95 22.21
N ILE B 21 20.63 -1.52 22.36
CA ILE B 21 21.25 -2.27 21.26
C ILE B 21 20.39 -3.46 20.88
N ALA B 22 19.94 -4.23 21.86
CA ALA B 22 19.16 -5.44 21.58
C ALA B 22 17.85 -5.12 20.86
N TYR B 23 17.08 -4.20 21.43
CA TYR B 23 15.79 -3.81 20.84
C TYR B 23 15.97 -3.26 19.44
N GLN B 24 16.90 -2.31 19.29
CA GLN B 24 17.12 -1.69 17.99
C GLN B 24 17.58 -2.73 16.96
N PHE B 25 18.47 -3.65 17.35
CA PHE B 25 18.95 -4.65 16.42
C PHE B 25 17.83 -5.59 15.97
N THR B 26 16.99 -6.04 16.91
CA THR B 26 15.88 -6.91 16.52
C THR B 26 14.96 -6.20 15.53
N SER B 27 14.65 -4.93 15.81
CA SER B 27 13.80 -4.16 14.90
C SER B 27 14.45 -4.02 13.52
N HIS B 28 15.75 -3.68 13.50
CA HIS B 28 16.45 -3.52 12.23
C HIS B 28 16.47 -4.82 11.43
N ILE B 29 16.68 -5.95 12.11
CA ILE B 29 16.82 -7.21 11.38
C ILE B 29 15.47 -7.63 10.79
N LEU B 30 14.36 -7.41 11.52
CA LEU B 30 13.06 -7.72 10.95
C LEU B 30 12.73 -6.80 9.78
N THR B 31 13.08 -5.51 9.91
CA THR B 31 12.86 -4.57 8.81
C THR B 31 13.65 -4.98 7.57
N LEU B 32 14.92 -5.33 7.76
CA LEU B 32 15.74 -5.83 6.66
C LEU B 32 15.12 -7.06 6.02
N GLY B 33 14.57 -7.95 6.84
CA GLY B 33 13.91 -9.14 6.30
C GLY B 33 12.80 -8.79 5.33
N TYR B 34 11.86 -7.94 5.76
CA TYR B 34 10.72 -7.67 4.86
C TYR B 34 11.15 -6.83 3.66
N ALA B 35 12.14 -5.96 3.81
CA ALA B 35 12.67 -5.23 2.67
C ALA B 35 13.26 -6.19 1.63
N VAL B 36 14.08 -7.14 2.09
CA VAL B 36 14.64 -8.16 1.20
C VAL B 36 13.54 -8.90 0.48
N MET B 37 12.46 -9.24 1.20
CA MET B 37 11.38 -10.00 0.57
C MET B 37 10.71 -9.21 -0.55
N LEU B 38 10.43 -7.93 -0.32
CA LEU B 38 9.78 -7.14 -1.38
C LEU B 38 10.71 -6.95 -2.58
N ALA B 39 11.99 -6.69 -2.32
CA ALA B 39 12.94 -6.56 -3.43
C ALA B 39 13.04 -7.85 -4.22
N GLY B 40 13.04 -8.99 -3.54
CA GLY B 40 13.07 -10.27 -4.23
C GLY B 40 11.82 -10.51 -5.05
N LEU B 41 10.67 -10.09 -4.54
CA LEU B 41 9.44 -10.15 -5.33
C LEU B 41 9.61 -9.41 -6.65
N LEU B 42 10.08 -8.16 -6.57
CA LEU B 42 10.33 -7.38 -7.78
C LEU B 42 11.29 -8.10 -8.72
N TYR B 43 12.38 -8.65 -8.18
CA TYR B 43 13.36 -9.33 -9.01
C TYR B 43 12.74 -10.51 -9.74
N PHE B 44 12.04 -11.39 -9.01
CA PHE B 44 11.48 -12.58 -9.62
C PHE B 44 10.42 -12.25 -10.66
N ILE B 45 9.63 -11.19 -10.45
CA ILE B 45 8.67 -10.80 -11.47
C ILE B 45 9.39 -10.29 -12.72
N LEU B 46 10.40 -9.43 -12.54
CA LEU B 46 11.00 -8.77 -13.69
C LEU B 46 11.87 -9.71 -14.53
N THR B 47 12.30 -10.85 -13.98
CA THR B 47 13.18 -11.77 -14.69
C THR B 47 12.45 -13.02 -15.19
N ILE B 48 11.12 -12.94 -15.37
CA ILE B 48 10.37 -14.12 -15.77
C ILE B 48 10.75 -14.56 -17.19
N LYS B 49 10.82 -13.61 -18.12
CA LYS B 49 11.10 -13.92 -19.52
C LYS B 49 12.55 -14.26 -19.78
N ASN B 50 13.35 -14.50 -18.75
CA ASN B 50 14.74 -14.89 -18.93
C ASN B 50 14.93 -16.39 -19.10
N VAL B 51 13.88 -17.18 -18.92
CA VAL B 51 13.94 -18.63 -19.03
C VAL B 51 12.86 -19.10 -20.00
N ASP B 52 13.02 -20.33 -20.48
CA ASP B 52 12.00 -20.94 -21.33
C ASP B 52 10.67 -21.01 -20.58
N LYS B 53 9.58 -21.08 -21.36
CA LYS B 53 8.24 -21.04 -20.79
C LYS B 53 8.04 -22.11 -19.73
N LYS B 54 8.50 -23.34 -20.00
CA LYS B 54 8.25 -24.45 -19.08
C LYS B 54 8.86 -24.23 -17.70
N PHE B 55 9.88 -23.39 -17.60
CA PHE B 55 10.52 -23.12 -16.31
C PHE B 55 9.92 -21.93 -15.58
N GLN B 56 9.13 -21.11 -16.28
CA GLN B 56 8.67 -19.83 -15.71
C GLN B 56 7.81 -20.05 -14.47
N MET B 57 7.13 -21.19 -14.38
CA MET B 57 6.35 -21.50 -13.18
C MET B 57 7.20 -21.34 -11.92
N SER B 58 8.45 -21.82 -11.95
CA SER B 58 9.35 -21.63 -10.83
C SER B 58 9.37 -20.17 -10.41
N ASN B 59 9.66 -19.28 -11.37
CA ASN B 59 9.66 -17.84 -11.10
C ASN B 59 8.38 -17.45 -10.37
N ILE B 60 7.23 -17.83 -10.95
CA ILE B 60 5.95 -17.45 -10.36
C ILE B 60 5.88 -17.91 -8.91
N LEU B 61 6.15 -19.19 -8.68
CA LEU B 61 6.00 -19.74 -7.31
C LEU B 61 6.96 -19.03 -6.35
N SER B 62 8.10 -18.59 -6.85
CA SER B 62 9.06 -17.88 -6.00
C SER B 62 8.42 -16.57 -5.52
N ALA B 63 7.79 -15.84 -6.43
CA ALA B 63 7.18 -14.53 -6.08
C ALA B 63 6.03 -14.73 -5.11
N VAL B 64 5.30 -15.82 -5.25
CA VAL B 64 4.20 -16.15 -4.29
C VAL B 64 4.81 -16.22 -2.89
N VAL B 65 5.98 -16.87 -2.77
CA VAL B 65 6.60 -17.06 -1.43
C VAL B 65 7.08 -15.68 -0.95
N MET B 66 7.52 -14.85 -1.88
CA MET B 66 8.03 -13.50 -1.52
C MET B 66 6.87 -12.66 -1.00
N VAL B 67 5.70 -12.78 -1.61
CA VAL B 67 4.54 -12.05 -1.09
C VAL B 67 4.27 -12.48 0.35
N SER B 68 4.02 -13.77 0.54
CA SER B 68 3.78 -14.29 1.87
C SER B 68 4.83 -13.77 2.83
N ALA B 69 6.10 -14.07 2.53
CA ALA B 69 7.19 -13.70 3.43
C ALA B 69 7.09 -12.22 3.77
N PHE B 70 6.99 -11.38 2.74
CA PHE B 70 6.96 -9.94 2.96
C PHE B 70 5.92 -9.60 4.00
N LEU B 71 4.67 -9.98 3.72
CA LEU B 71 3.57 -9.61 4.62
C LEU B 71 3.90 -10.03 6.04
N LEU B 72 4.28 -11.30 6.20
CA LEU B 72 4.52 -11.82 7.55
C LEU B 72 5.58 -10.99 8.24
N LEU B 73 6.73 -10.81 7.60
CA LEU B 73 7.81 -10.10 8.26
C LEU B 73 7.37 -8.69 8.60
N TYR B 74 6.62 -8.05 7.70
CA TYR B 74 6.12 -6.71 8.00
C TYR B 74 5.33 -6.74 9.28
N ALA B 75 4.32 -7.62 9.34
CA ALA B 75 3.54 -7.78 10.56
C ALA B 75 4.46 -7.99 11.75
N GLN B 76 5.38 -8.95 11.62
CA GLN B 76 6.22 -9.28 12.77
C GLN B 76 7.03 -8.08 13.19
N ALA B 77 7.56 -7.33 12.24
CA ALA B 77 8.30 -6.12 12.59
C ALA B 77 7.44 -5.23 13.46
N GLN B 78 6.23 -4.90 12.98
CA GLN B 78 5.32 -4.07 13.75
C GLN B 78 5.14 -4.66 15.14
N ASN B 79 4.87 -5.96 15.20
CA ASN B 79 4.57 -6.59 16.48
C ASN B 79 5.70 -6.37 17.46
N TRP B 80 6.95 -6.56 17.02
CA TRP B 80 8.06 -6.36 17.93
C TRP B 80 8.00 -4.96 18.54
N THR B 81 7.92 -3.94 17.68
CA THR B 81 7.96 -2.58 18.17
C THR B 81 6.75 -2.24 19.03
N SER B 82 5.66 -3.00 18.89
CA SER B 82 4.48 -2.71 19.69
C SER B 82 4.47 -3.43 21.02
N SER B 83 5.36 -4.41 21.23
CA SER B 83 5.30 -5.21 22.44
C SER B 83 6.26 -4.72 23.53
N PHE B 84 7.21 -3.85 23.21
CA PHE B 84 8.22 -3.44 24.17
C PHE B 84 8.42 -1.94 24.10
N THR B 85 8.36 -1.29 25.26
CA THR B 85 8.35 0.16 25.38
C THR B 85 9.45 0.62 26.33
N PHE B 86 10.07 1.75 26.00
CA PHE B 86 11.17 2.28 26.78
C PHE B 86 10.71 2.77 28.14
N ASN B 87 11.44 2.39 29.19
CA ASN B 87 11.25 2.92 30.53
C ASN B 87 12.38 3.90 30.82
N GLU B 88 12.02 5.17 31.03
CA GLU B 88 13.04 6.21 31.13
C GLU B 88 13.87 6.09 32.41
N GLU B 89 13.27 5.58 33.49
CA GLU B 89 13.96 5.54 34.77
C GLU B 89 15.24 4.70 34.70
N VAL B 90 15.20 3.58 34.01
CA VAL B 90 16.35 2.67 33.93
C VAL B 90 16.96 2.58 32.54
N GLY B 91 16.27 3.06 31.51
CA GLY B 91 16.85 3.02 30.18
C GLY B 91 16.79 1.67 29.49
N ARG B 92 15.68 0.95 29.60
CA ARG B 92 15.53 -0.35 28.97
C ARG B 92 14.10 -0.50 28.48
N TYR B 93 13.93 -1.30 27.44
CA TYR B 93 12.60 -1.59 26.90
C TYR B 93 12.02 -2.78 27.63
N PHE B 94 10.83 -2.61 28.19
CA PHE B 94 10.13 -3.67 28.90
C PHE B 94 8.87 -4.06 28.17
N LEU B 95 8.34 -5.23 28.53
CA LEU B 95 7.11 -5.73 27.94
C LEU B 95 5.98 -4.73 28.11
N ASP B 96 5.23 -4.51 27.03
CA ASP B 96 4.09 -3.61 27.03
C ASP B 96 2.85 -4.41 26.61
N PRO B 97 2.03 -4.85 27.55
CA PRO B 97 0.94 -5.77 27.20
C PRO B 97 -0.14 -5.17 26.32
N SER B 98 -0.32 -3.84 26.34
CA SER B 98 -1.32 -3.22 25.48
C SER B 98 -1.01 -3.39 24.00
N GLY B 99 0.23 -3.74 23.67
CA GLY B 99 0.64 -4.07 22.32
C GLY B 99 0.61 -5.55 21.99
N ASP B 100 0.03 -6.36 22.87
CA ASP B 100 -0.02 -7.82 22.77
C ASP B 100 1.35 -8.43 23.09
N LEU B 101 1.35 -9.70 23.52
CA LEU B 101 2.59 -10.41 23.73
C LEU B 101 3.23 -10.76 22.40
N PHE B 102 4.55 -10.88 22.40
CA PHE B 102 5.27 -11.25 21.18
C PHE B 102 5.24 -12.77 21.01
N ASN B 103 4.96 -13.20 19.79
CA ASN B 103 4.84 -14.62 19.49
C ASN B 103 5.42 -14.87 18.10
N ASN B 104 6.23 -15.93 17.98
CA ASN B 104 6.84 -16.28 16.70
C ASN B 104 5.92 -17.12 15.83
N GLY B 105 4.78 -17.55 16.35
CA GLY B 105 3.88 -18.41 15.59
C GLY B 105 3.40 -17.81 14.28
N TYR B 106 3.43 -16.48 14.16
CA TYR B 106 3.13 -15.84 12.88
C TYR B 106 3.95 -16.44 11.76
N ARG B 107 5.24 -16.67 11.99
CA ARG B 107 6.07 -17.35 11.00
C ARG B 107 5.53 -18.74 10.70
N TYR B 108 5.26 -19.52 11.75
CA TYR B 108 4.98 -20.94 11.59
C TYR B 108 3.83 -21.18 10.62
N LEU B 109 2.67 -20.56 10.89
CA LEU B 109 1.52 -20.75 10.02
C LEU B 109 1.80 -20.28 8.60
N ASN B 110 2.59 -19.20 8.46
CA ASN B 110 2.90 -18.74 7.12
C ASN B 110 3.83 -19.69 6.38
N TRP B 111 4.56 -20.54 7.11
CA TRP B 111 5.32 -21.59 6.46
C TRP B 111 4.41 -22.54 5.70
N LEU B 112 3.13 -22.64 6.09
CA LEU B 112 2.18 -23.43 5.32
C LEU B 112 2.06 -22.94 3.88
N ILE B 113 2.41 -21.68 3.62
CA ILE B 113 2.59 -21.22 2.25
C ILE B 113 4.00 -21.57 1.76
N ASP B 114 5.01 -21.22 2.56
CA ASP B 114 6.38 -21.22 2.08
C ASP B 114 6.90 -22.63 1.84
N VAL B 115 6.76 -23.51 2.83
CA VAL B 115 7.41 -24.82 2.76
C VAL B 115 6.90 -25.66 1.60
N PRO B 116 5.58 -25.82 1.38
CA PRO B 116 5.16 -26.58 0.18
C PRO B 116 5.65 -25.96 -1.11
N MET B 117 5.38 -24.67 -1.32
CA MET B 117 5.72 -24.02 -2.58
C MET B 117 7.20 -24.13 -2.88
N LEU B 118 8.04 -23.81 -1.89
CA LEU B 118 9.48 -23.96 -2.05
C LEU B 118 9.84 -25.37 -2.48
N LEU B 119 9.25 -26.38 -1.84
CA LEU B 119 9.54 -27.75 -2.22
C LEU B 119 8.92 -28.09 -3.57
N PHE B 120 7.84 -27.42 -3.95
CA PHE B 120 7.16 -27.73 -5.20
C PHE B 120 7.94 -27.21 -6.41
N GLN B 121 8.50 -26.00 -6.31
CA GLN B 121 8.97 -25.30 -7.49
C GLN B 121 10.19 -25.98 -8.11
N ILE B 122 11.02 -26.66 -7.32
CA ILE B 122 12.16 -27.36 -7.88
C ILE B 122 11.71 -28.45 -8.85
N LEU B 123 10.49 -28.97 -8.65
CA LEU B 123 9.96 -29.99 -9.55
C LEU B 123 9.55 -29.42 -10.90
N PHE B 124 9.66 -28.11 -11.10
CA PHE B 124 9.41 -27.50 -12.40
C PHE B 124 10.70 -27.22 -13.16
N VAL B 125 11.85 -27.57 -12.59
CA VAL B 125 13.15 -27.37 -13.23
C VAL B 125 13.86 -28.70 -13.48
N VAL B 126 14.02 -29.51 -12.43
CA VAL B 126 14.67 -30.80 -12.57
C VAL B 126 13.69 -31.81 -13.15
N SER B 127 14.23 -32.87 -13.74
CA SER B 127 13.46 -33.98 -14.29
C SER B 127 13.77 -35.23 -13.49
N LEU B 128 12.72 -35.83 -12.89
CA LEU B 128 12.90 -37.05 -12.12
C LEU B 128 13.18 -38.25 -13.02
N THR B 129 13.89 -39.22 -12.48
CA THR B 129 14.23 -40.46 -13.19
C THR B 129 13.45 -41.63 -12.61
N THR B 130 13.79 -42.07 -11.38
CA THR B 130 13.14 -43.21 -10.78
C THR B 130 11.96 -42.84 -9.90
N SER B 131 11.85 -41.59 -9.47
CA SER B 131 10.76 -41.14 -8.64
C SER B 131 9.56 -40.69 -9.47
N LYS B 132 8.38 -40.79 -8.88
CA LYS B 132 7.14 -40.34 -9.51
C LYS B 132 6.85 -38.92 -9.03
N PHE B 133 6.55 -38.03 -9.98
CA PHE B 133 6.31 -36.63 -9.65
C PHE B 133 5.28 -36.48 -8.54
N SER B 134 4.11 -37.09 -8.72
CA SER B 134 3.03 -36.93 -7.75
C SER B 134 3.38 -37.52 -6.39
N SER B 135 4.12 -38.62 -6.37
CA SER B 135 4.54 -39.20 -5.09
C SER B 135 5.46 -38.24 -4.34
N VAL B 136 6.47 -37.69 -5.04
CA VAL B 136 7.37 -36.73 -4.42
C VAL B 136 6.59 -35.52 -3.90
N ARG B 137 5.66 -35.00 -4.71
CA ARG B 137 4.90 -33.83 -4.31
C ARG B 137 4.05 -34.11 -3.07
N ASN B 138 3.34 -35.24 -3.07
CA ASN B 138 2.49 -35.58 -1.93
C ASN B 138 3.31 -35.79 -0.67
N GLN B 139 4.46 -36.45 -0.79
CA GLN B 139 5.34 -36.64 0.37
C GLN B 139 5.82 -35.31 0.91
N PHE B 140 6.36 -34.46 0.02
CA PHE B 140 6.78 -33.12 0.42
C PHE B 140 5.69 -32.41 1.18
N TRP B 141 4.48 -32.36 0.61
CA TRP B 141 3.41 -31.54 1.20
C TRP B 141 2.97 -32.10 2.55
N PHE B 142 2.74 -33.41 2.62
CA PHE B 142 2.29 -34.01 3.88
C PHE B 142 3.33 -33.85 4.97
N SER B 143 4.59 -34.20 4.67
CA SER B 143 5.63 -34.12 5.68
C SER B 143 5.85 -32.68 6.14
N GLY B 144 5.82 -31.73 5.20
CA GLY B 144 5.97 -30.34 5.57
C GLY B 144 4.85 -29.84 6.46
N ALA B 145 3.61 -30.20 6.11
CA ALA B 145 2.47 -29.81 6.94
C ALA B 145 2.60 -30.36 8.35
N MET B 146 2.94 -31.65 8.48
CA MET B 146 3.08 -32.25 9.80
C MET B 146 4.20 -31.59 10.59
N MET B 147 5.35 -31.39 9.95
CA MET B 147 6.48 -30.71 10.61
C MET B 147 6.06 -29.35 11.14
N ILE B 148 5.45 -28.52 10.28
CA ILE B 148 5.08 -27.17 10.67
C ILE B 148 4.08 -27.19 11.81
N ILE B 149 3.04 -28.02 11.70
CA ILE B 149 1.98 -28.02 12.71
C ILE B 149 2.51 -28.50 14.06
N THR B 150 3.32 -29.56 14.06
CA THR B 150 3.84 -30.06 15.32
C THR B 150 4.79 -29.06 15.97
N GLY B 151 5.67 -28.43 15.19
CA GLY B 151 6.52 -27.40 15.76
C GLY B 151 5.75 -26.21 16.26
N TYR B 152 4.68 -25.84 15.56
CA TYR B 152 3.84 -24.72 15.98
C TYR B 152 3.16 -25.00 17.31
N ILE B 153 2.64 -26.22 17.48
CA ILE B 153 2.09 -26.59 18.79
C ILE B 153 3.18 -26.53 19.86
N GLY B 154 4.37 -27.07 19.54
CA GLY B 154 5.41 -27.17 20.54
C GLY B 154 5.94 -25.83 21.02
N GLN B 155 6.05 -24.85 20.12
CA GLN B 155 6.72 -23.60 20.48
C GLN B 155 5.94 -22.78 21.50
N PHE B 156 4.63 -23.02 21.65
CA PHE B 156 3.87 -22.31 22.68
C PHE B 156 4.31 -22.68 24.08
N TYR B 157 5.02 -23.80 24.26
CA TYR B 157 5.40 -24.30 25.58
C TYR B 157 6.89 -24.21 25.82
N GLU B 158 7.61 -23.34 25.08
CA GLU B 158 9.06 -23.28 25.23
C GLU B 158 9.48 -22.81 26.62
N VAL B 159 8.58 -22.19 27.38
CA VAL B 159 8.87 -21.77 28.75
C VAL B 159 7.99 -22.50 29.75
N SER B 160 6.69 -22.62 29.47
CA SER B 160 5.75 -23.15 30.45
C SER B 160 5.84 -24.66 30.60
N ASN B 161 6.33 -25.39 29.60
CA ASN B 161 6.39 -26.85 29.68
C ASN B 161 7.49 -27.31 28.71
N LEU B 162 8.71 -27.44 29.25
CA LEU B 162 9.85 -27.83 28.43
C LEU B 162 9.69 -29.24 27.87
N THR B 163 9.00 -30.12 28.61
CA THR B 163 8.83 -31.50 28.16
C THR B 163 8.03 -31.57 26.86
N ALA B 164 6.85 -30.93 26.85
CA ALA B 164 6.06 -30.87 25.63
C ALA B 164 6.82 -30.19 24.51
N PHE B 165 7.54 -29.11 24.85
CA PHE B 165 8.41 -28.42 23.90
C PHE B 165 9.30 -29.42 23.16
N LEU B 166 10.07 -30.22 23.92
CA LEU B 166 11.01 -31.14 23.30
C LEU B 166 10.30 -32.28 22.57
N VAL B 167 9.19 -32.78 23.12
CA VAL B 167 8.49 -33.89 22.47
C VAL B 167 7.96 -33.47 21.11
N TRP B 168 7.29 -32.31 21.05
CA TRP B 168 6.80 -31.82 19.77
C TRP B 168 7.95 -31.50 18.83
N GLY B 169 9.07 -30.97 19.36
CA GLY B 169 10.23 -30.73 18.52
C GLY B 169 10.76 -31.99 17.87
N ALA B 170 10.84 -33.09 18.64
CA ALA B 170 11.34 -34.34 18.07
C ALA B 170 10.37 -34.92 17.05
N ILE B 171 9.07 -34.89 17.35
CA ILE B 171 8.08 -35.35 16.38
C ILE B 171 8.20 -34.57 15.09
N SER B 172 8.43 -33.26 15.17
CA SER B 172 8.63 -32.44 13.98
C SER B 172 9.93 -32.82 13.26
N SER B 173 11.00 -33.06 14.02
CA SER B 173 12.29 -33.41 13.43
C SER B 173 12.21 -34.68 12.60
N ALA B 174 11.35 -35.62 13.00
CA ALA B 174 11.14 -36.82 12.18
C ALA B 174 10.73 -36.46 10.75
N PHE B 175 9.67 -35.66 10.62
CA PHE B 175 9.21 -35.25 9.29
C PHE B 175 10.25 -34.40 8.59
N PHE B 176 11.02 -33.62 9.35
CA PHE B 176 12.10 -32.84 8.75
C PHE B 176 13.13 -33.75 8.09
N PHE B 177 13.51 -34.84 8.78
CA PHE B 177 14.46 -35.79 8.19
C PHE B 177 13.88 -36.47 6.96
N HIS B 178 12.58 -36.78 6.99
CA HIS B 178 11.94 -37.33 5.79
C HIS B 178 12.03 -36.36 4.61
N ILE B 179 11.78 -35.07 4.87
CA ILE B 179 11.89 -34.07 3.82
C ILE B 179 13.30 -34.02 3.26
N LEU B 180 14.30 -34.05 4.15
CA LEU B 180 15.69 -34.04 3.69
C LEU B 180 15.98 -35.25 2.80
N TRP B 181 15.46 -36.41 3.19
CA TRP B 181 15.64 -37.63 2.39
C TRP B 181 15.08 -37.47 0.99
N VAL B 182 13.82 -37.05 0.90
CA VAL B 182 13.16 -36.91 -0.40
C VAL B 182 13.87 -35.86 -1.24
N MET B 183 14.33 -34.77 -0.62
CA MET B 183 15.02 -33.73 -1.37
C MET B 183 16.36 -34.21 -1.91
N LYS B 184 17.10 -34.98 -1.10
CA LYS B 184 18.35 -35.57 -1.60
C LYS B 184 18.10 -36.46 -2.82
N LYS B 185 17.06 -37.29 -2.74
CA LYS B 185 16.70 -38.11 -3.90
C LYS B 185 16.39 -37.24 -5.12
N VAL B 186 15.59 -36.20 -4.92
CA VAL B 186 15.20 -35.32 -6.03
C VAL B 186 16.42 -34.68 -6.67
N ILE B 187 17.37 -34.22 -5.85
CA ILE B 187 18.56 -33.58 -6.39
C ILE B 187 19.39 -34.58 -7.19
N ASN B 188 19.55 -35.80 -6.66
CA ASN B 188 20.32 -36.81 -7.37
C ASN B 188 19.69 -37.15 -8.71
N GLU B 189 18.35 -37.28 -8.75
CA GLU B 189 17.70 -37.59 -10.02
C GLU B 189 17.76 -36.41 -10.98
N GLY B 190 17.66 -35.19 -10.47
CA GLY B 190 17.73 -34.03 -11.34
C GLY B 190 19.10 -33.83 -11.96
N LYS B 191 20.15 -34.27 -11.26
CA LYS B 191 21.49 -34.18 -11.84
C LYS B 191 21.64 -35.02 -13.10
N GLU B 192 20.89 -36.12 -13.20
CA GLU B 192 21.06 -37.08 -14.28
C GLU B 192 20.62 -36.49 -15.61
N GLY B 193 21.52 -36.51 -16.59
CA GLY B 193 21.18 -36.13 -17.94
C GLY B 193 21.27 -34.66 -18.27
N ILE B 194 21.92 -33.86 -17.43
CA ILE B 194 22.11 -32.44 -17.69
C ILE B 194 23.61 -32.14 -17.70
N SER B 195 23.95 -30.94 -18.20
CA SER B 195 25.34 -30.55 -18.36
C SER B 195 26.02 -30.44 -17.00
N PRO B 196 27.36 -30.53 -16.98
CA PRO B 196 28.08 -30.41 -15.69
C PRO B 196 27.80 -29.12 -14.94
N ALA B 197 27.53 -28.02 -15.66
CA ALA B 197 27.24 -26.75 -14.99
C ALA B 197 25.96 -26.85 -14.17
N GLY B 198 24.90 -27.41 -14.76
CA GLY B 198 23.68 -27.62 -14.01
C GLY B 198 23.85 -28.57 -12.84
N GLN B 199 24.73 -29.57 -12.99
CA GLN B 199 25.01 -30.48 -11.87
C GLN B 199 25.69 -29.76 -10.72
N LYS B 200 26.65 -28.88 -11.03
CA LYS B 200 27.29 -28.07 -9.99
C LYS B 200 26.28 -27.16 -9.31
N ILE B 201 25.40 -26.52 -10.09
CA ILE B 201 24.37 -25.67 -9.52
C ILE B 201 23.47 -26.48 -8.59
N LEU B 202 23.11 -27.70 -8.99
CA LEU B 202 22.26 -28.54 -8.16
C LEU B 202 22.96 -28.94 -6.86
N SER B 203 24.27 -29.21 -6.92
CA SER B 203 25.02 -29.51 -5.70
C SER B 203 24.98 -28.31 -4.75
N ASN B 204 25.22 -27.12 -5.29
CA ASN B 204 25.15 -25.91 -4.46
C ASN B 204 23.75 -25.73 -3.87
N ILE B 205 22.72 -26.00 -4.67
CA ILE B 205 21.34 -25.88 -4.19
C ILE B 205 21.09 -26.85 -3.03
N TRP B 206 21.62 -28.07 -3.13
CA TRP B 206 21.44 -29.03 -2.05
C TRP B 206 22.13 -28.56 -0.77
N ILE B 207 23.36 -28.06 -0.89
CA ILE B 207 24.06 -27.56 0.30
C ILE B 207 23.29 -26.42 0.94
N LEU B 208 22.82 -25.48 0.11
CA LEU B 208 22.06 -24.34 0.60
C LEU B 208 20.79 -24.79 1.30
N PHE B 209 20.03 -25.69 0.66
CA PHE B 209 18.83 -26.25 1.26
C PHE B 209 19.13 -26.83 2.63
N LEU B 210 20.14 -27.70 2.71
CA LEU B 210 20.47 -28.37 3.97
C LEU B 210 20.73 -27.36 5.08
N ILE B 211 21.70 -26.45 4.86
CA ILE B 211 22.10 -25.53 5.92
C ILE B 211 20.94 -24.61 6.30
N SER B 212 20.32 -23.97 5.30
CA SER B 212 19.30 -22.96 5.58
C SER B 212 18.09 -23.58 6.26
N TRP B 213 17.71 -24.80 5.88
CA TRP B 213 16.56 -25.42 6.52
C TRP B 213 16.90 -25.92 7.91
N THR B 214 18.12 -26.41 8.13
CA THR B 214 18.52 -26.82 9.48
C THR B 214 18.57 -25.62 10.42
N LEU B 215 18.78 -24.42 9.89
CA LEU B 215 18.81 -23.23 10.76
C LEU B 215 17.50 -23.03 11.53
N TYR B 216 16.37 -23.54 11.02
CA TYR B 216 15.09 -23.28 11.68
C TYR B 216 14.95 -24.03 13.00
N PRO B 217 15.20 -25.34 13.08
CA PRO B 217 15.22 -25.97 14.42
C PRO B 217 16.24 -25.35 15.35
N GLY B 218 17.32 -24.77 14.80
CA GLY B 218 18.26 -24.03 15.62
C GLY B 218 17.60 -22.84 16.30
N ALA B 219 16.84 -22.06 15.55
CA ALA B 219 16.09 -20.95 16.14
C ALA B 219 15.02 -21.46 17.10
N TYR B 220 14.45 -22.64 16.82
CA TYR B 220 13.50 -23.26 17.74
C TYR B 220 14.15 -23.51 19.10
N LEU B 221 15.37 -24.06 19.10
CA LEU B 221 16.06 -24.43 20.33
C LEU B 221 16.88 -23.30 20.94
N MET B 222 17.05 -22.18 20.24
CA MET B 222 17.98 -21.11 20.61
C MET B 222 18.05 -20.78 22.11
N PRO B 223 16.96 -20.52 22.83
CA PRO B 223 17.11 -20.08 24.23
C PRO B 223 17.73 -21.13 25.13
N TYR B 224 17.78 -22.40 24.71
CA TYR B 224 18.28 -23.48 25.54
C TYR B 224 19.56 -24.11 25.02
N LEU B 225 20.14 -23.57 23.95
CA LEU B 225 21.36 -24.14 23.38
C LEU B 225 22.57 -23.98 24.29
N THR B 226 22.46 -23.20 25.36
CA THR B 226 23.50 -23.08 26.37
C THR B 226 23.06 -23.62 27.72
N GLY B 227 22.03 -24.45 27.75
CA GLY B 227 21.55 -25.05 28.97
C GLY B 227 20.57 -24.17 29.72
N VAL B 228 19.98 -24.74 30.77
CA VAL B 228 19.03 -24.00 31.59
C VAL B 228 19.77 -22.85 32.29
N ASP B 229 19.13 -21.68 32.29
CA ASP B 229 19.73 -20.45 32.83
C ASP B 229 21.09 -20.17 32.19
N GLY B 230 21.23 -20.51 30.91
CA GLY B 230 22.47 -20.31 30.20
C GLY B 230 22.59 -18.91 29.61
N PHE B 231 23.68 -18.72 28.85
CA PHE B 231 23.96 -17.41 28.29
C PHE B 231 22.90 -17.01 27.27
N LEU B 232 22.39 -17.97 26.49
CA LEU B 232 21.41 -17.65 25.45
C LEU B 232 20.01 -17.44 26.01
N TYR B 233 19.78 -17.69 27.30
CA TYR B 233 18.50 -17.36 27.91
C TYR B 233 18.51 -15.91 28.39
N SER B 234 18.69 -15.01 27.42
CA SER B 234 18.86 -13.58 27.70
C SER B 234 18.46 -12.81 26.45
N GLU B 235 18.65 -11.48 26.51
CA GLU B 235 18.40 -10.66 25.32
C GLU B 235 19.34 -11.03 24.18
N ASP B 236 20.55 -11.49 24.51
CA ASP B 236 21.45 -12.01 23.48
C ASP B 236 20.81 -13.17 22.74
N GLY B 237 20.09 -14.03 23.47
CA GLY B 237 19.41 -15.13 22.82
C GLY B 237 18.28 -14.66 21.92
N VAL B 238 17.57 -13.60 22.32
CA VAL B 238 16.52 -13.04 21.46
C VAL B 238 17.11 -12.52 20.16
N MET B 239 18.20 -11.77 20.28
CA MET B 239 18.87 -11.26 19.06
C MET B 239 19.31 -12.44 18.20
N ALA B 240 19.96 -13.43 18.82
CA ALA B 240 20.46 -14.56 18.05
C ALA B 240 19.32 -15.29 17.34
N ARG B 241 18.19 -15.47 18.02
CA ARG B 241 17.06 -16.17 17.40
C ARG B 241 16.54 -15.41 16.20
N GLN B 242 16.30 -14.10 16.36
CA GLN B 242 15.75 -13.35 15.24
C GLN B 242 16.75 -13.22 14.09
N LEU B 243 18.05 -13.12 14.41
CA LEU B 243 19.07 -13.07 13.37
C LEU B 243 19.14 -14.38 12.60
N VAL B 244 19.06 -15.51 13.30
CA VAL B 244 19.04 -16.81 12.64
C VAL B 244 17.80 -16.94 11.77
N TYR B 245 16.65 -16.50 12.28
CA TYR B 245 15.43 -16.51 11.47
C TYR B 245 15.61 -15.71 10.19
N THR B 246 16.21 -14.52 10.28
CA THR B 246 16.37 -13.69 9.09
C THR B 246 17.33 -14.30 8.08
N ILE B 247 18.48 -14.81 8.57
CA ILE B 247 19.44 -15.45 7.68
C ILE B 247 18.81 -16.65 6.99
N ALA B 248 18.08 -17.48 7.75
CA ALA B 248 17.45 -18.65 7.17
C ALA B 248 16.38 -18.26 6.16
N ASP B 249 15.59 -17.23 6.46
CA ASP B 249 14.58 -16.76 5.52
C ASP B 249 15.22 -16.34 4.20
N VAL B 250 16.21 -15.44 4.27
CA VAL B 250 16.86 -14.97 3.05
C VAL B 250 17.44 -16.15 2.26
N SER B 251 18.23 -16.98 2.93
CA SER B 251 18.91 -18.08 2.24
C SER B 251 17.92 -19.04 1.60
N SER B 252 16.94 -19.51 2.39
CA SER B 252 16.04 -20.56 1.91
C SER B 252 15.00 -20.05 0.92
N LYS B 253 14.74 -18.74 0.88
CA LYS B 253 13.77 -18.24 -0.08
C LYS B 253 14.44 -17.55 -1.26
N VAL B 254 15.10 -16.42 -1.01
CA VAL B 254 15.56 -15.57 -2.12
C VAL B 254 16.72 -16.23 -2.85
N ILE B 255 17.76 -16.64 -2.12
CA ILE B 255 18.94 -17.23 -2.74
C ILE B 255 18.58 -18.57 -3.38
N TYR B 256 17.68 -19.32 -2.73
CA TYR B 256 17.20 -20.58 -3.31
C TYR B 256 16.51 -20.33 -4.65
N GLY B 257 15.62 -19.33 -4.71
CA GLY B 257 14.98 -19.01 -5.97
C GLY B 257 15.96 -18.54 -7.03
N VAL B 258 16.97 -17.76 -6.62
CA VAL B 258 17.96 -17.27 -7.56
C VAL B 258 18.76 -18.42 -8.17
N LEU B 259 19.20 -19.36 -7.32
CA LEU B 259 19.92 -20.53 -7.83
C LEU B 259 19.04 -21.39 -8.72
N LEU B 260 17.77 -21.56 -8.36
CA LEU B 260 16.85 -22.28 -9.21
C LEU B 260 16.71 -21.62 -10.57
N GLY B 261 16.64 -20.28 -10.58
CA GLY B 261 16.54 -19.57 -11.85
C GLY B 261 17.79 -19.69 -12.69
N ASN B 262 18.96 -19.70 -12.04
CA ASN B 262 20.21 -19.92 -12.77
C ASN B 262 20.23 -21.30 -13.40
N LEU B 263 19.80 -22.32 -12.66
CA LEU B 263 19.67 -23.66 -13.22
C LEU B 263 18.73 -23.66 -14.43
N ALA B 264 17.58 -23.01 -14.28
CA ALA B 264 16.61 -22.95 -15.38
C ALA B 264 17.22 -22.27 -16.61
N ILE B 265 18.06 -21.25 -16.39
CA ILE B 265 18.72 -20.58 -17.51
C ILE B 265 19.69 -21.53 -18.19
N THR B 266 20.51 -22.22 -17.41
CA THR B 266 21.47 -23.15 -18.02
C THR B 266 20.77 -24.27 -18.77
N LEU B 267 19.57 -24.65 -18.34
CA LEU B 267 18.80 -25.65 -19.07
C LEU B 267 18.05 -25.05 -20.26
N SER B 268 17.96 -23.74 -20.36
CA SER B 268 17.18 -23.10 -21.41
C SER B 268 17.94 -23.12 -22.74
N LYS B 269 17.20 -23.29 -23.83
CA LYS B 269 17.79 -23.31 -25.16
C LYS B 269 18.27 -21.93 -25.57
N GLN C 1 17.07 9.93 33.67
CA GLN C 1 17.23 10.14 32.24
C GLN C 1 18.49 9.46 31.72
N GLU C 2 18.54 8.13 31.84
CA GLU C 2 19.64 7.33 31.33
C GLU C 2 19.23 6.75 29.99
N LEU C 3 20.05 6.99 28.96
CA LEU C 3 19.74 6.55 27.60
C LEU C 3 20.61 5.41 27.12
N GLY C 4 21.80 5.22 27.70
CA GLY C 4 22.63 4.09 27.33
C GLY C 4 23.31 4.25 25.99
N ASN C 5 23.38 3.17 25.22
CA ASN C 5 24.05 3.17 23.91
C ASN C 5 23.07 3.68 22.84
N ALA C 6 22.81 4.98 22.90
CA ALA C 6 21.84 5.62 22.02
C ALA C 6 22.51 6.70 21.18
N ASN C 7 21.90 6.99 20.05
CA ASN C 7 22.40 8.02 19.14
C ASN C 7 22.26 9.40 19.76
N PHE C 8 23.07 10.34 19.26
CA PHE C 8 23.14 11.67 19.85
C PHE C 8 21.89 12.50 19.59
N GLU C 9 21.10 12.16 18.57
CA GLU C 9 19.82 12.83 18.38
C GLU C 9 18.94 12.72 19.61
N ASN C 10 18.92 11.54 20.23
CA ASN C 10 18.12 11.35 21.43
C ASN C 10 18.61 12.22 22.57
N PHE C 11 19.92 12.40 22.69
CA PHE C 11 20.46 13.24 23.75
C PHE C 11 20.11 14.70 23.52
N ILE C 12 20.27 15.18 22.29
CA ILE C 12 19.88 16.55 21.96
C ILE C 12 18.40 16.76 22.26
N GLY C 13 17.55 15.83 21.83
CA GLY C 13 16.12 15.96 22.06
C GLY C 13 15.70 15.81 23.50
N ALA C 14 16.48 15.11 24.31
CA ALA C 14 16.15 14.94 25.72
C ALA C 14 16.64 16.09 26.57
N THR C 15 17.71 16.77 26.16
CA THR C 15 18.25 17.89 26.93
C THR C 15 17.75 19.24 26.42
N GLU C 16 18.09 19.60 25.19
CA GLU C 16 17.68 20.89 24.65
C GLU C 16 16.34 20.85 23.94
N GLY C 17 16.02 19.74 23.28
CA GLY C 17 14.87 19.69 22.41
C GLY C 17 15.14 20.34 21.07
N PHE C 18 14.23 20.12 20.14
CA PHE C 18 14.33 20.64 18.79
C PHE C 18 13.36 21.80 18.59
N SER C 19 13.82 22.82 17.87
CA SER C 19 12.93 23.90 17.49
C SER C 19 12.01 23.46 16.36
N GLU C 20 11.04 24.31 16.01
CA GLU C 20 10.13 23.99 14.92
C GLU C 20 10.89 23.80 13.62
N ILE C 21 11.85 24.69 13.32
CA ILE C 21 12.59 24.60 12.07
C ILE C 21 13.35 23.29 11.99
N ALA C 22 14.07 22.92 13.07
CA ALA C 22 14.89 21.71 13.04
C ALA C 22 14.05 20.46 12.86
N TYR C 23 13.03 20.28 13.71
CA TYR C 23 12.18 19.10 13.64
C TYR C 23 11.47 19.01 12.29
N GLN C 24 10.85 20.12 11.86
CA GLN C 24 10.12 20.13 10.60
C GLN C 24 11.06 19.85 9.42
N PHE C 25 12.26 20.42 9.44
CA PHE C 25 13.19 20.18 8.34
C PHE C 25 13.62 18.72 8.28
N THR C 26 13.91 18.11 9.43
CA THR C 26 14.29 16.70 9.40
C THR C 26 13.14 15.85 8.85
N SER C 27 11.91 16.13 9.26
CA SER C 27 10.77 15.38 8.74
C SER C 27 10.63 15.58 7.24
N HIS C 28 10.74 16.83 6.77
CA HIS C 28 10.60 17.11 5.35
C HIS C 28 11.68 16.42 4.53
N ILE C 29 12.92 16.41 5.03
CA ILE C 29 14.01 15.84 4.26
C ILE C 29 13.87 14.33 4.17
N LEU C 30 13.42 13.68 5.25
CA LEU C 30 13.19 12.23 5.17
C LEU C 30 12.04 11.90 4.24
N THR C 31 10.97 12.71 4.28
CA THR C 31 9.84 12.51 3.38
C THR C 31 10.28 12.65 1.93
N LEU C 32 11.04 13.69 1.62
CA LEU C 32 11.58 13.87 0.28
C LEU C 32 12.43 12.68 -0.14
N GLY C 33 13.24 12.16 0.79
CA GLY C 33 14.02 10.98 0.48
C GLY C 33 13.18 9.81 -0.01
N TYR C 34 12.17 9.43 0.78
CA TYR C 34 11.40 8.25 0.37
C TYR C 34 10.56 8.52 -0.87
N ALA C 35 10.09 9.75 -1.05
CA ALA C 35 9.39 10.11 -2.29
C ALA C 35 10.31 9.94 -3.49
N VAL C 36 11.55 10.45 -3.40
CA VAL C 36 12.53 10.28 -4.46
C VAL C 36 12.74 8.81 -4.77
N MET C 37 12.81 7.97 -3.73
CA MET C 37 13.06 6.55 -3.97
C MET C 37 11.90 5.90 -4.71
N LEU C 38 10.66 6.21 -4.35
CA LEU C 38 9.54 5.60 -5.06
C LEU C 38 9.46 6.09 -6.51
N ALA C 39 9.70 7.39 -6.72
CA ALA C 39 9.70 7.91 -8.09
C ALA C 39 10.81 7.27 -8.91
N GLY C 40 11.97 7.04 -8.31
CA GLY C 40 13.05 6.37 -9.01
C GLY C 40 12.71 4.93 -9.36
N LEU C 41 12.03 4.23 -8.44
CA LEU C 41 11.55 2.89 -8.75
C LEU C 41 10.68 2.90 -10.01
N LEU C 42 9.69 3.80 -10.04
CA LEU C 42 8.84 3.92 -11.22
C LEU C 42 9.67 4.20 -12.48
N TYR C 43 10.61 5.14 -12.38
CA TYR C 43 11.42 5.49 -13.54
C TYR C 43 12.21 4.30 -14.05
N PHE C 44 12.92 3.60 -13.15
CA PHE C 44 13.76 2.50 -13.58
C PHE C 44 12.93 1.35 -14.15
N ILE C 45 11.72 1.13 -13.64
CA ILE C 45 10.86 0.11 -14.24
C ILE C 45 10.45 0.55 -15.65
N LEU C 46 10.04 1.81 -15.81
CA LEU C 46 9.47 2.25 -17.08
C LEU C 46 10.51 2.37 -18.20
N THR C 47 11.79 2.49 -17.86
CA THR C 47 12.83 2.66 -18.87
C THR C 47 13.63 1.39 -19.13
N ILE C 48 13.07 0.23 -18.82
CA ILE C 48 13.79 -1.03 -18.99
C ILE C 48 14.03 -1.31 -20.47
N LYS C 49 13.00 -1.16 -21.30
CA LYS C 49 13.08 -1.48 -22.72
C LYS C 49 13.83 -0.43 -23.53
N ASN C 50 14.52 0.49 -22.88
CA ASN C 50 15.32 1.50 -23.57
C ASN C 50 16.75 1.05 -23.85
N VAL C 51 17.17 -0.10 -23.32
CA VAL C 51 18.53 -0.59 -23.50
C VAL C 51 18.47 -2.02 -24.03
N ASP C 52 19.60 -2.46 -24.57
CA ASP C 52 19.74 -3.84 -25.03
C ASP C 52 19.51 -4.82 -23.87
N LYS C 53 19.14 -6.05 -24.22
CA LYS C 53 18.79 -7.05 -23.22
C LYS C 53 19.92 -7.24 -22.21
N LYS C 54 21.17 -7.32 -22.69
CA LYS C 54 22.29 -7.62 -21.83
C LYS C 54 22.48 -6.59 -20.74
N PHE C 55 21.99 -5.36 -20.93
CA PHE C 55 22.12 -4.31 -19.95
C PHE C 55 20.94 -4.22 -18.99
N GLN C 56 19.81 -4.88 -19.32
CA GLN C 56 18.59 -4.66 -18.56
C GLN C 56 18.72 -5.06 -17.11
N MET C 57 19.60 -6.03 -16.81
CA MET C 57 19.84 -6.41 -15.43
C MET C 57 20.14 -5.19 -14.56
N SER C 58 20.95 -4.28 -15.08
CA SER C 58 21.24 -3.04 -14.36
C SER C 58 19.96 -2.37 -13.90
N ASN C 59 19.05 -2.11 -14.85
CA ASN C 59 17.76 -1.53 -14.50
C ASN C 59 17.11 -2.29 -13.35
N ILE C 60 17.01 -3.61 -13.50
CA ILE C 60 16.37 -4.43 -12.47
C ILE C 60 17.03 -4.19 -11.13
N LEU C 61 18.36 -4.26 -11.09
CA LEU C 61 19.05 -4.06 -9.82
C LEU C 61 18.76 -2.68 -9.25
N SER C 62 18.79 -1.66 -10.11
CA SER C 62 18.39 -0.32 -9.67
C SER C 62 17.03 -0.38 -9.00
N ALA C 63 16.04 -0.94 -9.70
CA ALA C 63 14.71 -1.04 -9.13
C ALA C 63 14.75 -1.75 -7.79
N VAL C 64 15.50 -2.85 -7.71
CA VAL C 64 15.63 -3.58 -6.45
C VAL C 64 16.04 -2.62 -5.34
N VAL C 65 17.15 -1.90 -5.57
CA VAL C 65 17.66 -0.97 -4.57
C VAL C 65 16.55 0.00 -4.17
N MET C 66 15.86 0.56 -5.16
CA MET C 66 14.81 1.53 -4.88
C MET C 66 13.84 0.99 -3.84
N VAL C 67 13.35 -0.23 -4.06
CA VAL C 67 12.40 -0.82 -3.12
C VAL C 67 12.94 -0.71 -1.71
N SER C 68 14.11 -1.32 -1.48
CA SER C 68 14.75 -1.27 -0.18
C SER C 68 14.75 0.16 0.34
N ALA C 69 15.36 1.07 -0.42
CA ALA C 69 15.50 2.45 0.03
C ALA C 69 14.16 3.00 0.48
N PHE C 70 13.15 2.90 -0.40
CA PHE C 70 11.86 3.47 -0.09
C PHE C 70 11.41 3.01 1.28
N LEU C 71 11.24 1.71 1.45
CA LEU C 71 10.73 1.16 2.73
C LEU C 71 11.46 1.76 3.95
N LEU C 72 12.79 1.78 3.95
CA LEU C 72 13.54 2.25 5.13
C LEU C 72 13.28 3.74 5.36
N LEU C 73 13.37 4.54 4.31
CA LEU C 73 13.23 6.00 4.50
C LEU C 73 11.79 6.31 4.89
N TYR C 74 10.85 5.45 4.51
CA TYR C 74 9.45 5.64 4.95
C TYR C 74 9.38 5.29 6.41
N ALA C 75 9.91 4.13 6.78
CA ALA C 75 9.96 3.75 8.18
C ALA C 75 10.70 4.80 9.01
N GLN C 76 11.90 5.16 8.59
CA GLN C 76 12.69 6.11 9.37
C GLN C 76 11.96 7.42 9.51
N ALA C 77 11.30 7.88 8.44
CA ALA C 77 10.51 9.10 8.54
C ALA C 77 9.51 8.98 9.68
N GLN C 78 8.71 7.90 9.66
CA GLN C 78 7.74 7.68 10.73
C GLN C 78 8.43 7.74 12.08
N ASN C 79 9.56 7.05 12.20
CA ASN C 79 10.24 6.98 13.49
C ASN C 79 10.56 8.37 14.01
N TRP C 80 11.07 9.24 13.14
CA TRP C 80 11.39 10.59 13.58
C TRP C 80 10.16 11.24 14.20
N THR C 81 9.05 11.24 13.46
CA THR C 81 7.87 11.94 13.95
C THR C 81 7.30 11.30 15.20
N SER C 82 7.59 10.02 15.43
CA SER C 82 7.07 9.36 16.62
C SER C 82 8.01 9.47 17.82
N SER C 83 9.25 9.90 17.61
CA SER C 83 10.22 9.91 18.71
C SER C 83 10.31 11.25 19.43
N PHE C 84 9.75 12.31 18.86
CA PHE C 84 9.88 13.64 19.45
C PHE C 84 8.53 14.34 19.39
N THR C 85 8.11 14.88 20.54
CA THR C 85 6.77 15.42 20.72
C THR C 85 6.86 16.85 21.22
N PHE C 86 5.93 17.69 20.75
CA PHE C 86 5.92 19.11 21.07
C PHE C 86 5.59 19.35 22.54
N ASN C 87 6.39 20.20 23.18
CA ASN C 87 6.13 20.73 24.52
C ASN C 87 5.70 22.18 24.34
N GLU C 88 4.45 22.46 24.73
CA GLU C 88 3.84 23.76 24.49
C GLU C 88 4.41 24.83 25.42
N GLU C 89 4.81 24.46 26.63
CA GLU C 89 5.26 25.44 27.61
C GLU C 89 6.45 26.23 27.07
N VAL C 90 7.37 25.54 26.38
CA VAL C 90 8.53 26.18 25.79
C VAL C 90 8.48 26.19 24.28
N GLY C 91 7.58 25.41 23.67
CA GLY C 91 7.47 25.40 22.22
C GLY C 91 8.56 24.61 21.53
N ARG C 92 8.93 23.45 22.07
CA ARG C 92 10.01 22.68 21.45
C ARG C 92 9.71 21.19 21.51
N TYR C 93 10.24 20.46 20.55
CA TYR C 93 10.03 19.01 20.48
C TYR C 93 11.10 18.31 21.32
N PHE C 94 10.64 17.50 22.27
CA PHE C 94 11.53 16.74 23.14
C PHE C 94 11.36 15.24 22.92
N LEU C 95 12.33 14.48 23.41
CA LEU C 95 12.29 13.03 23.32
C LEU C 95 11.02 12.48 23.93
N ASP C 96 10.39 11.56 23.22
CA ASP C 96 9.16 10.90 23.67
C ASP C 96 9.43 9.41 23.71
N PRO C 97 9.72 8.83 24.88
CA PRO C 97 10.17 7.43 24.92
C PRO C 97 9.10 6.43 24.50
N SER C 98 7.82 6.78 24.61
CA SER C 98 6.76 5.88 24.15
C SER C 98 6.82 5.64 22.65
N GLY C 99 7.51 6.50 21.91
CA GLY C 99 7.73 6.32 20.49
C GLY C 99 9.04 5.65 20.13
N ASP C 100 9.75 5.11 21.13
CA ASP C 100 11.07 4.50 20.98
C ASP C 100 12.15 5.54 20.74
N LEU C 101 13.40 5.20 21.09
CA LEU C 101 14.52 6.07 20.79
C LEU C 101 14.81 6.06 19.30
N PHE C 102 15.38 7.17 18.81
CA PHE C 102 15.73 7.27 17.40
C PHE C 102 17.10 6.63 17.16
N ASN C 103 17.18 5.83 16.09
CA ASN C 103 18.41 5.13 15.77
C ASN C 103 18.59 5.10 14.25
N ASN C 104 19.80 5.40 13.79
CA ASN C 104 20.07 5.48 12.34
C ASN C 104 20.62 4.15 11.80
N GLY C 105 20.60 3.09 12.60
CA GLY C 105 21.19 1.80 12.20
C GLY C 105 20.25 1.04 11.30
N TYR C 106 19.05 1.54 11.11
CA TYR C 106 18.09 0.90 10.19
C TYR C 106 18.70 1.00 8.84
N ARG C 107 19.30 2.16 8.56
CA ARG C 107 19.94 2.38 7.26
C ARG C 107 21.08 1.39 7.10
N TYR C 108 21.93 1.29 8.11
CA TYR C 108 23.11 0.41 8.03
C TYR C 108 22.70 -0.97 7.54
N LEU C 109 21.87 -1.67 8.31
CA LEU C 109 21.51 -3.03 7.90
C LEU C 109 20.88 -3.06 6.52
N ASN C 110 20.11 -2.03 6.18
CA ASN C 110 19.50 -1.99 4.85
C ASN C 110 20.54 -1.74 3.77
N TRP C 111 21.69 -1.15 4.12
CA TRP C 111 22.79 -1.08 3.18
C TRP C 111 23.27 -2.46 2.76
N LEU C 112 23.02 -3.47 3.60
CA LEU C 112 23.33 -4.85 3.23
C LEU C 112 22.62 -5.26 1.95
N ILE C 113 21.51 -4.59 1.62
CA ILE C 113 20.92 -4.73 0.29
C ILE C 113 21.62 -3.79 -0.70
N ASP C 114 21.74 -2.52 -0.33
CA ASP C 114 22.10 -1.49 -1.29
C ASP C 114 23.53 -1.63 -1.77
N VAL C 115 24.48 -1.77 -0.85
CA VAL C 115 25.89 -1.72 -1.22
C VAL C 115 26.29 -2.85 -2.18
N PRO C 116 25.95 -4.12 -1.91
CA PRO C 116 26.29 -5.15 -2.92
C PRO C 116 25.63 -4.89 -4.27
N MET C 117 24.31 -4.71 -4.28
CA MET C 117 23.57 -4.57 -5.53
C MET C 117 24.12 -3.42 -6.36
N LEU C 118 24.27 -2.24 -5.75
CA LEU C 118 24.87 -1.12 -6.47
C LEU C 118 26.22 -1.52 -7.05
N LEU C 119 27.10 -2.07 -6.21
CA LEU C 119 28.42 -2.44 -6.69
C LEU C 119 28.34 -3.57 -7.71
N PHE C 120 27.28 -4.37 -7.62
CA PHE C 120 27.13 -5.47 -8.57
C PHE C 120 26.69 -4.93 -9.93
N GLN C 121 25.79 -3.95 -9.95
CA GLN C 121 25.09 -3.65 -11.22
C GLN C 121 26.03 -3.09 -12.27
N ILE C 122 27.09 -2.39 -11.85
CA ILE C 122 28.04 -1.84 -12.82
C ILE C 122 28.72 -2.95 -13.61
N LEU C 123 28.82 -4.15 -13.04
CA LEU C 123 29.42 -5.26 -13.77
C LEU C 123 28.53 -5.80 -14.89
N PHE C 124 27.32 -5.28 -15.05
CA PHE C 124 26.45 -5.67 -16.15
C PHE C 124 26.46 -4.67 -17.31
N VAL C 125 27.26 -3.60 -17.22
CA VAL C 125 27.32 -2.62 -18.30
C VAL C 125 28.73 -2.58 -18.89
N VAL C 126 29.73 -2.34 -18.03
CA VAL C 126 31.11 -2.29 -18.50
C VAL C 126 31.64 -3.71 -18.68
N SER C 127 32.69 -3.82 -19.49
CA SER C 127 33.37 -5.09 -19.73
C SER C 127 34.78 -5.03 -19.14
N LEU C 128 35.07 -5.93 -18.21
CA LEU C 128 36.40 -5.99 -17.61
C LEU C 128 37.40 -6.56 -18.62
N THR C 129 38.67 -6.18 -18.45
CA THR C 129 39.74 -6.64 -19.32
C THR C 129 40.63 -7.65 -18.62
N THR C 130 41.45 -7.21 -17.66
CA THR C 130 42.38 -8.11 -16.96
C THR C 130 41.82 -8.65 -15.65
N SER C 131 40.77 -8.06 -15.11
CA SER C 131 40.19 -8.51 -13.86
C SER C 131 39.17 -9.62 -14.11
N LYS C 132 38.98 -10.48 -13.10
CA LYS C 132 38.02 -11.57 -13.17
C LYS C 132 36.69 -11.14 -12.58
N PHE C 133 35.61 -11.39 -13.32
CA PHE C 133 34.27 -10.99 -12.89
C PHE C 133 33.95 -11.48 -11.47
N SER C 134 34.11 -12.78 -11.24
CA SER C 134 33.74 -13.35 -9.96
C SER C 134 34.64 -12.83 -8.83
N SER C 135 35.92 -12.62 -9.13
CA SER C 135 36.83 -12.07 -8.11
C SER C 135 36.40 -10.67 -7.71
N VAL C 136 36.13 -9.81 -8.70
CA VAL C 136 35.65 -8.46 -8.42
C VAL C 136 34.37 -8.49 -7.61
N ARG C 137 33.43 -9.36 -7.99
CA ARG C 137 32.15 -9.45 -7.30
C ARG C 137 32.34 -9.86 -5.85
N ASN C 138 33.14 -10.91 -5.62
CA ASN C 138 33.36 -11.40 -4.26
C ASN C 138 34.07 -10.36 -3.40
N GLN C 139 35.05 -9.65 -3.97
CA GLN C 139 35.72 -8.59 -3.23
C GLN C 139 34.75 -7.49 -2.85
N PHE C 140 33.97 -6.99 -3.82
CA PHE C 140 32.94 -6.00 -3.55
C PHE C 140 32.06 -6.44 -2.39
N TRP C 141 31.53 -7.67 -2.46
CA TRP C 141 30.53 -8.11 -1.50
C TRP C 141 31.13 -8.27 -0.11
N PHE C 142 32.29 -8.93 -0.01
CA PHE C 142 32.91 -9.13 1.29
C PHE C 142 33.30 -7.81 1.93
N SER C 143 33.98 -6.93 1.18
CA SER C 143 34.41 -5.67 1.76
C SER C 143 33.22 -4.81 2.16
N GLY C 144 32.17 -4.78 1.34
CA GLY C 144 30.98 -4.02 1.71
C GLY C 144 30.32 -4.56 2.97
N ALA C 145 30.18 -5.88 3.06
CA ALA C 145 29.58 -6.47 4.26
C ALA C 145 30.39 -6.12 5.50
N MET C 146 31.71 -6.26 5.44
CA MET C 146 32.53 -5.94 6.61
C MET C 146 32.43 -4.47 6.98
N MET C 147 32.52 -3.58 5.98
CA MET C 147 32.37 -2.15 6.21
C MET C 147 31.07 -1.84 6.92
N ILE C 148 29.95 -2.35 6.38
CA ILE C 148 28.64 -2.05 6.94
C ILE C 148 28.52 -2.58 8.36
N ILE C 149 28.96 -3.82 8.59
CA ILE C 149 28.79 -4.42 9.92
C ILE C 149 29.61 -3.69 10.96
N THR C 150 30.86 -3.36 10.63
CA THR C 150 31.71 -2.67 11.60
C THR C 150 31.17 -1.27 11.90
N GLY C 151 30.74 -0.53 10.87
CA GLY C 151 30.16 0.77 11.12
C GLY C 151 28.87 0.70 11.92
N TYR C 152 28.08 -0.35 11.68
CA TYR C 152 26.84 -0.54 12.41
C TYR C 152 27.10 -0.79 13.89
N ILE C 153 28.11 -1.61 14.19
CA ILE C 153 28.52 -1.79 15.58
C ILE C 153 28.98 -0.46 16.17
N GLY C 154 29.80 0.28 15.41
CA GLY C 154 30.39 1.51 15.96
C GLY C 154 29.38 2.59 16.27
N GLN C 155 28.34 2.73 15.43
CA GLN C 155 27.43 3.86 15.58
C GLN C 155 26.61 3.79 16.86
N PHE C 156 26.46 2.61 17.47
CA PHE C 156 25.74 2.50 18.73
C PHE C 156 26.45 3.20 19.88
N TYR C 157 27.75 3.46 19.75
CA TYR C 157 28.54 4.04 20.83
C TYR C 157 28.99 5.46 20.53
N GLU C 158 28.31 6.16 19.62
CA GLU C 158 28.74 7.50 19.23
C GLU C 158 28.69 8.49 20.38
N VAL C 159 27.94 8.19 21.44
CA VAL C 159 27.91 9.02 22.63
C VAL C 159 28.43 8.26 23.86
N SER C 160 28.02 7.01 24.03
CA SER C 160 28.34 6.28 25.25
C SER C 160 29.79 5.84 25.33
N ASN C 161 30.48 5.70 24.19
CA ASN C 161 31.87 5.23 24.20
C ASN C 161 32.53 5.72 22.91
N LEU C 162 33.18 6.88 22.99
CA LEU C 162 33.81 7.47 21.81
C LEU C 162 34.93 6.60 21.28
N THR C 163 35.62 5.87 22.15
CA THR C 163 36.74 5.04 21.71
C THR C 163 36.28 3.95 20.75
N ALA C 164 35.26 3.18 21.16
CA ALA C 164 34.71 2.17 20.26
C ALA C 164 34.16 2.79 18.98
N PHE C 165 33.49 3.95 19.10
CA PHE C 165 33.01 4.69 17.95
C PHE C 165 34.11 4.87 16.91
N LEU C 166 35.23 5.48 17.32
CA LEU C 166 36.30 5.78 16.38
C LEU C 166 37.02 4.53 15.90
N VAL C 167 37.22 3.54 16.78
CA VAL C 167 37.94 2.34 16.39
C VAL C 167 37.16 1.56 15.33
N TRP C 168 35.86 1.36 15.58
CA TRP C 168 35.03 0.67 14.60
C TRP C 168 34.94 1.48 13.30
N GLY C 169 34.88 2.81 13.42
CA GLY C 169 34.88 3.63 12.22
C GLY C 169 36.12 3.44 11.36
N ALA C 170 37.29 3.36 12.00
CA ALA C 170 38.53 3.14 11.25
C ALA C 170 38.56 1.75 10.63
N ILE C 171 38.14 0.73 11.39
CA ILE C 171 38.06 -0.62 10.86
C ILE C 171 37.18 -0.65 9.61
N SER C 172 36.07 0.09 9.65
CA SER C 172 35.19 0.19 8.48
C SER C 172 35.87 0.93 7.34
N SER C 173 36.59 2.00 7.65
CA SER C 173 37.25 2.81 6.63
C SER C 173 38.27 1.99 5.83
N ALA C 174 38.91 1.01 6.47
CA ALA C 174 39.82 0.13 5.74
C ALA C 174 39.10 -0.56 4.58
N PHE C 175 37.99 -1.23 4.87
CA PHE C 175 37.22 -1.89 3.81
C PHE C 175 36.66 -0.89 2.81
N PHE C 176 36.34 0.33 3.28
CA PHE C 176 35.89 1.36 2.36
C PHE C 176 36.96 1.69 1.32
N PHE C 177 38.21 1.83 1.78
CA PHE C 177 39.31 2.10 0.85
C PHE C 177 39.53 0.93 -0.11
N HIS C 178 39.38 -0.30 0.39
CA HIS C 178 39.47 -1.46 -0.51
C HIS C 178 38.40 -1.39 -1.60
N ILE C 179 37.17 -1.03 -1.22
CA ILE C 179 36.09 -0.89 -2.19
C ILE C 179 36.42 0.18 -3.22
N LEU C 180 36.93 1.33 -2.76
CA LEU C 180 37.30 2.40 -3.67
C LEU C 180 38.37 1.95 -4.67
N TRP C 181 39.37 1.20 -4.19
CA TRP C 181 40.42 0.71 -5.07
C TRP C 181 39.83 -0.21 -6.16
N VAL C 182 39.03 -1.19 -5.75
CA VAL C 182 38.46 -2.12 -6.71
C VAL C 182 37.56 -1.39 -7.71
N MET C 183 36.81 -0.38 -7.24
CA MET C 183 35.94 0.36 -8.13
C MET C 183 36.73 1.18 -9.15
N LYS C 184 37.84 1.79 -8.71
CA LYS C 184 38.71 2.49 -9.64
C LYS C 184 39.23 1.54 -10.72
N LYS C 185 39.66 0.34 -10.31
CA LYS C 185 40.09 -0.66 -11.29
C LYS C 185 38.98 -0.98 -12.28
N VAL C 186 37.77 -1.22 -11.77
CA VAL C 186 36.66 -1.61 -12.63
C VAL C 186 36.35 -0.50 -13.64
N ILE C 187 36.32 0.75 -13.20
CA ILE C 187 36.00 1.85 -14.10
C ILE C 187 37.08 2.02 -15.15
N ASN C 188 38.36 1.94 -14.74
CA ASN C 188 39.44 2.07 -15.70
C ASN C 188 39.38 0.96 -16.75
N GLU C 189 39.07 -0.26 -16.34
CA GLU C 189 38.96 -1.35 -17.32
C GLU C 189 37.74 -1.16 -18.22
N GLY C 190 36.64 -0.64 -17.66
CA GLY C 190 35.45 -0.41 -18.46
C GLY C 190 35.63 0.67 -19.50
N LYS C 191 36.49 1.65 -19.23
CA LYS C 191 36.76 2.69 -20.23
C LYS C 191 37.40 2.11 -21.49
N GLU C 192 38.15 1.02 -21.35
CA GLU C 192 38.90 0.47 -22.48
C GLU C 192 37.96 -0.11 -23.53
N GLY C 193 38.09 0.37 -24.76
CA GLY C 193 37.38 -0.21 -25.89
C GLY C 193 36.00 0.31 -26.15
N ILE C 194 35.61 1.45 -25.55
CA ILE C 194 34.31 2.05 -25.79
C ILE C 194 34.50 3.47 -26.32
N SER C 195 33.41 4.04 -26.83
CA SER C 195 33.44 5.36 -27.45
C SER C 195 33.77 6.43 -26.40
N PRO C 196 34.25 7.60 -26.85
CA PRO C 196 34.57 8.67 -25.89
C PRO C 196 33.38 9.13 -25.06
N ALA C 197 32.16 9.07 -25.60
CA ALA C 197 30.99 9.47 -24.82
C ALA C 197 30.80 8.57 -23.59
N GLY C 198 30.90 7.26 -23.79
CA GLY C 198 30.84 6.34 -22.66
C GLY C 198 31.97 6.57 -21.67
N GLN C 199 33.15 6.96 -22.15
CA GLN C 199 34.25 7.25 -21.25
C GLN C 199 33.97 8.49 -20.40
N LYS C 200 33.38 9.53 -21.00
CA LYS C 200 32.97 10.69 -20.23
C LYS C 200 31.92 10.32 -19.18
N ILE C 201 30.95 9.51 -19.57
CA ILE C 201 29.94 9.05 -18.63
C ILE C 201 30.58 8.28 -17.48
N LEU C 202 31.57 7.44 -17.80
CA LEU C 202 32.24 6.65 -16.76
C LEU C 202 33.03 7.55 -15.81
N SER C 203 33.67 8.59 -16.34
CA SER C 203 34.38 9.54 -15.48
C SER C 203 33.41 10.23 -14.53
N ASN C 204 32.26 10.67 -15.05
CA ASN C 204 31.24 11.26 -14.19
C ASN C 204 30.77 10.27 -13.14
N ILE C 205 30.61 9.01 -13.52
CA ILE C 205 30.20 7.97 -12.58
C ILE C 205 31.22 7.81 -11.47
N TRP C 206 32.51 7.86 -11.82
CA TRP C 206 33.55 7.74 -10.80
C TRP C 206 33.51 8.91 -9.83
N ILE C 207 33.38 10.14 -10.34
CA ILE C 207 33.31 11.31 -9.47
C ILE C 207 32.10 11.22 -8.54
N LEU C 208 30.94 10.88 -9.10
CA LEU C 208 29.73 10.74 -8.31
C LEU C 208 29.87 9.67 -7.24
N PHE C 209 30.35 8.50 -7.63
CA PHE C 209 30.59 7.41 -6.68
C PHE C 209 31.47 7.89 -5.53
N LEU C 210 32.62 8.49 -5.85
CA LEU C 210 33.56 8.93 -4.82
C LEU C 210 32.88 9.88 -3.84
N ILE C 211 32.31 10.98 -4.35
CA ILE C 211 31.75 12.00 -3.47
C ILE C 211 30.59 11.44 -2.65
N SER C 212 29.63 10.81 -3.33
CA SER C 212 28.41 10.37 -2.68
C SER C 212 28.70 9.29 -1.64
N TRP C 213 29.66 8.39 -1.91
CA TRP C 213 29.98 7.37 -0.93
C TRP C 213 30.79 7.92 0.23
N THR C 214 31.67 8.89 -0.04
CA THR C 214 32.41 9.52 1.06
C THR C 214 31.45 10.29 1.98
N LEU C 215 30.31 10.73 1.46
CA LEU C 215 29.36 11.45 2.29
C LEU C 215 28.86 10.62 3.48
N TYR C 216 28.89 9.28 3.37
CA TYR C 216 28.34 8.46 4.45
C TYR C 216 29.20 8.48 5.71
N PRO C 217 30.52 8.26 5.64
CA PRO C 217 31.33 8.48 6.86
C PRO C 217 31.25 9.91 7.37
N GLY C 218 30.98 10.87 6.48
CA GLY C 218 30.75 12.23 6.94
C GLY C 218 29.55 12.33 7.86
N ALA C 219 28.43 11.72 7.46
CA ALA C 219 27.27 11.67 8.35
C ALA C 219 27.54 10.85 9.60
N TYR C 220 28.39 9.82 9.48
CA TYR C 220 28.81 9.04 10.65
C TYR C 220 29.49 9.94 11.68
N LEU C 221 30.41 10.78 11.23
CA LEU C 221 31.19 11.64 12.12
C LEU C 221 30.51 12.97 12.44
N MET C 222 29.41 13.30 11.76
CA MET C 222 28.77 14.62 11.84
C MET C 222 28.72 15.28 13.22
N PRO C 223 28.25 14.62 14.28
CA PRO C 223 28.11 15.36 15.56
C PRO C 223 29.43 15.82 16.15
N TYR C 224 30.56 15.29 15.70
CA TYR C 224 31.86 15.62 16.28
C TYR C 224 32.78 16.36 15.30
N LEU C 225 32.28 16.74 14.12
CA LEU C 225 33.13 17.41 13.14
C LEU C 225 33.57 18.79 13.59
N THR C 226 32.98 19.33 14.66
CA THR C 226 33.45 20.57 15.26
C THR C 226 33.95 20.35 16.68
N GLY C 227 34.27 19.10 17.03
CA GLY C 227 34.81 18.78 18.33
C GLY C 227 33.72 18.56 19.38
N VAL C 228 34.15 18.08 20.54
CA VAL C 228 33.22 17.88 21.65
C VAL C 228 32.69 19.23 22.11
N ASP C 229 31.38 19.28 22.38
CA ASP C 229 30.67 20.52 22.72
C ASP C 229 30.85 21.57 21.63
N GLY C 230 30.96 21.14 20.38
CA GLY C 230 31.11 22.04 19.26
C GLY C 230 29.77 22.52 18.73
N PHE C 231 29.84 23.28 17.63
CA PHE C 231 28.63 23.84 17.04
C PHE C 231 27.71 22.76 16.51
N LEU C 232 28.28 21.71 15.93
CA LEU C 232 27.49 20.63 15.36
C LEU C 232 26.93 19.67 16.41
N TYR C 233 27.33 19.79 17.67
CA TYR C 233 26.72 18.99 18.74
C TYR C 233 25.45 19.67 19.23
N SER C 234 24.50 19.80 18.32
CA SER C 234 23.26 20.53 18.55
C SER C 234 22.23 20.00 17.56
N GLU C 235 21.05 20.63 17.57
CA GLU C 235 20.03 20.29 16.58
C GLU C 235 20.49 20.59 15.17
N ASP C 236 21.37 21.59 15.01
CA ASP C 236 21.98 21.86 13.71
C ASP C 236 22.73 20.64 13.19
N GLY C 237 23.40 19.92 14.09
CA GLY C 237 24.08 18.69 13.67
C GLY C 237 23.10 17.62 13.24
N VAL C 238 21.93 17.55 13.89
CA VAL C 238 20.90 16.60 13.49
C VAL C 238 20.41 16.91 12.08
N MET C 239 20.08 18.18 11.84
CA MET C 239 19.68 18.60 10.51
C MET C 239 20.75 18.25 9.48
N ALA C 240 22.01 18.60 9.77
CA ALA C 240 23.10 18.34 8.84
C ALA C 240 23.24 16.85 8.56
N ARG C 241 23.13 16.01 9.59
CA ARG C 241 23.29 14.57 9.40
C ARG C 241 22.19 14.02 8.50
N GLN C 242 20.94 14.36 8.77
CA GLN C 242 19.88 13.81 7.92
C GLN C 242 19.91 14.40 6.51
N LEU C 243 20.32 15.66 6.37
CA LEU C 243 20.46 16.26 5.05
C LEU C 243 21.55 15.58 4.24
N VAL C 244 22.70 15.30 4.87
CA VAL C 244 23.78 14.59 4.20
C VAL C 244 23.34 13.19 3.82
N TYR C 245 22.61 12.51 4.73
CA TYR C 245 22.07 11.19 4.40
C TYR C 245 21.18 11.25 3.16
N THR C 246 20.31 12.26 3.07
CA THR C 246 19.41 12.33 1.93
C THR C 246 20.16 12.62 0.64
N ILE C 247 21.10 13.57 0.68
CA ILE C 247 21.90 13.88 -0.50
C ILE C 247 22.67 12.66 -0.98
N ALA C 248 23.31 11.95 -0.04
CA ALA C 248 24.08 10.76 -0.39
C ALA C 248 23.19 9.66 -0.94
N ASP C 249 22.02 9.45 -0.33
CA ASP C 249 21.10 8.44 -0.84
C ASP C 249 20.70 8.73 -2.28
N VAL C 250 20.21 9.95 -2.53
CA VAL C 250 19.80 10.32 -3.89
C VAL C 250 20.95 10.14 -4.86
N SER C 251 22.11 10.74 -4.55
CA SER C 251 23.23 10.71 -5.49
C SER C 251 23.69 9.28 -5.76
N SER C 252 23.93 8.49 -4.72
CA SER C 252 24.53 7.18 -4.88
C SER C 252 23.56 6.14 -5.42
N LYS C 253 22.25 6.37 -5.33
CA LYS C 253 21.27 5.41 -5.85
C LYS C 253 20.63 5.90 -7.14
N VAL C 254 19.86 6.98 -7.10
CA VAL C 254 19.02 7.34 -8.25
C VAL C 254 19.89 7.88 -9.38
N ILE C 255 20.72 8.87 -9.09
CA ILE C 255 21.54 9.50 -10.13
C ILE C 255 22.58 8.50 -10.65
N TYR C 256 23.11 7.66 -9.75
CA TYR C 256 24.03 6.61 -10.17
C TYR C 256 23.37 5.65 -11.15
N GLY C 257 22.15 5.20 -10.85
CA GLY C 257 21.44 4.32 -11.77
C GLY C 257 21.11 5.00 -13.09
N VAL C 258 20.77 6.29 -13.03
CA VAL C 258 20.45 7.03 -14.25
C VAL C 258 21.68 7.15 -15.15
N LEU C 259 22.83 7.47 -14.56
CA LEU C 259 24.06 7.54 -15.35
C LEU C 259 24.44 6.18 -15.92
N LEU C 260 24.26 5.11 -15.14
CA LEU C 260 24.50 3.77 -15.66
C LEU C 260 23.60 3.47 -16.84
N GLY C 261 22.32 3.88 -16.76
CA GLY C 261 21.40 3.64 -17.87
C GLY C 261 21.76 4.44 -19.11
N ASN C 262 22.23 5.67 -18.92
CA ASN C 262 22.70 6.46 -20.06
C ASN C 262 23.91 5.78 -20.72
N LEU C 263 24.84 5.29 -19.91
CA LEU C 263 25.96 4.51 -20.44
C LEU C 263 25.46 3.30 -21.22
N ALA C 264 24.51 2.56 -20.65
CA ALA C 264 23.97 1.38 -21.33
C ALA C 264 23.35 1.76 -22.67
N ILE C 265 22.71 2.92 -22.74
CA ILE C 265 22.14 3.38 -24.01
C ILE C 265 23.25 3.66 -25.02
N THR C 266 24.29 4.39 -24.60
CA THR C 266 25.38 4.70 -25.52
C THR C 266 26.11 3.45 -25.99
N LEU C 267 26.17 2.41 -25.16
CA LEU C 267 26.80 1.17 -25.56
C LEU C 267 25.89 0.28 -26.41
N SER C 268 24.60 0.58 -26.48
CA SER C 268 23.66 -0.26 -27.21
C SER C 268 23.76 -0.03 -28.72
N GLN D 1 0.87 30.90 25.07
CA GLN D 1 1.47 29.70 24.51
C GLN D 1 2.50 30.06 23.45
N GLU D 2 3.66 29.40 23.50
CA GLU D 2 4.79 29.72 22.63
C GLU D 2 4.84 28.74 21.48
N LEU D 3 4.79 29.26 20.24
CA LEU D 3 4.79 28.43 19.05
C LEU D 3 6.05 28.56 18.20
N GLY D 4 6.77 29.67 18.30
CA GLY D 4 8.01 29.86 17.58
C GLY D 4 7.83 30.14 16.10
N ASN D 5 8.71 29.58 15.27
CA ASN D 5 8.67 29.81 13.82
C ASN D 5 7.72 28.81 13.16
N ALA D 6 6.43 29.05 13.35
CA ALA D 6 5.39 28.15 12.87
C ALA D 6 4.48 28.88 11.89
N ASN D 7 3.82 28.10 11.04
CA ASN D 7 2.89 28.66 10.05
C ASN D 7 1.67 29.25 10.74
N PHE D 8 0.99 30.15 10.03
CA PHE D 8 -0.12 30.89 10.62
C PHE D 8 -1.35 30.02 10.86
N GLU D 9 -1.45 28.88 10.17
CA GLU D 9 -2.52 27.93 10.47
C GLU D 9 -2.49 27.53 11.94
N ASN D 10 -1.28 27.30 12.48
CA ASN D 10 -1.16 26.91 13.88
C ASN D 10 -1.61 28.03 14.80
N PHE D 11 -1.32 29.28 14.44
CA PHE D 11 -1.72 30.41 15.28
C PHE D 11 -3.24 30.57 15.28
N ILE D 12 -3.86 30.51 14.11
CA ILE D 12 -5.31 30.58 14.02
C ILE D 12 -5.94 29.45 14.83
N GLY D 13 -5.42 28.22 14.67
CA GLY D 13 -5.99 27.09 15.38
C GLY D 13 -5.75 27.11 16.88
N ALA D 14 -4.71 27.79 17.33
CA ALA D 14 -4.41 27.89 18.76
C ALA D 14 -5.17 29.02 19.44
N THR D 15 -5.50 30.08 18.70
CA THR D 15 -6.23 31.22 19.28
C THR D 15 -7.73 31.12 19.04
N GLU D 16 -8.16 31.15 17.78
CA GLU D 16 -9.59 31.12 17.48
C GLU D 16 -10.13 29.71 17.33
N GLY D 17 -9.34 28.78 16.81
CA GLY D 17 -9.84 27.48 16.42
C GLY D 17 -10.56 27.55 15.08
N PHE D 18 -10.83 26.36 14.53
CA PHE D 18 -11.48 26.24 13.24
C PHE D 18 -12.92 25.75 13.42
N SER D 19 -13.83 26.30 12.62
CA SER D 19 -15.19 25.80 12.58
C SER D 19 -15.23 24.47 11.83
N GLU D 20 -16.40 23.82 11.88
CA GLU D 20 -16.56 22.56 11.17
C GLU D 20 -16.34 22.74 9.66
N ILE D 21 -16.90 23.80 9.09
CA ILE D 21 -16.77 24.02 7.64
C ILE D 21 -15.31 24.16 7.25
N ALA D 22 -14.55 24.98 7.97
CA ALA D 22 -13.16 25.23 7.60
C ALA D 22 -12.32 23.96 7.69
N TYR D 23 -12.36 23.29 8.84
CA TYR D 23 -11.57 22.08 9.05
C TYR D 23 -11.95 21.00 8.04
N GLN D 24 -13.25 20.73 7.89
CA GLN D 24 -13.70 19.69 6.98
C GLN D 24 -13.33 20.03 5.54
N PHE D 25 -13.46 21.29 5.15
CA PHE D 25 -13.12 21.67 3.78
C PHE D 25 -11.63 21.49 3.50
N THR D 26 -10.78 21.89 4.46
CA THR D 26 -9.34 21.70 4.26
C THR D 26 -9.00 20.22 4.09
N SER D 27 -9.61 19.38 4.94
CA SER D 27 -9.36 17.94 4.83
C SER D 27 -9.84 17.41 3.49
N HIS D 28 -11.04 17.81 3.07
CA HIS D 28 -11.59 17.34 1.80
C HIS D 28 -10.72 17.75 0.62
N ILE D 29 -10.22 19.00 0.65
CA ILE D 29 -9.45 19.49 -0.49
C ILE D 29 -8.10 18.79 -0.58
N LEU D 30 -7.47 18.51 0.55
CA LEU D 30 -6.21 17.77 0.49
C LEU D 30 -6.45 16.34 0.03
N THR D 31 -7.53 15.72 0.49
CA THR D 31 -7.87 14.37 0.05
C THR D 31 -8.09 14.33 -1.46
N LEU D 32 -8.86 15.30 -1.98
CA LEU D 32 -9.07 15.40 -3.42
C LEU D 32 -7.74 15.58 -4.15
N GLY D 33 -6.84 16.38 -3.59
CA GLY D 33 -5.54 16.55 -4.22
C GLY D 33 -4.81 15.23 -4.43
N TYR D 34 -4.65 14.46 -3.34
CA TYR D 34 -3.85 13.23 -3.50
C TYR D 34 -4.59 12.18 -4.34
N ALA D 35 -5.93 12.15 -4.27
CA ALA D 35 -6.69 11.26 -5.15
C ALA D 35 -6.45 11.61 -6.62
N VAL D 36 -6.53 12.91 -6.95
CA VAL D 36 -6.25 13.35 -8.31
C VAL D 36 -4.86 12.92 -8.74
N MET D 37 -3.88 13.03 -7.83
CA MET D 37 -2.52 12.67 -8.20
C MET D 37 -2.40 11.19 -8.53
N LEU D 38 -3.04 10.28 -7.80
CA LEU D 38 -2.83 8.84 -8.08
C LEU D 38 -3.59 8.41 -9.35
N ALA D 39 -4.70 9.07 -9.65
CA ALA D 39 -5.49 8.74 -10.85
C ALA D 39 -4.74 9.19 -12.10
N GLY D 40 -4.01 10.30 -11.99
CA GLY D 40 -3.21 10.79 -13.12
C GLY D 40 -2.05 9.87 -13.38
N LEU D 41 -1.46 9.32 -12.33
CA LEU D 41 -0.36 8.35 -12.49
C LEU D 41 -0.84 7.24 -13.42
N LEU D 42 -1.96 6.62 -13.06
CA LEU D 42 -2.52 5.53 -13.90
C LEU D 42 -2.73 6.04 -15.31
N TYR D 43 -3.35 7.21 -15.43
CA TYR D 43 -3.61 7.80 -16.77
C TYR D 43 -2.31 7.90 -17.49
N PHE D 44 -1.33 8.53 -16.87
CA PHE D 44 -0.10 8.72 -17.62
C PHE D 44 0.61 7.41 -17.89
N ILE D 45 0.53 6.44 -16.98
CA ILE D 45 1.11 5.13 -17.27
C ILE D 45 0.34 4.45 -18.39
N LEU D 46 -1.00 4.49 -18.34
CA LEU D 46 -1.80 3.70 -19.26
C LEU D 46 -1.77 4.24 -20.69
N THR D 47 -1.42 5.51 -20.90
CA THR D 47 -1.43 6.12 -22.22
C THR D 47 -0.03 6.30 -22.81
N ILE D 48 0.96 5.53 -22.35
CA ILE D 48 2.33 5.72 -22.81
C ILE D 48 2.45 5.39 -24.29
N LYS D 49 1.90 4.25 -24.72
CA LYS D 49 2.03 3.81 -26.10
C LYS D 49 1.13 4.57 -27.07
N ASN D 50 0.56 5.70 -26.67
CA ASN D 50 -0.25 6.52 -27.56
C ASN D 50 0.57 7.54 -28.35
N VAL D 51 1.87 7.67 -28.06
CA VAL D 51 2.73 8.63 -28.73
C VAL D 51 3.95 7.90 -29.26
N ASP D 52 4.65 8.56 -30.18
CA ASP D 52 5.89 8.02 -30.69
C ASP D 52 6.89 7.82 -29.55
N LYS D 53 7.83 6.90 -29.76
CA LYS D 53 8.79 6.55 -28.71
C LYS D 53 9.53 7.78 -28.19
N LYS D 54 9.96 8.66 -29.11
CA LYS D 54 10.78 9.80 -28.72
C LYS D 54 10.06 10.74 -27.76
N PHE D 55 8.73 10.73 -27.74
CA PHE D 55 7.97 11.58 -26.84
C PHE D 55 7.63 10.90 -25.52
N GLN D 56 7.78 9.56 -25.45
CA GLN D 56 7.27 8.81 -24.30
C GLN D 56 7.96 9.23 -23.01
N MET D 57 9.20 9.73 -23.09
CA MET D 57 9.88 10.22 -21.90
C MET D 57 9.01 11.21 -21.14
N SER D 58 8.35 12.12 -21.88
CA SER D 58 7.44 13.07 -21.24
C SER D 58 6.46 12.34 -20.34
N ASN D 59 5.75 11.35 -20.90
CA ASN D 59 4.82 10.55 -20.12
C ASN D 59 5.49 10.05 -18.84
N ILE D 60 6.65 9.41 -19.00
CA ILE D 60 7.34 8.85 -17.84
C ILE D 60 7.56 9.92 -16.79
N LEU D 61 8.08 11.07 -17.20
CA LEU D 61 8.35 12.13 -16.25
C LEU D 61 7.07 12.57 -15.55
N SER D 62 5.98 12.70 -16.33
CA SER D 62 4.68 13.00 -15.74
C SER D 62 4.38 12.01 -14.62
N ALA D 63 4.46 10.71 -14.93
CA ALA D 63 4.21 9.69 -13.93
C ALA D 63 5.08 9.92 -12.71
N VAL D 64 6.37 10.19 -12.92
CA VAL D 64 7.27 10.45 -11.81
C VAL D 64 6.69 11.54 -10.92
N VAL D 65 6.37 12.69 -11.52
CA VAL D 65 5.81 13.80 -10.75
C VAL D 65 4.61 13.31 -9.95
N MET D 66 3.69 12.60 -10.62
CA MET D 66 2.48 12.12 -9.97
C MET D 66 2.84 11.41 -8.68
N VAL D 67 3.76 10.45 -8.75
CA VAL D 67 4.15 9.69 -7.56
C VAL D 67 4.47 10.66 -6.44
N SER D 68 5.47 11.52 -6.67
CA SER D 68 5.86 12.52 -5.68
C SER D 68 4.62 13.21 -5.14
N ALA D 69 3.87 13.84 -6.03
CA ALA D 69 2.72 14.64 -5.60
C ALA D 69 1.83 13.82 -4.69
N PHE D 70 1.43 12.62 -5.15
CA PHE D 70 0.52 11.80 -4.36
C PHE D 70 1.06 11.65 -2.96
N LEU D 71 2.28 11.12 -2.84
CA LEU D 71 2.84 10.85 -1.53
C LEU D 71 2.75 12.08 -0.66
N LEU D 72 3.23 13.22 -1.17
CA LEU D 72 3.27 14.42 -0.34
C LEU D 72 1.86 14.77 0.12
N LEU D 73 0.93 14.86 -0.82
CA LEU D 73 -0.41 15.30 -0.43
C LEU D 73 -1.01 14.31 0.56
N TYR D 74 -0.75 13.01 0.35
CA TYR D 74 -1.27 12.04 1.31
C TYR D 74 -0.73 12.35 2.69
N ALA D 75 0.60 12.44 2.81
CA ALA D 75 1.19 12.80 4.08
C ALA D 75 0.56 14.09 4.60
N GLN D 76 0.50 15.12 3.74
CA GLN D 76 0.02 16.40 4.20
C GLN D 76 -1.41 16.30 4.72
N ALA D 77 -2.25 15.54 4.01
CA ALA D 77 -3.61 15.33 4.47
C ALA D 77 -3.61 14.81 5.90
N GLN D 78 -2.89 13.71 6.12
CA GLN D 78 -2.82 13.13 7.45
C GLN D 78 -2.38 14.19 8.47
N ASN D 79 -1.33 14.95 8.12
CA ASN D 79 -0.80 15.91 9.08
C ASN D 79 -1.88 16.88 9.52
N TRP D 80 -2.69 17.38 8.57
CA TRP D 80 -3.75 18.29 8.95
C TRP D 80 -4.64 17.67 10.01
N THR D 81 -5.14 16.46 9.74
CA THR D 81 -6.10 15.85 10.66
C THR D 81 -5.45 15.52 11.99
N SER D 82 -4.12 15.40 12.05
CA SER D 82 -3.48 15.09 13.31
C SER D 82 -3.12 16.32 14.12
N SER D 83 -3.17 17.50 13.51
CA SER D 83 -2.73 18.71 14.20
C SER D 83 -3.88 19.47 14.86
N PHE D 84 -5.12 19.13 14.55
CA PHE D 84 -6.27 19.87 15.07
C PHE D 84 -7.34 18.90 15.55
N THR D 85 -7.81 19.12 16.76
CA THR D 85 -8.70 18.21 17.46
C THR D 85 -9.93 18.97 17.91
N PHE D 86 -11.09 18.30 17.84
CA PHE D 86 -12.36 18.93 18.18
C PHE D 86 -12.43 19.19 19.69
N ASN D 87 -12.83 20.41 20.05
CA ASN D 87 -13.14 20.78 21.42
C ASN D 87 -14.66 20.88 21.50
N GLU D 88 -15.24 19.98 22.31
CA GLU D 88 -16.69 19.84 22.41
C GLU D 88 -17.32 20.99 23.17
N GLU D 89 -16.60 21.57 24.14
CA GLU D 89 -17.19 22.63 24.97
C GLU D 89 -17.65 23.79 24.12
N VAL D 90 -16.88 24.14 23.09
CA VAL D 90 -17.23 25.22 22.19
C VAL D 90 -17.54 24.74 20.79
N GLY D 91 -17.21 23.50 20.46
CA GLY D 91 -17.51 22.97 19.15
C GLY D 91 -16.58 23.46 18.07
N ARG D 92 -15.28 23.51 18.35
CA ARG D 92 -14.32 24.00 17.35
C ARG D 92 -13.03 23.20 17.42
N TYR D 93 -12.34 23.10 16.29
CA TYR D 93 -11.08 22.36 16.24
C TYR D 93 -9.94 23.30 16.61
N PHE D 94 -9.17 22.90 17.62
CA PHE D 94 -8.01 23.66 18.07
C PHE D 94 -6.73 22.87 17.84
N LEU D 95 -5.60 23.59 17.91
CA LEU D 95 -4.30 22.97 17.75
C LEU D 95 -4.10 21.83 18.74
N ASP D 96 -3.58 20.72 18.23
CA ASP D 96 -3.29 19.54 19.05
C ASP D 96 -1.80 19.25 18.91
N PRO D 97 -0.97 19.69 19.87
CA PRO D 97 0.47 19.59 19.69
C PRO D 97 1.00 18.17 19.70
N SER D 98 0.30 17.21 20.32
CA SER D 98 0.74 15.82 20.29
C SER D 98 0.75 15.26 18.88
N GLY D 99 0.04 15.90 17.95
CA GLY D 99 0.06 15.56 16.55
C GLY D 99 1.02 16.36 15.72
N ASP D 100 1.90 17.15 16.37
CA ASP D 100 2.87 18.04 15.74
C ASP D 100 2.20 19.28 15.16
N LEU D 101 2.97 20.37 15.03
CA LEU D 101 2.46 21.58 14.39
C LEU D 101 2.31 21.37 12.89
N PHE D 102 1.38 22.11 12.30
CA PHE D 102 1.16 22.02 10.86
C PHE D 102 2.17 22.90 10.13
N ASN D 103 2.75 22.37 9.06
CA ASN D 103 3.78 23.08 8.31
C ASN D 103 3.62 22.75 6.82
N ASN D 104 3.68 23.79 5.99
CA ASN D 104 3.55 23.61 4.55
C ASN D 104 4.87 23.23 3.87
N GLY D 105 5.98 23.24 4.61
CA GLY D 105 7.27 22.93 4.03
C GLY D 105 7.33 21.58 3.37
N TYR D 106 6.46 20.63 3.77
CA TYR D 106 6.38 19.35 3.09
C TYR D 106 6.23 19.53 1.59
N ARG D 107 5.35 20.47 1.17
CA ARG D 107 5.23 20.78 -0.24
C ARG D 107 6.56 21.28 -0.80
N TYR D 108 7.14 22.27 -0.13
CA TYR D 108 8.27 23.02 -0.69
C TYR D 108 9.40 22.08 -1.09
N LEU D 109 9.88 21.27 -0.15
CA LEU D 109 10.99 20.38 -0.46
C LEU D 109 10.62 19.38 -1.57
N ASN D 110 9.37 18.93 -1.58
CA ASN D 110 8.97 18.00 -2.64
C ASN D 110 8.88 18.69 -4.00
N TRP D 111 8.77 20.02 -4.03
CA TRP D 111 8.88 20.72 -5.30
C TRP D 111 10.25 20.50 -5.94
N LEU D 112 11.27 20.17 -5.14
CA LEU D 112 12.58 19.82 -5.69
C LEU D 112 12.50 18.62 -6.63
N ILE D 113 11.48 17.78 -6.48
CA ILE D 113 11.19 16.77 -7.50
C ILE D 113 10.36 17.39 -8.62
N ASP D 114 9.29 18.09 -8.26
CA ASP D 114 8.27 18.48 -9.23
C ASP D 114 8.80 19.54 -10.20
N VAL D 115 9.40 20.60 -9.67
CA VAL D 115 9.76 21.75 -10.52
C VAL D 115 10.77 21.37 -11.59
N PRO D 116 11.89 20.70 -11.29
CA PRO D 116 12.79 20.31 -12.39
C PRO D 116 12.11 19.41 -13.43
N MET D 117 11.48 18.32 -12.99
CA MET D 117 10.89 17.37 -13.92
C MET D 117 9.86 18.05 -14.82
N LEU D 118 8.95 18.83 -14.22
CA LEU D 118 7.99 19.59 -15.00
C LEU D 118 8.69 20.46 -16.04
N LEU D 119 9.75 21.15 -15.63
CA LEU D 119 10.49 21.98 -16.58
C LEU D 119 11.30 21.14 -17.55
N PHE D 120 11.70 19.92 -17.15
CA PHE D 120 12.52 19.08 -18.00
C PHE D 120 11.71 18.50 -19.16
N GLN D 121 10.49 18.03 -18.86
CA GLN D 121 9.78 17.16 -19.78
C GLN D 121 9.36 17.88 -21.07
N ILE D 122 9.11 19.19 -21.00
CA ILE D 122 8.73 19.92 -22.20
C ILE D 122 9.86 19.89 -23.22
N LEU D 123 11.10 19.73 -22.76
CA LEU D 123 12.21 19.65 -23.70
C LEU D 123 12.27 18.31 -24.44
N PHE D 124 11.38 17.37 -24.14
CA PHE D 124 11.29 16.11 -24.86
C PHE D 124 10.18 16.11 -25.91
N VAL D 125 9.45 17.20 -26.06
CA VAL D 125 8.37 17.29 -27.04
C VAL D 125 8.70 18.37 -28.06
N VAL D 126 8.95 19.59 -27.60
CA VAL D 126 9.29 20.68 -28.50
C VAL D 126 10.76 20.55 -28.91
N SER D 127 11.09 21.17 -30.03
CA SER D 127 12.47 21.21 -30.53
C SER D 127 12.96 22.65 -30.46
N LEU D 128 14.05 22.86 -29.73
CA LEU D 128 14.62 24.20 -29.66
C LEU D 128 15.30 24.55 -30.98
N THR D 129 15.34 25.86 -31.27
CA THR D 129 15.93 26.36 -32.50
C THR D 129 17.27 27.02 -32.22
N THR D 130 17.27 28.21 -31.60
CA THR D 130 18.50 28.92 -31.31
C THR D 130 19.03 28.63 -29.91
N SER D 131 18.20 28.10 -29.02
CA SER D 131 18.61 27.79 -27.66
C SER D 131 19.23 26.39 -27.59
N LYS D 132 20.10 26.20 -26.62
CA LYS D 132 20.77 24.91 -26.39
C LYS D 132 20.01 24.11 -25.35
N PHE D 133 19.75 22.83 -25.66
CA PHE D 133 19.02 21.96 -24.75
C PHE D 133 19.63 21.95 -23.36
N SER D 134 20.94 21.71 -23.27
CA SER D 134 21.58 21.60 -21.96
C SER D 134 21.60 22.94 -21.23
N SER D 135 21.75 24.03 -21.97
CA SER D 135 21.71 25.35 -21.34
C SER D 135 20.34 25.62 -20.73
N VAL D 136 19.28 25.38 -21.48
CA VAL D 136 17.92 25.55 -20.97
C VAL D 136 17.70 24.67 -19.75
N ARG D 137 18.13 23.41 -19.82
CA ARG D 137 17.92 22.50 -18.70
C ARG D 137 18.64 22.97 -17.45
N ASN D 138 19.92 23.35 -17.59
CA ASN D 138 20.69 23.79 -16.42
C ASN D 138 20.13 25.06 -15.83
N GLN D 139 19.72 26.02 -16.68
CA GLN D 139 19.11 27.24 -16.16
C GLN D 139 17.82 26.94 -15.40
N PHE D 140 16.93 26.15 -16.01
CA PHE D 140 15.72 25.71 -15.34
C PHE D 140 16.03 25.11 -13.97
N TRP D 141 16.97 24.17 -13.93
CA TRP D 141 17.20 23.42 -12.70
C TRP D 141 17.79 24.31 -11.61
N PHE D 142 18.80 25.11 -11.95
CA PHE D 142 19.41 25.98 -10.95
C PHE D 142 18.41 27.01 -10.42
N SER D 143 17.70 27.68 -11.34
CA SER D 143 16.75 28.69 -10.91
C SER D 143 15.62 28.10 -10.07
N GLY D 144 15.12 26.92 -10.47
CA GLY D 144 14.09 26.27 -9.69
C GLY D 144 14.56 25.88 -8.30
N ALA D 145 15.77 25.32 -8.21
CA ALA D 145 16.32 24.96 -6.90
C ALA D 145 16.43 26.19 -6.01
N MET D 146 16.97 27.29 -6.54
CA MET D 146 17.12 28.50 -5.74
C MET D 146 15.77 29.05 -5.29
N MET D 147 14.81 29.13 -6.22
CA MET D 147 13.46 29.58 -5.89
C MET D 147 12.86 28.76 -4.75
N ILE D 148 12.91 27.42 -4.90
CA ILE D 148 12.31 26.54 -3.90
C ILE D 148 12.98 26.72 -2.55
N ILE D 149 14.32 26.74 -2.53
CA ILE D 149 15.03 26.80 -1.26
C ILE D 149 14.76 28.13 -0.55
N THR D 150 14.81 29.24 -1.29
CA THR D 150 14.57 30.53 -0.67
C THR D 150 13.15 30.66 -0.15
N GLY D 151 12.16 30.20 -0.92
CA GLY D 151 10.79 30.23 -0.43
C GLY D 151 10.58 29.33 0.78
N TYR D 152 11.27 28.18 0.80
CA TYR D 152 11.16 27.26 1.93
C TYR D 152 11.72 27.90 3.19
N ILE D 153 12.87 28.57 3.09
CA ILE D 153 13.38 29.31 4.23
C ILE D 153 12.40 30.40 4.66
N GLY D 154 11.85 31.13 3.70
CA GLY D 154 11.02 32.27 4.03
C GLY D 154 9.73 31.91 4.72
N GLN D 155 9.11 30.78 4.32
CA GLN D 155 7.78 30.47 4.84
C GLN D 155 7.79 30.14 6.33
N PHE D 156 8.94 29.77 6.89
CA PHE D 156 9.02 29.50 8.32
C PHE D 156 8.79 30.74 9.17
N TYR D 157 8.93 31.94 8.59
CA TYR D 157 8.84 33.18 9.33
C TYR D 157 7.60 33.98 8.97
N GLU D 158 6.57 33.34 8.42
CA GLU D 158 5.39 34.06 7.96
C GLU D 158 4.65 34.75 9.11
N VAL D 159 4.90 34.33 10.35
CA VAL D 159 4.31 34.99 11.52
C VAL D 159 5.40 35.57 12.43
N SER D 160 6.48 34.82 12.66
CA SER D 160 7.48 35.24 13.64
C SER D 160 8.35 36.40 13.16
N ASN D 161 8.49 36.58 11.85
CA ASN D 161 9.36 37.64 11.33
C ASN D 161 8.89 37.99 9.92
N LEU D 162 8.02 38.99 9.82
CA LEU D 162 7.48 39.39 8.52
C LEU D 162 8.57 39.94 7.61
N THR D 163 9.59 40.57 8.17
CA THR D 163 10.65 41.16 7.35
C THR D 163 11.42 40.09 6.59
N ALA D 164 11.91 39.07 7.31
CA ALA D 164 12.61 37.96 6.65
C ALA D 164 11.68 37.25 5.68
N PHE D 165 10.41 37.06 6.08
CA PHE D 165 9.40 36.49 5.20
C PHE D 165 9.40 37.20 3.84
N LEU D 166 9.24 38.52 3.86
CA LEU D 166 9.12 39.28 2.61
C LEU D 166 10.44 39.28 1.84
N VAL D 167 11.57 39.37 2.55
CA VAL D 167 12.87 39.43 1.87
C VAL D 167 13.12 38.13 1.12
N TRP D 168 12.91 36.99 1.79
CA TRP D 168 13.08 35.70 1.13
C TRP D 168 12.07 35.53 0.00
N GLY D 169 10.84 36.02 0.19
CA GLY D 169 9.86 35.94 -0.87
C GLY D 169 10.29 36.67 -2.13
N ALA D 170 10.87 37.88 -1.96
CA ALA D 170 11.33 38.64 -3.10
C ALA D 170 12.53 37.97 -3.77
N ILE D 171 13.47 37.48 -2.96
CA ILE D 171 14.62 36.76 -3.51
C ILE D 171 14.16 35.57 -4.34
N SER D 172 13.13 34.86 -3.86
CA SER D 172 12.58 33.74 -4.62
C SER D 172 11.89 34.22 -5.89
N SER D 173 11.15 35.33 -5.81
CA SER D 173 10.43 35.85 -6.96
C SER D 173 11.38 36.21 -8.10
N ALA D 174 12.60 36.66 -7.77
CA ALA D 174 13.58 36.91 -8.81
C ALA D 174 13.83 35.67 -9.66
N PHE D 175 14.15 34.54 -9.02
CA PHE D 175 14.39 33.30 -9.74
C PHE D 175 13.12 32.83 -10.45
N PHE D 176 11.96 33.10 -9.86
CA PHE D 176 10.69 32.76 -10.51
C PHE D 176 10.55 33.49 -11.84
N PHE D 177 10.87 34.79 -11.85
CA PHE D 177 10.79 35.56 -13.08
C PHE D 177 11.80 35.07 -14.10
N HIS D 178 12.99 34.69 -13.64
CA HIS D 178 13.95 34.08 -14.57
C HIS D 178 13.39 32.81 -15.21
N ILE D 179 12.73 31.98 -14.41
CA ILE D 179 12.13 30.75 -14.93
C ILE D 179 11.06 31.10 -15.97
N LEU D 180 10.22 32.08 -15.67
CA LEU D 180 9.19 32.50 -16.63
C LEU D 180 9.81 32.98 -17.93
N TRP D 181 10.91 33.72 -17.85
CA TRP D 181 11.60 34.21 -19.04
C TRP D 181 12.08 33.04 -19.89
N VAL D 182 12.80 32.10 -19.27
CA VAL D 182 13.34 30.96 -20.02
C VAL D 182 12.21 30.12 -20.62
N MET D 183 11.11 29.96 -19.88
CA MET D 183 9.99 29.17 -20.39
C MET D 183 9.32 29.85 -21.58
N LYS D 184 9.16 31.18 -21.52
CA LYS D 184 8.62 31.90 -22.67
C LYS D 184 9.51 31.73 -23.89
N LYS D 185 10.83 31.82 -23.70
CA LYS D 185 11.75 31.57 -24.80
C LYS D 185 11.56 30.17 -25.38
N VAL D 186 11.47 29.17 -24.50
CA VAL D 186 11.32 27.79 -24.95
C VAL D 186 10.04 27.61 -25.75
N ILE D 187 8.94 28.20 -25.27
CA ILE D 187 7.66 28.04 -25.97
C ILE D 187 7.71 28.73 -27.34
N ASN D 188 8.30 29.93 -27.41
CA ASN D 188 8.40 30.61 -28.68
C ASN D 188 9.24 29.82 -29.68
N GLU D 189 10.34 29.22 -29.21
CA GLU D 189 11.15 28.43 -30.13
C GLU D 189 10.42 27.15 -30.54
N GLY D 190 9.66 26.55 -29.62
CA GLY D 190 8.91 25.35 -29.95
C GLY D 190 7.81 25.60 -30.96
N LYS D 191 7.23 26.81 -30.96
CA LYS D 191 6.21 27.13 -31.95
C LYS D 191 6.78 27.13 -33.36
N GLU D 192 8.06 27.44 -33.52
CA GLU D 192 8.64 27.60 -34.85
C GLU D 192 8.70 26.26 -35.57
N GLY D 193 8.08 26.19 -36.74
CA GLY D 193 8.22 25.01 -37.59
C GLY D 193 7.28 23.86 -37.30
N ILE D 194 6.21 24.09 -36.55
CA ILE D 194 5.25 23.04 -36.24
C ILE D 194 3.87 23.45 -36.75
N SER D 195 2.96 22.45 -36.77
CA SER D 195 1.63 22.63 -37.32
C SER D 195 0.83 23.64 -36.49
N PRO D 196 -0.20 24.26 -37.09
CA PRO D 196 -1.03 25.21 -36.32
C PRO D 196 -1.69 24.61 -35.09
N ALA D 197 -2.07 23.34 -35.14
CA ALA D 197 -2.68 22.71 -33.98
C ALA D 197 -1.69 22.64 -32.81
N GLY D 198 -0.46 22.22 -33.09
CA GLY D 198 0.56 22.25 -32.06
C GLY D 198 0.85 23.64 -31.55
N GLN D 199 0.74 24.65 -32.42
CA GLN D 199 0.94 26.02 -31.97
C GLN D 199 -0.14 26.46 -31.01
N LYS D 200 -1.41 26.11 -31.30
CA LYS D 200 -2.49 26.41 -30.36
C LYS D 200 -2.28 25.68 -29.04
N ILE D 201 -1.89 24.41 -29.10
CA ILE D 201 -1.62 23.66 -27.87
C ILE D 201 -0.52 24.32 -27.06
N LEU D 202 0.54 24.79 -27.74
CA LEU D 202 1.63 25.45 -27.04
C LEU D 202 1.19 26.75 -26.40
N SER D 203 0.32 27.51 -27.09
CA SER D 203 -0.22 28.73 -26.50
C SER D 203 -1.02 28.42 -25.23
N ASN D 204 -1.86 27.39 -25.29
CA ASN D 204 -2.62 26.98 -24.11
C ASN D 204 -1.68 26.56 -22.99
N ILE D 205 -0.61 25.84 -23.32
CA ILE D 205 0.36 25.41 -22.33
C ILE D 205 1.02 26.61 -21.66
N TRP D 206 1.36 27.63 -22.45
CA TRP D 206 1.99 28.82 -21.88
C TRP D 206 1.06 29.56 -20.93
N ILE D 207 -0.20 29.74 -21.35
CA ILE D 207 -1.16 30.43 -20.49
C ILE D 207 -1.36 29.66 -19.18
N LEU D 208 -1.54 28.34 -19.29
CA LEU D 208 -1.73 27.50 -18.11
C LEU D 208 -0.51 27.58 -17.19
N PHE D 209 0.69 27.43 -17.76
CA PHE D 209 1.92 27.56 -16.98
C PHE D 209 1.93 28.87 -16.21
N LEU D 210 1.69 29.98 -16.91
CA LEU D 210 1.74 31.30 -16.27
C LEU D 210 0.79 31.37 -15.09
N ILE D 211 -0.50 31.09 -15.31
CA ILE D 211 -1.49 31.27 -14.25
C ILE D 211 -1.22 30.31 -13.09
N SER D 212 -1.07 29.02 -13.39
CA SER D 212 -0.95 28.02 -12.33
C SER D 212 0.32 28.23 -11.52
N TRP D 213 1.42 28.66 -12.17
CA TRP D 213 2.65 28.87 -11.42
C TRP D 213 2.58 30.16 -10.61
N THR D 214 1.90 31.19 -11.13
CA THR D 214 1.73 32.41 -10.34
C THR D 214 0.88 32.14 -9.10
N LEU D 215 0.01 31.14 -9.15
CA LEU D 215 -0.81 30.83 -7.98
C LEU D 215 0.02 30.47 -6.74
N TYR D 216 1.24 29.96 -6.92
CA TYR D 216 2.00 29.50 -5.76
C TYR D 216 2.49 30.66 -4.88
N PRO D 217 3.12 31.71 -5.41
CA PRO D 217 3.38 32.87 -4.54
C PRO D 217 2.11 33.49 -3.96
N GLY D 218 0.98 33.32 -4.65
CA GLY D 218 -0.28 33.75 -4.08
C GLY D 218 -0.60 33.03 -2.78
N ALA D 219 -0.47 31.70 -2.79
CA ALA D 219 -0.64 30.94 -1.56
C ALA D 219 0.42 31.29 -0.53
N TYR D 220 1.63 31.62 -0.98
CA TYR D 220 2.67 32.08 -0.07
C TYR D 220 2.24 33.32 0.68
N LEU D 221 1.66 34.30 -0.03
CA LEU D 221 1.27 35.58 0.56
C LEU D 221 -0.12 35.59 1.16
N MET D 222 -0.92 34.53 0.96
CA MET D 222 -2.35 34.49 1.32
C MET D 222 -2.74 35.15 2.64
N PRO D 223 -2.12 34.86 3.79
CA PRO D 223 -2.64 35.42 5.05
C PRO D 223 -2.55 36.94 5.15
N TYR D 224 -1.75 37.58 4.30
CA TYR D 224 -1.55 39.03 4.39
C TYR D 224 -2.07 39.79 3.18
N LEU D 225 -2.75 39.12 2.26
CA LEU D 225 -3.27 39.79 1.07
C LEU D 225 -4.37 40.80 1.39
N THR D 226 -4.89 40.78 2.62
CA THR D 226 -5.83 41.80 3.09
C THR D 226 -5.25 42.64 4.22
N GLY D 227 -3.92 42.64 4.36
CA GLY D 227 -3.26 43.44 5.36
C GLY D 227 -3.18 42.75 6.71
N VAL D 228 -2.42 43.36 7.62
CA VAL D 228 -2.32 42.84 8.97
C VAL D 228 -3.68 42.94 9.66
N ASP D 229 -4.05 41.86 10.35
CA ASP D 229 -5.37 41.74 10.98
C ASP D 229 -6.49 41.92 9.96
N GLY D 230 -6.26 41.48 8.72
CA GLY D 230 -7.26 41.59 7.68
C GLY D 230 -8.23 40.41 7.69
N PHE D 231 -9.11 40.41 6.68
CA PHE D 231 -10.13 39.36 6.61
C PHE D 231 -9.51 37.99 6.36
N LEU D 232 -8.46 37.93 5.54
CA LEU D 232 -7.84 36.65 5.22
C LEU D 232 -6.95 36.13 6.33
N TYR D 233 -6.70 36.91 7.38
CA TYR D 233 -5.96 36.39 8.53
C TYR D 233 -6.93 35.70 9.50
N SER D 234 -7.54 34.63 8.99
CA SER D 234 -8.57 33.90 9.70
C SER D 234 -8.61 32.48 9.14
N GLU D 235 -9.57 31.68 9.61
CA GLU D 235 -9.76 30.35 9.04
C GLU D 235 -10.14 30.43 7.57
N ASP D 236 -10.78 31.51 7.15
CA ASP D 236 -11.04 31.73 5.74
C ASP D 236 -9.74 31.76 4.96
N GLY D 237 -8.69 32.37 5.53
CA GLY D 237 -7.41 32.39 4.86
C GLY D 237 -6.76 31.01 4.77
N VAL D 238 -6.94 30.19 5.79
CA VAL D 238 -6.41 28.82 5.74
C VAL D 238 -7.10 28.03 4.63
N MET D 239 -8.44 28.10 4.60
CA MET D 239 -9.19 27.46 3.52
C MET D 239 -8.72 27.95 2.16
N ALA D 240 -8.61 29.27 2.00
CA ALA D 240 -8.18 29.83 0.71
C ALA D 240 -6.80 29.36 0.32
N ARG D 241 -5.87 29.30 1.29
CA ARG D 241 -4.51 28.87 0.98
C ARG D 241 -4.49 27.44 0.47
N GLN D 242 -5.17 26.53 1.19
CA GLN D 242 -5.14 25.14 0.75
C GLN D 242 -5.91 24.94 -0.56
N LEU D 243 -6.99 25.71 -0.77
CA LEU D 243 -7.72 25.63 -2.04
C LEU D 243 -6.85 26.10 -3.21
N VAL D 244 -6.13 27.20 -3.02
CA VAL D 244 -5.23 27.69 -4.06
C VAL D 244 -4.13 26.68 -4.33
N TYR D 245 -3.58 26.08 -3.27
CA TYR D 245 -2.58 25.03 -3.43
C TYR D 245 -3.11 23.88 -4.28
N THR D 246 -4.34 23.44 -4.00
CA THR D 246 -4.88 22.29 -4.73
C THR D 246 -5.15 22.64 -6.19
N ILE D 247 -5.73 23.82 -6.45
CA ILE D 247 -5.99 24.24 -7.82
C ILE D 247 -4.68 24.33 -8.60
N ALA D 248 -3.66 24.94 -7.99
CA ALA D 248 -2.37 25.07 -8.65
C ALA D 248 -1.72 23.72 -8.89
N ASP D 249 -1.81 22.81 -7.91
CA ASP D 249 -1.24 21.48 -8.08
C ASP D 249 -1.88 20.76 -9.26
N VAL D 250 -3.21 20.70 -9.28
CA VAL D 250 -3.91 20.01 -10.36
C VAL D 250 -3.53 20.62 -11.70
N SER D 251 -3.68 21.95 -11.82
CA SER D 251 -3.43 22.61 -13.10
C SER D 251 -1.99 22.41 -13.58
N SER D 252 -1.02 22.69 -12.71
CA SER D 252 0.39 22.69 -13.10
C SER D 252 0.96 21.29 -13.29
N LYS D 253 0.34 20.26 -12.71
CA LYS D 253 0.86 18.91 -12.89
C LYS D 253 0.00 18.10 -13.86
N VAL D 254 -1.25 17.81 -13.50
CA VAL D 254 -2.04 16.86 -14.26
C VAL D 254 -2.44 17.44 -15.60
N ILE D 255 -3.03 18.64 -15.60
CA ILE D 255 -3.50 19.25 -16.84
C ILE D 255 -2.31 19.62 -17.72
N TYR D 256 -1.20 20.05 -17.11
CA TYR D 256 0.01 20.34 -17.86
C TYR D 256 0.52 19.09 -18.59
N GLY D 257 0.59 17.97 -17.87
CA GLY D 257 1.02 16.73 -18.52
C GLY D 257 0.06 16.27 -19.60
N VAL D 258 -1.24 16.46 -19.38
CA VAL D 258 -2.24 16.05 -20.37
C VAL D 258 -2.09 16.87 -21.65
N LEU D 259 -1.93 18.18 -21.51
CA LEU D 259 -1.73 19.03 -22.69
C LEU D 259 -0.42 18.69 -23.40
N LEU D 260 0.64 18.41 -22.62
CA LEU D 260 1.89 17.96 -23.23
C LEU D 260 1.69 16.68 -24.03
N GLY D 261 0.90 15.75 -23.50
CA GLY D 261 0.65 14.51 -24.21
C GLY D 261 -0.15 14.72 -25.48
N ASN D 262 -1.13 15.65 -25.43
CA ASN D 262 -1.86 15.99 -26.64
C ASN D 262 -0.93 16.59 -27.70
N LEU D 263 -0.04 17.49 -27.27
CA LEU D 263 0.96 18.04 -28.18
C LEU D 263 1.80 16.93 -28.79
N ALA D 264 2.28 16.00 -27.96
CA ALA D 264 3.08 14.89 -28.47
C ALA D 264 2.29 14.05 -29.48
N ILE D 265 0.99 13.88 -29.27
CA ILE D 265 0.17 13.13 -30.21
C ILE D 265 0.08 13.85 -31.55
N THR D 266 -0.19 15.16 -31.52
CA THR D 266 -0.30 15.91 -32.77
C THR D 266 1.02 15.93 -33.55
N LEU D 267 2.15 15.88 -32.85
CA LEU D 267 3.44 15.86 -33.52
C LEU D 267 3.83 14.49 -34.06
N SER D 268 3.14 13.43 -33.65
CA SER D 268 3.51 12.08 -34.06
C SER D 268 3.06 11.77 -35.48
N GLU E 2 -22.56 21.57 21.32
CA GLU E 2 -22.48 22.58 20.27
C GLU E 2 -21.78 22.01 19.05
N LEU E 3 -22.55 21.43 18.14
CA LEU E 3 -21.99 20.78 16.96
C LEU E 3 -21.85 21.71 15.76
N GLY E 4 -22.64 22.79 15.71
CA GLY E 4 -22.53 23.72 14.61
C GLY E 4 -23.01 23.13 13.29
N ASN E 5 -22.31 23.50 12.21
CA ASN E 5 -22.66 23.08 10.86
C ASN E 5 -22.11 21.68 10.59
N ALA E 6 -22.72 20.70 11.27
CA ALA E 6 -22.28 19.31 11.20
C ALA E 6 -23.40 18.44 10.63
N ASN E 7 -23.00 17.33 10.03
CA ASN E 7 -23.94 16.39 9.45
C ASN E 7 -24.76 15.72 10.54
N PHE E 8 -25.94 15.20 10.16
CA PHE E 8 -26.88 14.70 11.16
C PHE E 8 -26.42 13.38 11.78
N GLU E 9 -25.51 12.67 11.12
CA GLU E 9 -24.93 11.48 11.73
C GLU E 9 -24.34 11.79 13.09
N ASN E 10 -23.67 12.94 13.19
CA ASN E 10 -23.04 13.34 14.45
C ASN E 10 -24.09 13.62 15.52
N PHE E 11 -25.20 14.27 15.15
CA PHE E 11 -26.25 14.54 16.13
C PHE E 11 -26.89 13.24 16.62
N ILE E 12 -27.19 12.33 15.70
CA ILE E 12 -27.77 11.04 16.10
C ILE E 12 -26.81 10.29 17.01
N GLY E 13 -25.52 10.27 16.66
CA GLY E 13 -24.55 9.52 17.45
C GLY E 13 -24.22 10.16 18.78
N ALA E 14 -24.39 11.48 18.89
CA ALA E 14 -24.09 12.19 20.12
C ALA E 14 -25.28 12.28 21.06
N THR E 15 -26.50 12.10 20.55
CA THR E 15 -27.67 12.09 21.43
C THR E 15 -28.09 10.67 21.77
N GLU E 16 -28.55 9.91 20.77
CA GLU E 16 -29.01 8.54 21.01
C GLU E 16 -27.90 7.52 20.95
N GLY E 17 -26.86 7.77 20.15
CA GLY E 17 -25.86 6.77 19.88
C GLY E 17 -26.37 5.72 18.91
N PHE E 18 -25.47 4.82 18.51
CA PHE E 18 -25.79 3.76 17.58
C PHE E 18 -25.72 2.40 18.26
N SER E 19 -26.71 1.56 18.01
CA SER E 19 -26.65 0.18 18.47
C SER E 19 -25.57 -0.57 17.70
N GLU E 20 -25.32 -1.82 18.13
CA GLU E 20 -24.30 -2.62 17.50
C GLU E 20 -24.59 -2.83 16.01
N ILE E 21 -25.84 -3.14 15.69
CA ILE E 21 -26.21 -3.45 14.30
C ILE E 21 -25.96 -2.25 13.40
N ALA E 22 -26.37 -1.06 13.85
CA ALA E 22 -26.25 0.14 13.00
C ALA E 22 -24.79 0.47 12.72
N TYR E 23 -23.98 0.59 13.76
CA TYR E 23 -22.57 0.90 13.60
C TYR E 23 -21.86 -0.14 12.74
N GLN E 24 -22.05 -1.42 13.07
CA GLN E 24 -21.35 -2.47 12.34
C GLN E 24 -21.80 -2.53 10.89
N PHE E 25 -23.09 -2.30 10.63
CA PHE E 25 -23.58 -2.33 9.25
C PHE E 25 -23.02 -1.18 8.43
N THR E 26 -22.97 0.02 9.02
CA THR E 26 -22.38 1.14 8.29
C THR E 26 -20.93 0.87 7.95
N SER E 27 -20.16 0.37 8.92
CA SER E 27 -18.77 0.03 8.66
C SER E 27 -18.65 -1.03 7.55
N HIS E 28 -19.49 -2.07 7.62
CA HIS E 28 -19.43 -3.14 6.63
C HIS E 28 -19.76 -2.62 5.24
N ILE E 29 -20.75 -1.73 5.12
CA ILE E 29 -21.17 -1.27 3.81
C ILE E 29 -20.09 -0.37 3.20
N LEU E 30 -19.41 0.43 4.02
CA LEU E 30 -18.30 1.23 3.47
C LEU E 30 -17.12 0.35 3.06
N THR E 31 -16.82 -0.66 3.87
CA THR E 31 -15.75 -1.60 3.52
C THR E 31 -16.04 -2.29 2.20
N LEU E 32 -17.28 -2.78 2.04
CA LEU E 32 -17.68 -3.40 0.78
C LEU E 32 -17.56 -2.43 -0.37
N GLY E 33 -17.93 -1.16 -0.16
CA GLY E 33 -17.79 -0.18 -1.21
C GLY E 33 -16.37 -0.07 -1.73
N TYR E 34 -15.41 0.16 -0.82
CA TYR E 34 -14.05 0.37 -1.34
C TYR E 34 -13.44 -0.94 -1.86
N ALA E 35 -13.84 -2.09 -1.31
CA ALA E 35 -13.40 -3.36 -1.87
C ALA E 35 -13.88 -3.51 -3.31
N VAL E 36 -15.16 -3.20 -3.55
CA VAL E 36 -15.71 -3.22 -4.90
C VAL E 36 -14.90 -2.31 -5.82
N MET E 37 -14.53 -1.13 -5.32
CA MET E 37 -13.80 -0.19 -6.17
C MET E 37 -12.43 -0.73 -6.57
N LEU E 38 -11.69 -1.31 -5.62
CA LEU E 38 -10.38 -1.85 -5.98
C LEU E 38 -10.51 -3.04 -6.93
N ALA E 39 -11.49 -3.92 -6.69
CA ALA E 39 -11.71 -5.05 -7.59
C ALA E 39 -12.06 -4.56 -9.00
N GLY E 40 -12.88 -3.50 -9.09
CA GLY E 40 -13.22 -2.96 -10.39
C GLY E 40 -12.04 -2.32 -11.09
N LEU E 41 -11.16 -1.66 -10.33
CA LEU E 41 -9.93 -1.15 -10.90
C LEU E 41 -9.13 -2.27 -11.57
N LEU E 42 -8.92 -3.36 -10.82
CA LEU E 42 -8.22 -4.51 -11.40
C LEU E 42 -8.92 -5.03 -12.65
N TYR E 43 -10.25 -5.14 -12.59
CA TYR E 43 -11.02 -5.66 -13.71
C TYR E 43 -10.84 -4.80 -14.96
N PHE E 44 -10.94 -3.49 -14.80
CA PHE E 44 -10.83 -2.60 -15.95
C PHE E 44 -9.42 -2.59 -16.53
N ILE E 45 -8.40 -2.68 -15.67
CA ILE E 45 -7.04 -2.74 -16.20
C ILE E 45 -6.82 -4.05 -16.97
N LEU E 46 -7.29 -5.17 -16.43
CA LEU E 46 -6.99 -6.45 -17.06
C LEU E 46 -7.79 -6.72 -18.33
N THR E 47 -8.73 -5.84 -18.70
CA THR E 47 -9.58 -6.07 -19.87
C THR E 47 -9.43 -4.97 -20.91
N ILE E 48 -8.30 -4.27 -20.93
CA ILE E 48 -8.14 -3.13 -21.83
C ILE E 48 -8.07 -3.60 -23.29
N LYS E 49 -7.34 -4.67 -23.56
CA LYS E 49 -7.14 -5.14 -24.92
C LYS E 49 -8.32 -5.95 -25.46
N ASN E 50 -9.43 -6.03 -24.73
CA ASN E 50 -10.61 -6.73 -25.22
C ASN E 50 -11.44 -5.88 -26.18
N VAL E 51 -11.20 -4.58 -26.25
CA VAL E 51 -11.94 -3.68 -27.12
C VAL E 51 -11.00 -3.14 -28.18
N ASP E 52 -11.58 -2.51 -29.20
CA ASP E 52 -10.78 -1.83 -30.20
C ASP E 52 -10.06 -0.63 -29.57
N LYS E 53 -8.96 -0.22 -30.20
CA LYS E 53 -8.12 0.84 -29.65
C LYS E 53 -8.93 2.11 -29.39
N LYS E 54 -9.72 2.56 -30.37
CA LYS E 54 -10.54 3.76 -30.24
C LYS E 54 -11.54 3.69 -29.09
N PHE E 55 -11.64 2.58 -28.37
CA PHE E 55 -12.52 2.47 -27.22
C PHE E 55 -11.76 2.36 -25.90
N GLN E 56 -10.46 2.02 -25.95
CA GLN E 56 -9.72 1.74 -24.72
C GLN E 56 -9.71 2.94 -23.78
N MET E 57 -9.77 4.16 -24.33
CA MET E 57 -9.89 5.36 -23.50
C MET E 57 -10.97 5.19 -22.44
N SER E 58 -12.16 4.75 -22.85
CA SER E 58 -13.23 4.48 -21.90
C SER E 58 -12.73 3.63 -20.74
N ASN E 59 -12.16 2.47 -21.06
CA ASN E 59 -11.57 1.61 -20.04
C ASN E 59 -10.68 2.41 -19.10
N ILE E 60 -9.71 3.14 -19.68
CA ILE E 60 -8.78 3.92 -18.87
C ILE E 60 -9.56 4.83 -17.91
N LEU E 61 -10.53 5.58 -18.46
CA LEU E 61 -11.28 6.50 -17.61
C LEU E 61 -11.98 5.75 -16.49
N SER E 62 -12.59 4.61 -16.80
CA SER E 62 -13.17 3.77 -15.75
C SER E 62 -12.15 3.52 -14.66
N ALA E 63 -10.98 3.00 -15.04
CA ALA E 63 -9.91 2.78 -14.07
C ALA E 63 -9.66 4.03 -13.26
N VAL E 64 -9.51 5.17 -13.94
CA VAL E 64 -9.27 6.44 -13.26
C VAL E 64 -10.32 6.62 -12.17
N VAL E 65 -11.59 6.56 -12.54
CA VAL E 65 -12.67 6.75 -11.58
C VAL E 65 -12.48 5.82 -10.39
N MET E 66 -12.26 4.52 -10.67
CA MET E 66 -12.12 3.55 -9.60
C MET E 66 -11.09 4.01 -8.58
N VAL E 67 -9.92 4.44 -9.05
CA VAL E 67 -8.88 4.90 -8.14
C VAL E 67 -9.48 5.89 -7.15
N SER E 68 -10.00 7.00 -7.65
CA SER E 68 -10.59 8.03 -6.76
C SER E 68 -11.51 7.40 -5.71
N ALA E 69 -12.46 6.57 -6.14
CA ALA E 69 -13.47 6.02 -5.22
C ALA E 69 -12.85 5.14 -4.14
N PHE E 70 -12.00 4.19 -4.50
CA PHE E 70 -11.31 3.38 -3.48
C PHE E 70 -10.77 4.29 -2.40
N LEU E 71 -9.92 5.23 -2.78
CA LEU E 71 -9.26 6.11 -1.80
C LEU E 71 -10.29 6.80 -0.89
N LEU E 72 -11.37 7.35 -1.47
CA LEU E 72 -12.38 8.06 -0.69
C LEU E 72 -13.09 7.08 0.25
N LEU E 73 -13.62 6.01 -0.31
CA LEU E 73 -14.40 5.05 0.52
C LEU E 73 -13.48 4.33 1.50
N TYR E 74 -12.16 4.41 1.31
CA TYR E 74 -11.24 3.83 2.32
C TYR E 74 -11.08 4.84 3.41
N ALA E 75 -10.80 6.09 3.06
CA ALA E 75 -10.73 7.13 4.07
C ALA E 75 -12.03 7.24 4.84
N GLN E 76 -13.13 7.50 4.12
CA GLN E 76 -14.45 7.56 4.74
C GLN E 76 -14.67 6.38 5.68
N ALA E 77 -14.37 5.17 5.22
CA ALA E 77 -14.50 3.99 6.06
C ALA E 77 -13.85 4.23 7.42
N GLN E 78 -12.54 4.47 7.40
CA GLN E 78 -11.81 4.74 8.64
C GLN E 78 -12.49 5.83 9.44
N ASN E 79 -12.86 6.93 8.75
CA ASN E 79 -13.53 8.04 9.42
C ASN E 79 -14.67 7.55 10.28
N TRP E 80 -15.58 6.77 9.69
CA TRP E 80 -16.71 6.24 10.43
C TRP E 80 -16.25 5.60 11.73
N THR E 81 -15.36 4.62 11.62
CA THR E 81 -14.95 3.85 12.79
C THR E 81 -14.19 4.70 13.80
N SER E 82 -13.60 5.82 13.37
CA SER E 82 -12.88 6.66 14.31
C SER E 82 -13.76 7.72 14.96
N SER E 83 -14.98 7.93 14.44
CA SER E 83 -15.83 8.99 14.96
C SER E 83 -16.80 8.52 16.03
N PHE E 84 -16.95 7.21 16.22
CA PHE E 84 -17.92 6.67 17.14
C PHE E 84 -17.31 5.49 17.89
N THR E 85 -17.43 5.50 19.22
CA THR E 85 -16.84 4.47 20.06
C THR E 85 -17.87 3.91 21.02
N PHE E 86 -17.60 2.69 21.47
CA PHE E 86 -18.51 1.92 22.30
C PHE E 86 -18.48 2.40 23.74
N ASN E 87 -19.68 2.55 24.33
CA ASN E 87 -19.80 2.87 25.78
C ASN E 87 -20.33 1.60 26.43
N GLU E 88 -19.55 0.96 27.29
CA GLU E 88 -19.93 -0.35 27.86
C GLU E 88 -21.13 -0.25 28.79
N GLU E 89 -21.37 0.93 29.37
CA GLU E 89 -22.45 1.07 30.36
C GLU E 89 -23.82 0.91 29.68
N VAL E 90 -23.95 1.29 28.42
CA VAL E 90 -25.27 1.24 27.73
C VAL E 90 -25.23 0.26 26.56
N GLY E 91 -24.05 -0.07 26.05
CA GLY E 91 -23.97 -0.92 24.87
C GLY E 91 -24.30 -0.24 23.56
N ARG E 92 -23.81 0.99 23.37
CA ARG E 92 -24.03 1.73 22.13
C ARG E 92 -22.80 2.54 21.79
N TYR E 93 -22.67 2.89 20.51
CA TYR E 93 -21.57 3.69 20.02
C TYR E 93 -21.99 5.16 19.99
N PHE E 94 -21.30 6.00 20.75
CA PHE E 94 -21.54 7.43 20.77
C PHE E 94 -20.41 8.17 20.06
N LEU E 95 -20.70 9.42 19.71
CA LEU E 95 -19.74 10.31 19.09
C LEU E 95 -18.47 10.41 19.94
N ASP E 96 -17.33 10.20 19.29
CA ASP E 96 -16.03 10.35 19.96
C ASP E 96 -15.32 11.52 19.30
N PRO E 97 -15.27 12.70 19.95
CA PRO E 97 -14.80 13.90 19.25
C PRO E 97 -13.33 13.86 18.88
N SER E 98 -12.52 13.03 19.54
CA SER E 98 -11.11 12.91 19.19
C SER E 98 -10.89 12.33 17.81
N GLY E 99 -11.90 11.66 17.25
CA GLY E 99 -11.80 11.14 15.90
C GLY E 99 -12.51 12.01 14.90
N ASP E 100 -12.72 13.28 15.28
CA ASP E 100 -13.37 14.29 14.46
C ASP E 100 -14.84 13.98 14.21
N LEU E 101 -15.59 14.98 13.75
CA LEU E 101 -16.99 14.78 13.38
C LEU E 101 -17.07 14.13 12.01
N PHE E 102 -17.98 13.17 11.88
CA PHE E 102 -18.20 12.51 10.60
C PHE E 102 -18.82 13.48 9.62
N ASN E 103 -18.33 13.47 8.38
CA ASN E 103 -18.82 14.37 7.35
C ASN E 103 -18.85 13.65 6.01
N ASN E 104 -19.96 13.82 5.29
CA ASN E 104 -20.12 13.21 3.97
C ASN E 104 -19.46 14.02 2.86
N GLY E 105 -19.01 15.25 3.15
CA GLY E 105 -18.44 16.10 2.14
C GLY E 105 -17.25 15.51 1.41
N TYR E 106 -16.54 14.56 2.04
CA TYR E 106 -15.45 13.87 1.38
C TYR E 106 -15.89 13.31 0.03
N ARG E 107 -17.17 12.92 -0.05
CA ARG E 107 -17.67 12.34 -1.31
C ARG E 107 -17.92 13.45 -2.33
N TYR E 108 -18.40 14.61 -1.90
CA TYR E 108 -18.81 15.65 -2.84
C TYR E 108 -17.63 16.15 -3.67
N LEU E 109 -16.57 16.62 -3.00
CA LEU E 109 -15.41 17.13 -3.71
C LEU E 109 -14.81 16.08 -4.64
N ASN E 110 -14.78 14.82 -4.20
CA ASN E 110 -14.21 13.79 -5.06
C ASN E 110 -15.10 13.47 -6.24
N TRP E 111 -16.40 13.82 -6.17
CA TRP E 111 -17.23 13.72 -7.36
C TRP E 111 -16.70 14.62 -8.48
N LEU E 112 -15.98 15.69 -8.11
CA LEU E 112 -15.31 16.53 -9.10
C LEU E 112 -14.40 15.71 -10.02
N ILE E 113 -13.94 14.56 -9.56
CA ILE E 113 -13.30 13.60 -10.45
C ILE E 113 -14.36 12.75 -11.17
N ASP E 114 -15.23 12.10 -10.41
CA ASP E 114 -16.04 11.03 -10.96
C ASP E 114 -17.10 11.56 -11.93
N VAL E 115 -17.79 12.63 -11.56
CA VAL E 115 -18.88 13.13 -12.39
C VAL E 115 -18.43 13.55 -13.79
N PRO E 116 -17.43 14.42 -13.96
CA PRO E 116 -16.97 14.71 -15.33
C PRO E 116 -16.50 13.48 -16.07
N MET E 117 -15.57 12.71 -15.48
CA MET E 117 -15.03 11.54 -16.15
C MET E 117 -16.14 10.58 -16.56
N LEU E 118 -17.06 10.27 -15.64
CA LEU E 118 -18.16 9.36 -15.97
C LEU E 118 -19.01 9.92 -17.11
N LEU E 119 -19.19 11.24 -17.15
CA LEU E 119 -19.95 11.83 -18.25
C LEU E 119 -19.13 11.85 -19.54
N PHE E 120 -17.80 11.85 -19.42
CA PHE E 120 -16.94 12.05 -20.58
C PHE E 120 -16.74 10.75 -21.35
N GLN E 121 -16.57 9.64 -20.62
CA GLN E 121 -16.11 8.40 -21.24
C GLN E 121 -17.10 7.85 -22.26
N ILE E 122 -18.40 8.06 -22.04
CA ILE E 122 -19.39 7.57 -23.00
C ILE E 122 -19.17 8.19 -24.37
N LEU E 123 -18.63 9.41 -24.42
CA LEU E 123 -18.39 10.05 -25.71
C LEU E 123 -17.26 9.39 -26.49
N PHE E 124 -16.54 8.45 -25.89
CA PHE E 124 -15.54 7.67 -26.61
C PHE E 124 -16.08 6.34 -27.12
N VAL E 125 -17.35 6.03 -26.83
CA VAL E 125 -17.97 4.78 -27.27
C VAL E 125 -19.12 5.05 -28.23
N VAL E 126 -19.92 6.08 -27.99
CA VAL E 126 -21.04 6.40 -28.85
C VAL E 126 -20.61 7.44 -29.89
N SER E 127 -21.31 7.46 -31.01
CA SER E 127 -21.06 8.40 -32.09
C SER E 127 -22.19 9.42 -32.14
N LEU E 128 -21.83 10.70 -32.16
CA LEU E 128 -22.80 11.77 -32.20
C LEU E 128 -23.28 12.01 -33.63
N THR E 129 -24.55 12.35 -33.79
CA THR E 129 -25.16 12.57 -35.09
C THR E 129 -25.62 13.99 -35.34
N THR E 130 -25.88 14.77 -34.29
CA THR E 130 -26.32 16.15 -34.41
C THR E 130 -25.49 17.09 -33.55
N SER E 131 -25.10 16.65 -32.36
CA SER E 131 -24.40 17.51 -31.42
C SER E 131 -22.90 17.47 -31.65
N LYS E 132 -22.23 18.51 -31.15
CA LYS E 132 -20.77 18.58 -31.18
C LYS E 132 -20.18 17.90 -29.95
N PHE E 133 -19.12 17.13 -30.19
CA PHE E 133 -18.41 16.46 -29.10
C PHE E 133 -17.98 17.48 -28.03
N SER E 134 -17.37 18.57 -28.46
CA SER E 134 -16.85 19.56 -27.52
C SER E 134 -17.98 20.26 -26.77
N SER E 135 -19.07 20.59 -27.46
CA SER E 135 -20.19 21.27 -26.80
C SER E 135 -20.80 20.40 -25.72
N VAL E 136 -21.09 19.14 -26.05
CA VAL E 136 -21.63 18.21 -25.06
C VAL E 136 -20.67 18.05 -23.90
N ARG E 137 -19.37 17.92 -24.18
CA ARG E 137 -18.39 17.76 -23.12
C ARG E 137 -18.37 18.96 -22.18
N ASN E 138 -18.34 20.16 -22.75
CA ASN E 138 -18.28 21.37 -21.93
C ASN E 138 -19.54 21.54 -21.10
N GLN E 139 -20.70 21.25 -21.70
CA GLN E 139 -21.95 21.30 -20.94
C GLN E 139 -21.92 20.33 -19.76
N PHE E 140 -21.53 19.08 -20.03
CA PHE E 140 -21.38 18.09 -18.98
C PHE E 140 -20.52 18.61 -17.84
N TRP E 141 -19.33 19.12 -18.17
CA TRP E 141 -18.36 19.50 -17.14
C TRP E 141 -18.85 20.69 -16.34
N PHE E 142 -19.32 21.75 -17.02
CA PHE E 142 -19.83 22.92 -16.33
C PHE E 142 -20.99 22.57 -15.40
N SER E 143 -21.99 21.85 -15.93
CA SER E 143 -23.17 21.55 -15.13
C SER E 143 -22.82 20.64 -13.95
N GLY E 144 -21.96 19.65 -14.18
CA GLY E 144 -21.56 18.78 -13.09
C GLY E 144 -20.82 19.51 -11.99
N ALA E 145 -19.90 20.41 -12.38
CA ALA E 145 -19.17 21.20 -11.39
C ALA E 145 -20.13 22.05 -10.56
N MET E 146 -21.06 22.75 -11.22
CA MET E 146 -21.99 23.60 -10.50
C MET E 146 -22.86 22.78 -9.55
N MET E 147 -23.41 21.67 -10.05
CA MET E 147 -24.20 20.76 -9.22
C MET E 147 -23.43 20.33 -7.98
N ILE E 148 -22.22 19.82 -8.17
CA ILE E 148 -21.44 19.28 -7.05
C ILE E 148 -21.15 20.38 -6.03
N ILE E 149 -20.71 21.55 -6.51
CA ILE E 149 -20.31 22.60 -5.58
C ILE E 149 -21.51 23.11 -4.78
N THR E 150 -22.65 23.31 -5.45
CA THR E 150 -23.83 23.78 -4.73
C THR E 150 -24.30 22.75 -3.71
N GLY E 151 -24.33 21.47 -4.08
CA GLY E 151 -24.74 20.45 -3.12
C GLY E 151 -23.76 20.33 -1.95
N TYR E 152 -22.47 20.49 -2.23
CA TYR E 152 -21.46 20.42 -1.18
C TYR E 152 -21.62 21.56 -0.19
N ILE E 153 -21.89 22.78 -0.68
CA ILE E 153 -22.19 23.88 0.22
C ILE E 153 -23.45 23.60 1.01
N GLY E 154 -24.46 23.01 0.37
CA GLY E 154 -25.74 22.82 1.02
C GLY E 154 -25.69 21.80 2.14
N GLN E 155 -24.94 20.71 1.97
CA GLN E 155 -24.99 19.62 2.94
C GLN E 155 -24.39 20.02 4.29
N PHE E 156 -23.59 21.10 4.35
CA PHE E 156 -23.09 21.60 5.62
C PHE E 156 -24.18 22.15 6.53
N TYR E 157 -25.37 22.40 5.99
CA TYR E 157 -26.45 23.02 6.76
C TYR E 157 -27.66 22.11 6.89
N GLU E 158 -27.47 20.79 6.75
CA GLU E 158 -28.59 19.86 6.82
C GLU E 158 -29.19 19.76 8.22
N VAL E 159 -28.60 20.39 9.22
CA VAL E 159 -29.16 20.41 10.57
C VAL E 159 -29.19 21.83 11.09
N SER E 160 -28.15 22.61 10.76
CA SER E 160 -28.05 23.96 11.29
C SER E 160 -29.05 24.89 10.64
N ASN E 161 -29.07 24.94 9.31
CA ASN E 161 -29.94 25.85 8.57
C ASN E 161 -30.67 25.04 7.49
N LEU E 162 -31.86 24.54 7.83
CA LEU E 162 -32.63 23.74 6.90
C LEU E 162 -32.98 24.52 5.63
N THR E 163 -33.20 25.83 5.75
CA THR E 163 -33.56 26.65 4.60
C THR E 163 -32.44 26.66 3.58
N ALA E 164 -31.21 26.94 4.03
CA ALA E 164 -30.07 26.92 3.11
C ALA E 164 -29.86 25.53 2.52
N PHE E 165 -30.03 24.49 3.34
CA PHE E 165 -30.01 23.11 2.87
C PHE E 165 -30.90 22.96 1.63
N LEU E 166 -32.18 23.32 1.77
CA LEU E 166 -33.13 23.12 0.68
C LEU E 166 -32.82 24.02 -0.52
N VAL E 167 -32.42 25.26 -0.27
CA VAL E 167 -32.18 26.20 -1.37
C VAL E 167 -31.00 25.74 -2.22
N TRP E 168 -29.89 25.35 -1.57
CA TRP E 168 -28.76 24.84 -2.33
C TRP E 168 -29.09 23.52 -3.01
N GLY E 169 -29.93 22.69 -2.38
CA GLY E 169 -30.37 21.47 -3.03
C GLY E 169 -31.12 21.75 -4.33
N ALA E 170 -32.03 22.74 -4.32
CA ALA E 170 -32.77 23.06 -5.53
C ALA E 170 -31.88 23.66 -6.60
N ILE E 171 -30.99 24.58 -6.21
CA ILE E 171 -30.06 25.16 -7.18
C ILE E 171 -29.19 24.07 -7.81
N SER E 172 -28.85 23.03 -7.04
CA SER E 172 -28.11 21.91 -7.61
C SER E 172 -28.98 21.07 -8.54
N SER E 173 -30.24 20.84 -8.15
CA SER E 173 -31.13 20.02 -8.97
C SER E 173 -31.36 20.64 -10.34
N ALA E 174 -31.27 21.97 -10.45
CA ALA E 174 -31.35 22.61 -11.76
C ALA E 174 -30.27 22.05 -12.71
N PHE E 175 -29.01 22.14 -12.28
CA PHE E 175 -27.92 21.62 -13.10
C PHE E 175 -28.05 20.11 -13.30
N PHE E 176 -28.60 19.41 -12.30
CA PHE E 176 -28.83 17.98 -12.45
C PHE E 176 -29.78 17.69 -13.61
N PHE E 177 -30.87 18.45 -13.69
CA PHE E 177 -31.82 18.29 -14.80
C PHE E 177 -31.15 18.60 -16.13
N HIS E 178 -30.30 19.63 -16.17
CA HIS E 178 -29.59 19.91 -17.43
C HIS E 178 -28.71 18.74 -17.85
N ILE E 179 -27.98 18.16 -16.88
CA ILE E 179 -27.14 16.99 -17.17
C ILE E 179 -27.99 15.85 -17.72
N LEU E 180 -29.15 15.61 -17.10
CA LEU E 180 -30.01 14.52 -17.55
C LEU E 180 -30.49 14.74 -18.97
N TRP E 181 -30.91 15.97 -19.29
CA TRP E 181 -31.36 16.29 -20.64
C TRP E 181 -30.25 16.03 -21.66
N VAL E 182 -29.05 16.53 -21.38
CA VAL E 182 -27.94 16.36 -22.32
C VAL E 182 -27.61 14.88 -22.48
N MET E 183 -27.65 14.11 -21.40
CA MET E 183 -27.32 12.69 -21.47
C MET E 183 -28.36 11.92 -22.28
N LYS E 184 -29.64 12.25 -22.12
CA LYS E 184 -30.66 11.62 -22.95
C LYS E 184 -30.42 11.92 -24.42
N LYS E 185 -30.08 13.17 -24.73
CA LYS E 185 -29.71 13.52 -26.11
C LYS E 185 -28.56 12.64 -26.59
N VAL E 186 -27.52 12.49 -25.76
CA VAL E 186 -26.34 11.73 -26.15
C VAL E 186 -26.72 10.29 -26.48
N ILE E 187 -27.53 9.67 -25.62
CA ILE E 187 -27.86 8.26 -25.82
C ILE E 187 -28.74 8.07 -27.06
N ASN E 188 -29.71 8.98 -27.26
CA ASN E 188 -30.54 8.89 -28.45
C ASN E 188 -29.73 9.06 -29.73
N GLU E 189 -28.74 9.96 -29.70
CA GLU E 189 -27.88 10.11 -30.87
C GLU E 189 -26.97 8.91 -31.06
N GLY E 190 -26.55 8.27 -29.96
CA GLY E 190 -25.67 7.12 -30.07
C GLY E 190 -26.37 5.88 -30.56
N LYS E 191 -27.68 5.76 -30.32
CA LYS E 191 -28.42 4.61 -30.83
C LYS E 191 -28.47 4.57 -32.35
N GLU E 192 -28.32 5.70 -33.02
CA GLU E 192 -28.49 5.75 -34.47
C GLU E 192 -27.32 5.09 -35.18
N GLY E 193 -27.61 4.13 -36.04
CA GLY E 193 -26.59 3.52 -36.87
C GLY E 193 -25.80 2.41 -36.23
N ILE E 194 -26.32 1.77 -35.19
CA ILE E 194 -25.67 0.63 -34.55
C ILE E 194 -26.66 -0.52 -34.48
N SER E 195 -26.12 -1.74 -34.40
CA SER E 195 -26.94 -2.94 -34.39
C SER E 195 -27.86 -2.96 -33.18
N PRO E 196 -28.99 -3.67 -33.27
CA PRO E 196 -29.96 -3.70 -32.16
C PRO E 196 -29.38 -4.14 -30.83
N ALA E 197 -28.31 -4.94 -30.83
CA ALA E 197 -27.67 -5.30 -29.56
C ALA E 197 -27.07 -4.08 -28.88
N GLY E 198 -26.38 -3.23 -29.65
CA GLY E 198 -25.85 -2.00 -29.08
C GLY E 198 -26.96 -1.07 -28.60
N GLN E 199 -28.08 -1.05 -29.32
CA GLN E 199 -29.21 -0.23 -28.90
C GLN E 199 -29.81 -0.74 -27.58
N LYS E 200 -29.88 -2.06 -27.43
CA LYS E 200 -30.33 -2.65 -26.17
C LYS E 200 -29.38 -2.27 -25.02
N ILE E 201 -28.07 -2.39 -25.26
CA ILE E 201 -27.10 -2.01 -24.24
C ILE E 201 -27.25 -0.53 -23.89
N LEU E 202 -27.50 0.31 -24.89
CA LEU E 202 -27.61 1.75 -24.64
C LEU E 202 -28.86 2.08 -23.84
N SER E 203 -29.97 1.40 -24.12
CA SER E 203 -31.18 1.60 -23.33
C SER E 203 -30.97 1.17 -21.88
N ASN E 204 -30.29 0.03 -21.69
CA ASN E 204 -29.96 -0.40 -20.33
C ASN E 204 -29.09 0.62 -19.62
N ILE E 205 -28.10 1.18 -20.34
CA ILE E 205 -27.24 2.22 -19.77
C ILE E 205 -28.06 3.44 -19.37
N TRP E 206 -29.05 3.80 -20.20
CA TRP E 206 -29.90 4.95 -19.88
C TRP E 206 -30.68 4.71 -18.59
N ILE E 207 -31.29 3.53 -18.47
CA ILE E 207 -32.07 3.23 -17.27
C ILE E 207 -31.18 3.24 -16.03
N LEU E 208 -30.02 2.57 -16.12
CA LEU E 208 -29.11 2.50 -14.99
C LEU E 208 -28.62 3.89 -14.59
N PHE E 209 -28.20 4.68 -15.58
CA PHE E 209 -27.80 6.07 -15.33
C PHE E 209 -28.88 6.81 -14.56
N LEU E 210 -30.11 6.79 -15.08
CA LEU E 210 -31.20 7.52 -14.45
C LEU E 210 -31.35 7.12 -12.99
N ILE E 211 -31.52 5.83 -12.73
CA ILE E 211 -31.81 5.38 -11.36
C ILE E 211 -30.63 5.68 -10.44
N SER E 212 -29.43 5.23 -10.81
CA SER E 212 -28.29 5.34 -9.91
C SER E 212 -27.92 6.80 -9.65
N TRP E 213 -28.06 7.67 -10.66
CA TRP E 213 -27.75 9.07 -10.44
C TRP E 213 -28.83 9.76 -9.61
N THR E 214 -30.09 9.35 -9.76
CA THR E 214 -31.15 9.90 -8.93
C THR E 214 -30.97 9.48 -7.46
N LEU E 215 -30.31 8.35 -7.23
CA LEU E 215 -30.12 7.90 -5.85
C LEU E 215 -29.36 8.90 -4.99
N TYR E 216 -28.53 9.77 -5.59
CA TYR E 216 -27.67 10.63 -4.78
C TYR E 216 -28.43 11.75 -4.09
N PRO E 217 -29.30 12.52 -4.75
CA PRO E 217 -30.13 13.46 -3.98
C PRO E 217 -31.05 12.76 -2.98
N GLY E 218 -31.40 11.51 -3.25
CA GLY E 218 -32.11 10.72 -2.25
C GLY E 218 -31.33 10.62 -0.95
N ALA E 219 -30.03 10.30 -1.05
CA ALA E 219 -29.19 10.26 0.14
C ALA E 219 -28.99 11.67 0.72
N TYR E 220 -28.94 12.68 -0.14
CA TYR E 220 -28.90 14.07 0.33
C TYR E 220 -30.05 14.37 1.28
N LEU E 221 -31.27 13.98 0.90
CA LEU E 221 -32.46 14.28 1.68
C LEU E 221 -32.81 13.21 2.73
N MET E 222 -32.12 12.07 2.71
CA MET E 222 -32.46 10.91 3.54
C MET E 222 -32.90 11.22 4.98
N PRO E 223 -32.21 12.07 5.76
CA PRO E 223 -32.68 12.31 7.13
C PRO E 223 -34.05 12.93 7.25
N TYR E 224 -34.61 13.47 6.16
CA TYR E 224 -35.86 14.21 6.21
C TYR E 224 -36.95 13.63 5.32
N LEU E 225 -36.72 12.46 4.71
CA LEU E 225 -37.72 11.88 3.83
C LEU E 225 -38.98 11.45 4.56
N THR E 226 -38.94 11.34 5.89
CA THR E 226 -40.13 11.15 6.71
C THR E 226 -40.43 12.38 7.56
N GLY E 227 -39.97 13.55 7.14
CA GLY E 227 -40.23 14.78 7.85
C GLY E 227 -39.37 14.93 9.09
N VAL E 228 -39.51 16.10 9.71
CA VAL E 228 -38.79 16.38 10.96
C VAL E 228 -39.30 15.46 12.05
N ASP E 229 -38.37 14.88 12.81
CA ASP E 229 -38.69 13.94 13.89
C ASP E 229 -39.42 12.71 13.34
N GLY E 230 -39.02 12.27 12.15
CA GLY E 230 -39.61 11.10 11.54
C GLY E 230 -38.84 9.83 11.81
N PHE E 231 -39.33 8.74 11.22
CA PHE E 231 -38.67 7.44 11.39
C PHE E 231 -37.26 7.44 10.81
N LEU E 232 -37.04 8.19 9.73
CA LEU E 232 -35.73 8.23 9.10
C LEU E 232 -34.75 9.17 9.79
N TYR E 233 -35.23 10.08 10.64
CA TYR E 233 -34.32 10.90 11.45
C TYR E 233 -33.91 10.10 12.68
N SER E 234 -33.14 9.04 12.43
CA SER E 234 -32.70 8.11 13.45
C SER E 234 -31.46 7.40 12.95
N GLU E 235 -31.03 6.37 13.68
CA GLU E 235 -29.92 5.54 13.21
C GLU E 235 -30.30 4.75 11.96
N ASP E 236 -31.59 4.42 11.82
CA ASP E 236 -32.07 3.79 10.60
C ASP E 236 -31.80 4.69 9.39
N GLY E 237 -31.94 6.00 9.57
CA GLY E 237 -31.65 6.92 8.48
C GLY E 237 -30.18 6.99 8.12
N VAL E 238 -29.31 6.90 9.11
CA VAL E 238 -27.87 6.84 8.84
C VAL E 238 -27.54 5.59 8.04
N MET E 239 -28.07 4.45 8.48
CA MET E 239 -27.88 3.19 7.76
C MET E 239 -28.37 3.32 6.32
N ALA E 240 -29.57 3.88 6.15
CA ALA E 240 -30.15 3.99 4.81
C ALA E 240 -29.33 4.92 3.94
N ARG E 241 -28.86 6.04 4.49
CA ARG E 241 -28.04 6.98 3.73
C ARG E 241 -26.79 6.29 3.19
N GLN E 242 -26.04 5.61 4.07
CA GLN E 242 -24.80 5.00 3.60
C GLN E 242 -25.06 3.80 2.68
N LEU E 243 -26.16 3.07 2.91
CA LEU E 243 -26.50 1.97 2.02
C LEU E 243 -26.85 2.46 0.62
N VAL E 244 -27.65 3.53 0.53
CA VAL E 244 -27.97 4.11 -0.77
C VAL E 244 -26.72 4.65 -1.44
N TYR E 245 -25.83 5.27 -0.66
CA TYR E 245 -24.56 5.74 -1.21
C TYR E 245 -23.78 4.59 -1.83
N THR E 246 -23.69 3.46 -1.12
CA THR E 246 -22.93 2.33 -1.65
C THR E 246 -23.56 1.76 -2.91
N ILE E 247 -24.89 1.59 -2.89
CA ILE E 247 -25.59 1.06 -4.07
C ILE E 247 -25.37 1.97 -5.27
N ALA E 248 -25.54 3.28 -5.07
CA ALA E 248 -25.38 4.23 -6.16
C ALA E 248 -23.94 4.29 -6.65
N ASP E 249 -22.97 4.23 -5.74
CA ASP E 249 -21.57 4.18 -6.14
C ASP E 249 -21.31 3.00 -7.06
N VAL E 250 -21.64 1.79 -6.57
CA VAL E 250 -21.40 0.58 -7.36
C VAL E 250 -22.09 0.69 -8.72
N SER E 251 -23.37 1.04 -8.73
CA SER E 251 -24.13 1.05 -9.98
C SER E 251 -23.58 2.09 -10.96
N SER E 252 -23.40 3.34 -10.50
CA SER E 252 -23.02 4.42 -11.39
C SER E 252 -21.58 4.33 -11.86
N LYS E 253 -20.72 3.62 -11.15
CA LYS E 253 -19.32 3.48 -11.53
C LYS E 253 -19.05 2.11 -12.15
N VAL E 254 -19.10 1.03 -11.37
CA VAL E 254 -18.62 -0.27 -11.83
C VAL E 254 -19.52 -0.81 -12.93
N ILE E 255 -20.83 -0.88 -12.66
CA ILE E 255 -21.76 -1.49 -13.60
C ILE E 255 -21.87 -0.63 -14.86
N TYR E 256 -21.84 0.69 -14.69
CA TYR E 256 -21.83 1.61 -15.83
C TYR E 256 -20.61 1.34 -16.71
N GLY E 257 -19.43 1.20 -16.10
CA GLY E 257 -18.23 0.91 -16.87
C GLY E 257 -18.30 -0.43 -17.57
N VAL E 258 -18.88 -1.44 -16.91
CA VAL E 258 -18.98 -2.76 -17.51
C VAL E 258 -19.92 -2.73 -18.73
N LEU E 259 -21.05 -2.02 -18.60
CA LEU E 259 -21.96 -1.92 -19.74
C LEU E 259 -21.34 -1.13 -20.89
N LEU E 260 -20.59 -0.07 -20.57
CA LEU E 260 -19.85 0.65 -21.60
C LEU E 260 -18.84 -0.25 -22.29
N GLY E 261 -18.15 -1.09 -21.52
CA GLY E 261 -17.19 -2.02 -22.11
C GLY E 261 -17.85 -3.04 -23.01
N ASN E 262 -19.01 -3.56 -22.59
CA ASN E 262 -19.74 -4.49 -23.44
C ASN E 262 -20.19 -3.82 -24.74
N LEU E 263 -20.68 -2.58 -24.64
CA LEU E 263 -21.05 -1.84 -25.84
C LEU E 263 -19.85 -1.65 -26.76
N ALA E 264 -18.69 -1.30 -26.20
CA ALA E 264 -17.49 -1.16 -27.01
C ALA E 264 -17.08 -2.46 -27.67
N ILE E 265 -17.26 -3.58 -26.96
CA ILE E 265 -16.99 -4.90 -27.54
C ILE E 265 -17.89 -5.14 -28.74
N THR E 266 -19.19 -4.88 -28.58
CA THR E 266 -20.13 -5.13 -29.67
C THR E 266 -19.84 -4.25 -30.87
N LEU E 267 -19.51 -2.97 -30.64
CA LEU E 267 -19.19 -2.09 -31.76
C LEU E 267 -17.83 -2.38 -32.38
N SER E 268 -17.00 -3.19 -31.74
CA SER E 268 -15.67 -3.47 -32.27
C SER E 268 -15.74 -4.43 -33.45
N LYS E 269 -14.75 -4.35 -34.32
CA LYS E 269 -14.69 -5.19 -35.50
C LYS E 269 -14.02 -6.53 -35.18
C1 RET F . -24.63 -18.63 5.80
C2 RET F . -25.80 -18.59 6.80
C3 RET F . -26.21 -19.92 7.34
C4 RET F . -26.50 -20.88 6.23
C5 RET F . -25.72 -20.69 4.97
C6 RET F . -24.78 -19.74 4.77
C7 RET F . -23.74 -20.02 3.76
C8 RET F . -23.02 -19.19 3.00
C9 RET F . -21.99 -19.61 2.04
C10 RET F . -21.03 -18.72 1.71
C11 RET F . -19.92 -18.90 0.80
C12 RET F . -18.88 -18.04 0.84
C13 RET F . -17.69 -18.08 0.00
C14 RET F . -16.74 -17.19 0.27
C15 RET F . -15.45 -17.02 -0.41
C16 RET F . -24.71 -17.20 5.25
C17 RET F . -23.32 -18.71 6.59
C18 RET F . -25.88 -21.92 4.13
C19 RET F . -22.05 -20.98 1.45
C20 RET F . -17.61 -19.10 -1.07
NA NA G . -4.88 -6.26 21.35
C10 OLC H . -2.87 -28.44 4.42
C9 OLC H . -1.76 -27.86 3.95
C11 OLC H . -2.96 -28.37 5.97
C8 OLC H . -0.79 -27.41 2.79
C24 OLC H . -2.72 -29.52 -7.52
C7 OLC H . -0.45 -28.65 1.89
C6 OLC H . -0.08 -28.15 0.44
C5 OLC H . -1.34 -27.47 -0.20
C4 OLC H . -0.88 -26.46 -1.30
C3 OLC H . -1.65 -26.75 -2.62
C2 OLC H . -1.84 -25.40 -3.39
C21 OLC H . -2.73 -27.39 -6.21
C1 OLC H . -2.77 -25.63 -4.61
C22 OLC H . -3.58 -28.57 -6.69
O25 OLC H . -3.03 -29.36 -8.89
O20 OLC H . -3.20 -26.94 -4.94
C18 OLC I . 0.74 -3.63 4.59
C10 OLC I . -3.01 -4.97 -3.69
C9 OLC I . -3.64 -3.96 -4.33
C17 OLC I . -0.57 -4.30 4.10
C11 OLC I . -2.96 -4.76 -2.15
C8 OLC I . -4.16 -3.24 -5.62
C24 OLC I . -1.59 -6.73 -16.74
C16 OLC I . -1.01 -3.68 2.76
C12 OLC I . -1.72 -3.92 -1.76
C7 OLC I . -4.78 -4.29 -6.59
C15 OLC I . 0.08 -3.90 1.70
C13 OLC I . -1.04 -4.51 -0.50
C6 OLC I . -3.67 -4.84 -7.55
C14 OLC I . -0.39 -3.37 0.32
C5 OLC I . -3.02 -3.66 -8.33
C4 OLC I . -4.03 -3.10 -9.37
C3 OLC I . -3.36 -3.01 -10.78
C2 OLC I . -2.45 -4.26 -11.02
C21 OLC I . -2.27 -5.74 -14.54
C1 OLC I . -2.83 -4.90 -12.38
C22 OLC I . -1.12 -6.36 -15.33
O25 OLC I . -1.24 -8.06 -17.02
O20 OLC I . -1.81 -5.32 -13.27
C10 OLC J . -29.55 -9.78 -8.45
C9 OLC J . -30.03 -10.16 -9.65
C11 OLC J . -30.37 -10.39 -7.27
C8 OLC J . -31.03 -10.95 -10.57
C12 OLC J . -30.26 -9.45 -6.02
C7 OLC J . -30.67 -10.71 -12.06
C15 OLC J . -33.30 -8.89 -3.76
C13 OLC J . -31.31 -9.89 -4.96
C14 OLC J . -31.85 -8.63 -4.24
C10 OLC K . -1.59 -20.19 -1.55
C9 OLC K . -1.56 -19.65 -2.79
C11 OLC K . -1.70 -21.74 -1.59
C8 OLC K . -1.58 -19.74 -4.35
C24 OLC K . -0.03 -25.90 -14.31
C12 OLC K . -1.16 -22.33 -0.25
C7 OLC K . -0.36 -20.57 -4.83
C15 OLC K . -2.43 -22.85 3.29
C13 OLC K . -2.31 -22.42 0.79
C6 OLC K . -0.85 -21.80 -5.66
C14 OLC K . -1.91 -23.40 1.93
C5 OLC K . 0.29 -22.25 -6.63
C4 OLC K . 0.08 -23.75 -7.01
C3 OLC K . -0.21 -23.87 -8.53
C2 OLC K . 0.57 -25.09 -9.11
C21 OLC K . -0.05 -25.80 -11.80
C1 OLC K . -0.43 -26.21 -9.50
C22 OLC K . 0.55 -26.52 -13.03
O20 OLC K . -0.38 -26.76 -10.81
C18 OLC L . -38.20 -17.93 1.33
C10 OLC L . -35.90 -20.04 -5.27
C9 OLC L . -36.16 -19.98 -6.59
C17 OLC L . -37.92 -19.41 1.65
C11 OLC L . -35.37 -21.44 -4.86
C8 OLC L . -36.23 -20.61 -8.03
C24 OLC L . -34.08 -15.66 -16.72
C16 OLC L . -36.94 -19.99 0.59
C12 OLC L . -35.14 -21.48 -3.31
C7 OLC L . -36.02 -19.52 -9.12
C15 OLC L . -37.73 -20.77 -0.48
C13 OLC L . -36.30 -20.76 -2.58
C6 OLC L . -35.28 -18.28 -8.51
C14 OLC L . -36.75 -21.59 -1.36
C5 OLC L . -34.20 -17.77 -9.50
C4 OLC L . -34.88 -17.24 -10.80
C3 OLC L . -35.30 -15.75 -10.58
C2 OLC L . -35.13 -14.94 -11.89
C21 OLC L . -34.23 -17.08 -14.65
C1 OLC L . -34.04 -15.61 -12.78
C22 OLC L . -34.33 -17.07 -16.18
O25 OLC L . -33.49 -15.74 -18.00
O20 OLC L . -34.27 -15.74 -14.18
C24 OLC M . -38.81 -14.70 17.91
C6 OLC M . -39.65 -13.93 8.12
C5 OLC M . -38.54 -14.46 9.07
C4 OLC M . -38.47 -13.57 10.36
C3 OLC M . -38.62 -14.46 11.62
C2 OLC M . -37.70 -13.92 12.75
C21 OLC M . -37.83 -13.62 15.87
C1 OLC M . -37.62 -14.95 13.90
C22 OLC M . -38.71 -13.40 17.10
O25 OLC M . -39.25 -14.41 19.22
O23 OLC M . -38.16 -12.40 17.89
O20 OLC M . -38.32 -14.72 15.11
C18 OLC N . -11.66 -29.08 10.33
C10 OLC N . -17.18 -28.72 15.42
C9 OLC N . -17.42 -30.04 15.54
C17 OLC N . -11.88 -29.40 11.82
C11 OLC N . -15.73 -28.43 14.94
C8 OLC N . -18.34 -31.26 15.88
C16 OLC N . -11.09 -28.38 12.68
C12 OLC N . -14.70 -28.98 15.98
C7 OLC N . -18.93 -31.09 17.32
C15 OLC N . -11.48 -28.54 14.17
C13 OLC N . -13.37 -28.20 15.86
C6 OLC N . -19.55 -32.45 17.80
C14 OLC N . -12.96 -28.12 14.35
C5 OLC N . -21.09 -32.43 17.53
C4 OLC N . -21.78 -33.52 18.40
C3 OLC N . -21.68 -33.13 19.91
C2 OLC N . -23.05 -33.37 20.60
C21 OLC N . -24.89 -31.83 22.12
C1 OLC N . -22.91 -33.15 22.12
O20 OLC N . -23.72 -32.20 22.81
C8 OLC O . -34.85 -6.63 6.18
C24 OLC O . -36.53 -8.53 17.46
C7 OLC O . -35.82 -6.48 7.39
C6 OLC O . -35.00 -6.43 8.72
C5 OLC O . -35.34 -7.68 9.60
C4 OLC O . -34.90 -7.43 11.07
C3 OLC O . -35.77 -8.29 12.03
C2 OLC O . -35.10 -9.68 12.22
C21 OLC O . -35.52 -10.26 15.95
C1 OLC O . -35.53 -10.29 13.58
C22 OLC O . -35.26 -9.34 17.16
O25 OLC O . -36.35 -7.21 17.00
O23 OLC O . -34.93 -10.11 18.28
O20 OLC O . -35.36 -9.52 14.76
C9 OLC P . -7.63 -26.47 16.48
C8 OLC P . -8.77 -27.25 17.23
C7 OLC P . -9.80 -26.23 17.82
C6 OLC P . -9.81 -26.31 19.38
C5 OLC P . -8.35 -26.49 19.92
C4 OLC P . -8.40 -27.13 21.34
C3 OLC P . -7.27 -26.51 22.23
C9 OLC Q . -4.69 -23.32 6.19
C8 OLC Q . -5.27 -23.55 7.63
C24 OLC Q . -4.29 -26.38 20.09
C7 OLC Q . -4.60 -24.81 8.28
C6 OLC Q . -4.13 -24.47 9.73
C5 OLC Q . -4.02 -25.78 10.57
C4 OLC Q . -3.24 -25.49 11.89
C3 OLC Q . -4.05 -26.01 13.12
C2 OLC Q . -3.19 -25.88 14.41
C21 OLC Q . -3.21 -26.04 17.87
C1 OLC Q . -3.98 -26.39 15.63
C22 OLC Q . -3.63 -25.36 19.17
O25 OLC Q . -3.81 -26.23 21.40
O23 OLC Q . -2.50 -24.83 19.80
O20 OLC Q . -4.05 -25.59 16.81
C14 LFA R . -32.05 -29.56 -3.43
C15 LFA R . -30.83 -30.16 -2.73
C16 LFA R . -29.71 -30.34 -3.74
C17 LFA R . -28.61 -31.22 -3.14
C18 LFA R . -27.44 -31.32 -4.11
C19 LFA R . -27.72 -32.41 -5.15
C20 LFA R . -27.92 -31.77 -6.52
C1 LFA S . -10.69 -29.61 2.97
C2 LFA S . -11.02 -29.17 1.55
C3 LFA S . -11.75 -30.30 0.82
C4 LFA S . -10.76 -31.08 -0.05
C5 LFA S . -11.49 -31.69 -1.24
C6 LFA S . -10.51 -32.49 -2.09
C7 LFA S . -10.93 -32.41 -3.55
C8 LFA S . -9.72 -32.03 -4.40
C13 LFA T . -24.37 -28.11 7.85
C14 LFA T . -23.00 -28.75 7.99
C15 LFA T . -22.46 -28.51 9.40
C16 LFA T . -21.16 -29.29 9.60
C17 LFA T . -20.01 -28.55 8.92
C18 LFA T . -18.68 -29.03 9.50
C19 LFA T . -18.58 -28.62 10.96
C20 LFA T . -17.22 -29.03 11.52
C17 LFA U . -37.80 -22.02 8.52
C18 LFA U . -37.75 -21.26 7.20
C19 LFA U . -37.79 -22.24 6.03
C20 LFA U . -37.78 -21.47 4.72
C1 LFA V . -28.02 -23.78 9.19
C2 LFA V . -29.41 -24.37 9.49
C3 LFA V . -29.86 -23.90 10.87
C4 LFA V . -30.83 -24.91 11.47
C5 LFA V . -32.26 -24.56 11.05
C6 LFA V . -33.23 -25.17 12.06
C1 LFA W . -35.49 -26.84 -7.50
C2 LFA W . -34.72 -27.70 -6.49
C3 LFA W . -34.20 -26.81 -5.37
C4 LFA W . -35.38 -26.29 -4.55
C5 LFA W . -34.87 -25.21 -3.59
C6 LFA W . -35.71 -25.23 -2.31
C7 LFA W . -35.15 -26.28 -1.36
C8 LFA W . -35.85 -26.16 0.00
C9 LFA W . -35.01 -26.87 1.07
C10 LFA W . -35.33 -26.27 2.44
C11 LFA W . -34.25 -26.68 3.44
C12 LFA W . -34.46 -25.95 4.76
C13 LFA W . -33.21 -26.09 5.62
C14 LFA W . -33.52 -26.96 6.84
C15 LFA W . -32.33 -26.92 7.81
C16 LFA W . -32.69 -27.68 9.08
C18 OLC X . -28.63 -7.00 -3.21
C10 OLC X . -23.14 -8.89 -9.30
C9 OLC X . -22.78 -8.25 -10.42
C17 OLC X . -27.66 -6.52 -4.33
C11 OLC X . -24.68 -9.09 -9.17
C8 OLC X . -23.08 -7.54 -11.79
C16 OLC X . -27.17 -7.75 -5.14
C12 OLC X . -24.96 -10.19 -8.09
C7 OLC X . -21.74 -7.43 -12.61
C15 OLC X . -25.72 -7.50 -5.61
C13 OLC X . -25.89 -9.62 -6.98
C6 OLC X . -21.99 -6.67 -13.96
C14 OLC X . -25.03 -8.84 -5.94
C5 OLC X . -23.43 -6.98 -14.51
C4 OLC X . -23.36 -7.26 -16.03
C3 OLC X . -22.53 -8.57 -16.26
C2 OLC X . -23.44 -9.67 -16.88
C1 OLC X . -23.43 -9.54 -18.42
O20 OLC X . -22.27 -9.07 -19.10
C1 LFA Y . -36.56 -23.40 12.14
C2 LFA Y . -35.81 -22.86 13.37
C3 LFA Y . -36.71 -22.97 14.59
C4 LFA Y . -35.95 -22.47 15.82
C5 LFA Y . -36.70 -22.91 17.08
C6 LFA Y . -36.01 -22.32 18.32
C7 LFA Y . -36.86 -22.65 19.55
C8 LFA Y . -36.13 -22.21 20.82
C9 LFA Y . -36.76 -22.88 22.03
C10 OLC Z . 1.88 -5.77 -2.37
C9 OLC Z . 1.97 -6.38 -3.58
C17 OLC Z . 4.34 0.12 3.36
C11 OLC Z . 2.50 -4.34 -2.39
C8 OLC Z . 2.42 -6.42 -5.08
C24 OLC Z . 3.29 -8.95 -15.53
C16 OLC Z . 3.98 -1.18 2.61
C12 OLC Z . 3.03 -3.99 -0.96
C7 OLC Z . 1.82 -7.69 -5.77
C15 OLC Z . 3.68 -0.88 1.12
C13 OLC Z . 3.06 -2.45 -0.78
C6 OLC Z . 0.27 -7.68 -5.64
C14 OLC Z . 4.16 -2.06 0.25
C5 OLC Z . -0.35 -6.77 -6.75
C4 OLC Z . -0.54 -7.61 -8.06
C3 OLC Z . 0.04 -6.82 -9.27
C2 OLC Z . 1.36 -7.49 -9.73
C21 OLC Z . 2.24 -8.58 -13.28
C1 OLC Z . 1.24 -7.95 -11.21
C22 OLC Z . 3.52 -8.43 -14.11
O25 OLC Z . 4.51 -9.35 -16.09
O20 OLC Z . 2.37 -7.85 -12.07
C1 RET AA . 10.40 -26.63 13.48
C2 RET AA . 10.18 -27.34 14.82
C3 RET AA . 11.40 -27.96 15.41
C4 RET AA . 12.05 -28.89 14.42
C5 RET AA . 11.91 -28.53 12.99
C6 RET AA . 11.25 -27.46 12.51
C7 RET AA . 11.67 -26.93 11.20
C8 RET AA . 10.99 -26.25 10.26
C9 RET AA . 11.54 -25.78 8.98
C10 RET AA . 10.95 -24.73 8.38
C11 RET AA . 11.31 -24.10 7.12
C12 RET AA . 10.84 -22.88 6.82
C13 RET AA . 11.12 -22.12 5.61
C14 RET AA . 10.62 -20.89 5.54
C15 RET AA . 10.77 -19.92 4.43
C16 RET AA . 8.95 -26.42 13.06
C17 RET AA . 10.98 -25.24 13.73
C18 RET AA . 12.91 -29.31 12.20
C19 RET AA . 12.72 -26.47 8.39
C20 RET AA . 11.91 -22.76 4.53
NA NA BA . 8.03 0.23 21.22
C10 OLC CA . -3.87 -32.66 8.57
C9 OLC CA . -3.14 -32.62 7.43
C11 OLC CA . -3.10 -32.16 9.82
C8 OLC CA . -1.83 -32.33 6.62
C24 OLC CA . -3.71 -32.63 -5.14
C12 OLC CA . -3.47 -33.08 11.02
C7 OLC CA . -1.93 -33.01 5.21
C13 OLC CA . -3.56 -32.24 12.33
C6 OLC CA . -2.04 -31.92 4.10
C14 OLC CA . -2.47 -32.71 13.32
C5 OLC CA . -2.37 -32.59 2.73
C4 OLC CA . -1.04 -32.93 1.97
C3 OLC CA . -1.10 -34.39 1.45
C2 OLC CA . -0.97 -34.37 -0.11
C21 OLC CA . -2.80 -32.70 -2.80
C1 OLC CA . -1.89 -33.27 -0.67
C22 OLC CA . -3.01 -33.50 -4.10
O25 OLC CA . -4.11 -33.43 -6.23
O23 OLC CA . -1.77 -33.92 -4.58
O20 OLC CA . -2.83 -33.59 -1.70
C10 OLC DA . 1.60 -37.84 20.18
C9 OLC DA . 2.18 -37.14 21.18
C11 OLC DA . 1.19 -36.94 18.98
C8 OLC DA . 2.70 -35.81 21.83
C12 OLC DA . 0.58 -37.82 17.85
C7 OLC DA . 2.33 -35.80 23.35
C13 OLC DA . 0.62 -37.03 16.50
C6 OLC DA . 3.19 -34.71 24.09
C5 OLC DA . 3.66 -35.27 25.47
C4 OLC DA . 4.47 -34.17 26.24
C3 OLC DA . 3.59 -33.59 27.39
C2 OLC DA . 4.14 -34.10 28.76
C1 OLC DA . 3.09 -33.87 29.86
C10 OLC EA . 15.71 -33.11 20.82
C9 OLC EA . 15.29 -33.79 21.91
C11 OLC EA . 14.56 -32.24 20.23
C8 OLC EA . 14.21 -34.21 22.95
C12 OLC EA . 14.93 -31.80 18.78
C7 OLC EA . 14.37 -35.71 23.34
C13 OLC EA . 14.14 -30.51 18.41
C6 OLC EA . 12.95 -36.39 23.36
C14 OLC EA . 14.68 -29.93 17.09
C5 OLC EA . 12.11 -35.77 24.52
C4 OLC EA . 12.85 -35.92 25.88
C3 OLC EA . 12.15 -35.03 26.96
C2 OLC EA . 13.22 -34.43 27.91
C1 OLC EA . 12.53 -33.68 29.07
C9 OLC FA . -3.61 -31.61 16.44
C8 OLC FA . -4.13 -30.67 17.58
C7 OLC FA . -3.60 -31.19 18.96
C6 OLC FA . -3.35 -29.98 19.92
C5 OLC FA . -2.61 -30.49 21.20
C4 OLC FA . -2.81 -29.46 22.36
C3 OLC FA . -1.43 -29.15 23.02
C2 OLC FA . -1.20 -30.10 24.23
C21 OLC FA . 0.12 -30.14 26.74
C1 OLC FA . 0.32 -30.38 24.38
C22 OLC FA . 0.90 -30.34 28.05
O23 OLC FA . 0.75 -29.21 28.86
O20 OLC FA . 0.89 -30.62 25.66
C12 LFA GA . 20.60 -36.90 6.24
C13 LFA GA . 19.39 -37.07 5.34
C14 LFA GA . 19.51 -38.38 4.56
C15 LFA GA . 20.35 -38.15 3.30
C16 LFA GA . 20.12 -39.27 2.31
C17 LFA GA . 21.33 -40.21 2.28
C18 LFA GA . 21.23 -41.15 1.09
C19 LFA GA . 21.78 -40.47 -0.16
C20 LFA GA . 23.23 -40.06 0.08
C1 LFA HA . 24.86 -19.18 5.09
C2 LFA HA . 24.63 -19.39 3.60
C3 LFA HA . 24.31 -20.87 3.36
C4 LFA HA . 25.45 -21.51 2.55
C5 LFA HA . 25.28 -21.17 1.07
C6 LFA HA . 26.11 -22.14 0.24
C7 LFA HA . 26.03 -21.75 -1.24
C8 LFA HA . 26.85 -22.73 -2.07
C1 LFA IA . 22.47 -23.71 15.88
C2 LFA IA . 23.39 -24.74 15.24
C3 LFA IA . 22.75 -25.28 13.97
C4 LFA IA . 23.76 -25.24 12.83
C5 LFA IA . 23.30 -26.15 11.68
C6 LFA IA . 24.44 -26.30 10.67
C7 LFA IA . 24.00 -27.22 9.54
C8 LFA IA . 24.54 -28.63 9.80
C9 LFA IA . 24.35 -29.49 8.54
C10 LFA IA . 25.63 -29.45 7.70
C14 LFA JA . 21.08 -27.42 16.49
C15 LFA JA . 19.68 -27.81 16.02
C16 LFA JA . 19.39 -29.25 16.45
C17 LFA JA . 18.28 -29.83 15.58
C18 LFA JA . 18.87 -30.28 14.25
C19 LFA JA . 17.78 -30.94 13.41
C20 LFA JA . 17.10 -32.05 14.22
C10 OLC KA . 20.77 -9.80 -1.23
C9 OLC KA . 19.68 -9.29 -1.86
C11 OLC KA . 20.39 -10.57 0.06
C8 OLC KA . 18.13 -9.05 -1.99
C24 OLC KA . 21.57 -12.59 -12.98
C12 OLC KA . 20.55 -9.62 1.29
C7 OLC KA . 17.77 -8.74 -3.48
C13 OLC KA . 21.42 -10.34 2.38
C6 OLC KA . 16.83 -9.87 -4.03
C14 OLC KA . 21.45 -9.47 3.67
C5 OLC KA . 17.19 -10.19 -5.51
C4 OLC KA . 18.75 -10.30 -5.66
C3 OLC KA . 19.13 -10.37 -7.16
C2 OLC KA . 20.43 -11.21 -7.31
C21 OLC KA . 22.12 -11.79 -10.67
C1 OLC KA . 21.05 -10.99 -8.71
C22 OLC KA . 21.72 -13.02 -11.52
O25 OLC KA . 21.45 -13.74 -13.79
O23 OLC KA . 22.69 -14.00 -11.40
O20 OLC KA . 21.79 -12.03 -9.32
C10 OLC LA . 25.47 -9.07 2.71
C9 OLC LA . 26.00 -9.42 1.53
C11 OLC LA . 25.22 -10.28 3.65
C8 OLC LA . 26.55 -10.48 0.51
C24 OLC LA . 25.08 -14.67 -9.22
C12 OLC LA . 26.59 -10.82 4.18
C7 OLC LA . 26.02 -10.17 -0.92
C13 OLC LA . 26.41 -11.34 5.63
C6 OLC LA . 25.32 -11.45 -1.50
C5 OLC LA . 24.03 -11.05 -2.28
C4 OLC LA . 23.08 -12.28 -2.37
C3 OLC LA . 22.55 -12.43 -3.83
C2 OLC LA . 22.37 -13.93 -4.18
C21 OLC LA . 24.77 -15.22 -6.79
C1 OLC LA . 23.66 -14.48 -4.81
C22 OLC LA . 24.45 -15.66 -8.23
O25 OLC LA . 26.48 -14.64 -9.04
O23 OLC LA . 24.96 -16.93 -8.46
O20 OLC LA . 23.58 -15.24 -6.01
C1 LFA MA . 9.86 -40.17 16.44
C2 LFA MA . 8.84 -40.83 15.52
C3 LFA MA . 7.51 -40.07 15.59
C4 LFA MA . 6.61 -40.48 14.44
C5 LFA MA . 6.96 -39.66 13.19
C6 LFA MA . 7.66 -40.54 12.16
C7 LFA MA . 7.05 -40.33 10.79
C8 LFA MA . 7.81 -39.22 10.05
C9 LFA MA . 8.31 -39.75 8.71
C10 LFA MA . 7.13 -40.28 7.89
C11 LFA MA . 6.52 -39.14 7.07
C2 LFA NA . 20.47 -30.94 20.14
C3 LFA NA . 20.14 -30.81 21.63
C4 LFA NA . 18.84 -30.05 21.80
C5 LFA NA . 18.30 -30.22 23.22
C6 LFA NA . 18.62 -28.97 24.05
C7 LFA NA . 17.99 -29.12 25.43
C8 LFA NA . 18.62 -28.11 26.38
C9 LFA NA . 18.50 -28.62 27.82
C10 LFA NA . 17.40 -27.85 28.55
C11 LFA NA . 17.89 -27.47 29.95
C12 LFA NA . 18.19 -28.73 30.76
C10 OLC OA . 25.34 -8.53 13.85
C9 OLC OA . 25.46 -7.78 14.97
C11 OLC OA . 25.41 -7.68 12.55
C8 OLC OA . 25.52 -7.62 16.53
C24 OLC OA . 24.82 -11.13 19.75
C12 OLC OA . 24.58 -8.37 11.44
C7 OLC OA . 25.90 -6.15 16.89
C6 OLC OA . 25.59 -5.89 18.40
C5 OLC OA . 26.83 -6.30 19.27
C4 OLC OA . 27.18 -5.14 20.26
C3 OLC OA . 27.23 -5.70 21.71
C2 OLC OA . 25.85 -6.31 22.08
C21 OLC OA . 25.46 -9.23 21.25
C1 OLC OA . 26.07 -7.62 22.89
C22 OLC OA . 25.60 -10.74 21.00
O25 OLC OA . 24.82 -12.53 19.60
O20 OLC OA . 26.42 -8.82 22.21
C1 RET PA . 30.18 3.67 7.71
C2 RET PA . 30.96 3.66 9.05
C3 RET PA . 31.97 4.74 9.20
C4 RET PA . 32.93 4.73 8.04
C5 RET PA . 32.38 4.28 6.74
C6 RET PA . 31.10 3.88 6.52
C7 RET PA . 30.58 4.05 5.15
C8 RET PA . 29.60 3.39 4.51
C9 RET PA . 29.15 3.65 3.13
C10 RET PA . 27.90 3.29 2.80
C11 RET PA . 27.24 3.44 1.51
C12 RET PA . 25.91 3.33 1.43
C13 RET PA . 25.08 3.47 0.24
C14 RET PA . 23.76 3.44 0.40
C15 RET PA . 22.72 3.56 -0.65
C16 RET PA . 29.51 2.29 7.79
C17 RET PA . 29.07 4.70 7.80
C18 RET PA . 33.47 4.28 5.72
C19 RET PA . 30.08 4.28 2.17
C20 RET PA . 25.75 3.64 -1.07
NA NA QA . 6.02 14.04 16.86
C10 OLC RA . 0.75 3.05 -5.42
C9 OLC RA . 2.10 3.05 -5.53
C17 OLC RA . -4.30 3.69 1.89
C11 OLC RA . 0.28 3.86 -4.17
C8 OLC RA . 3.43 2.66 -6.24
C24 OLC RA . 4.52 -0.60 -16.51
C16 OLC RA . -4.10 3.21 0.43
C12 OLC RA . -0.90 3.11 -3.48
C7 OLC RA . 3.68 3.56 -7.49
C15 OLC RA . -2.77 3.77 -0.12
C13 OLC RA . -1.19 3.78 -2.10
C6 OLC RA . 3.97 2.67 -8.73
C14 OLC RA . -2.59 3.34 -1.60
C5 OLC RA . 5.14 1.69 -8.40
C4 OLC RA . 4.70 0.23 -8.75
C3 OLC RA . 5.42 -0.21 -10.06
C2 OLC RA . 4.41 -0.12 -11.24
C21 OLC RA . 3.58 0.00 -14.27
C1 OLC RA . 5.19 0.26 -12.54
C22 OLC RA . 3.32 -0.76 -15.58
O25 OLC RA . 4.19 -1.07 -17.80
O20 OLC RA . 4.86 -0.35 -13.78
C10 OLC SA . 14.56 11.96 -9.05
C9 OLC SA . 14.10 10.83 -9.64
C11 OLC SA . 13.84 13.23 -9.59
C8 OLC SA . 13.16 10.07 -10.63
C24 OLC SA . 17.77 9.59 -20.90
C16 OLC SA . 16.84 16.81 -5.35
C12 OLC SA . 14.57 14.53 -9.11
C7 OLC SA . 13.42 10.56 -12.09
C15 OLC SA . 16.08 15.56 -5.86
C13 OLC SA . 15.52 14.21 -7.92
C6 OLC SA . 14.95 10.77 -12.32
C14 OLC SA . 16.17 15.51 -7.41
C5 OLC SA . 15.28 10.49 -13.83
C4 OLC SA . 14.44 11.47 -14.71
C3 OLC SA . 15.39 12.36 -15.56
C2 OLC SA . 16.52 11.48 -16.18
C21 OLC SA . 16.81 10.84 -18.93
C1 OLC SA . 17.34 12.34 -17.17
C22 OLC SA . 18.04 10.09 -19.47
O25 OLC SA . 16.75 10.39 -21.49
O23 OLC SA . 19.14 10.94 -19.47
O20 OLC SA . 17.21 12.15 -18.56
C10 OLC TA . 41.91 -5.47 3.69
C9 OLC TA . 40.93 -6.11 3.00
C11 OLC TA . 41.41 -4.19 4.41
C8 OLC TA . 40.40 -7.26 2.10
C24 OLC TA . 38.62 -14.02 -5.27
C12 OLC TA . 41.08 -4.54 5.90
C7 OLC TA . 41.61 -8.14 1.63
C15 OLC TA . 42.56 -4.69 9.28
C13 OLC TA . 42.37 -4.43 6.76
C6 OLC TA . 41.64 -8.21 0.07
C14 OLC TA . 42.02 -3.79 8.13
C5 OLC TA . 41.26 -9.67 -0.39
C4 OLC TA . 39.81 -9.67 -0.98
C3 OLC TA . 38.78 -9.89 0.16
C2 OLC TA . 38.21 -11.33 0.10
C21 OLC TA . 38.30 -12.80 -3.10
C1 OLC TA . 37.49 -11.55 -1.25
C22 OLC TA . 37.64 -13.72 -4.12
O25 OLC TA . 38.04 -14.99 -6.13
O23 OLC TA . 37.27 -14.92 -3.51
O20 OLC TA . 37.55 -12.82 -1.90
C10 OLC UA . 38.00 -6.29 17.34
C9 OLC UA . 38.06 -5.07 17.90
C8 OLC UA . 38.84 -3.87 18.55
C24 OLC UA . 36.87 1.99 28.10
C7 OLC UA . 37.83 -2.79 19.05
C6 OLC UA . 36.87 -3.41 20.11
C5 OLC UA . 37.00 -2.59 21.45
C4 OLC UA . 36.66 -1.09 21.20
C3 OLC UA . 37.87 -0.21 21.60
C2 OLC UA . 38.06 -0.22 23.15
C21 OLC UA . 37.32 0.65 26.02
C1 OLC UA . 36.68 0.03 23.82
C22 OLC UA . 36.80 0.60 27.47
O25 OLC UA . 37.55 2.87 27.22
O23 OLC UA . 35.48 0.15 27.48
O20 OLC UA . 36.53 -0.20 25.21
C9 OLC VA . 20.90 22.90 7.09
C8 OLC VA . 21.88 22.44 8.21
C7 OLC VA . 22.17 23.62 9.20
C6 OLC VA . 20.89 24.52 9.33
C5 OLC VA . 21.26 25.82 10.12
C4 OLC VA . 20.00 26.37 10.85
C13 LFA WA . 29.82 15.02 -11.63
C14 LFA WA . 29.22 14.34 -10.40
C15 LFA WA . 29.19 15.34 -9.24
C16 LFA WA . 28.99 14.56 -7.94
C17 LFA WA . 28.47 15.50 -6.85
C18 LFA WA . 26.96 15.33 -6.72
C19 LFA WA . 26.56 15.49 -5.26
C20 LFA WA . 27.03 16.85 -4.73
C1 LFA XA . 33.15 -8.77 12.55
C2 LFA XA . 31.78 -8.96 13.19
C3 LFA XA . 31.24 -10.35 12.84
C4 LFA XA . 30.95 -10.43 11.35
C5 LFA XA . 30.70 -11.88 10.95
C6 LFA XA . 31.13 -12.11 9.50
C7 LFA XA . 30.03 -11.60 8.56
C8 LFA XA . 30.64 -11.31 7.18
C9 LFA XA . 29.98 -12.20 6.13
C10 LFA XA . 30.42 -11.73 4.75
C11 LFA XA . 29.87 -12.69 3.69
C12 LFA XA . 30.57 -12.43 2.35
C13 LFA XA . 29.99 -13.34 1.29
C14 LFA XA . 30.51 -12.92 -0.09
C15 LFA XA . 31.86 -13.58 -0.35
C16 LFA XA . 31.91 -14.13 -1.78
C17 LFA XA . 30.66 -14.97 -2.05
C18 LFA XA . 31.01 -16.06 -3.07
C19 LFA XA . 29.73 -16.52 -3.77
C20 LFA XA . 30.07 -17.68 -4.71
C6 LFA YA . 35.32 12.06 6.37
C7 LFA YA . 35.45 10.72 5.65
C8 LFA YA . 36.46 9.84 6.37
C9 LFA YA . 37.12 8.90 5.36
C10 LFA YA . 37.31 7.52 5.99
C17 LFA ZA . 34.49 14.10 -0.73
C18 LFA ZA . 33.20 14.49 -0.01
C19 LFA ZA . 33.40 15.84 0.69
C20 LFA ZA . 32.20 16.73 0.41
C10 OLC AB . 31.16 -8.64 18.87
C9 OLC AB . 31.24 -7.47 19.54
C11 OLC AB . 30.56 -8.45 17.44
C8 OLC AB . 31.63 -6.64 20.81
C24 OLC AB . 29.87 1.21 27.21
C7 OLC AB . 30.82 -5.29 20.80
C6 OLC AB . 31.52 -4.26 21.75
C5 OLC AB . 32.64 -3.51 20.96
C4 OLC AB . 33.30 -2.40 21.85
C3 OLC AB . 32.22 -1.69 22.72
C2 OLC AB . 32.89 -1.08 23.99
C21 OLC AB . 30.93 -0.69 25.96
C1 OLC AB . 32.73 -2.06 25.18
C22 OLC AB . 30.42 -0.22 27.32
O25 OLC AB . 28.47 1.15 27.13
O20 OLC AB . 31.66 -1.90 26.10
C1 LFA BB . 42.21 5.22 20.97
C2 LFA BB . 42.34 5.78 19.55
C3 LFA BB . 41.09 5.44 18.75
C4 LFA BB . 41.04 6.27 17.47
C5 LFA BB . 42.18 5.84 16.54
C6 LFA BB . 41.81 6.20 15.11
C3 LFA CB . 41.49 6.08 -3.10
C4 LFA CB . 41.71 6.03 -4.61
C5 LFA CB . 42.45 4.74 -4.96
C6 LFA CB . 42.80 4.74 -6.45
C7 LFA CB . 43.87 5.81 -6.71
C9 OLC DB . 18.08 16.58 -1.98
C8 OLC DB . 18.36 18.11 -2.22
C24 OLC DB . 18.24 26.54 7.66
C7 OLC DB . 18.86 18.76 -0.89
C6 OLC DB . 17.76 19.71 -0.32
C5 OLC DB . 18.31 21.16 -0.21
C4 OLC DB . 17.39 22.00 0.73
C3 OLC DB . 18.23 22.65 1.88
C2 OLC DB . 17.44 23.83 2.51
C21 OLC DB . 17.90 24.58 6.13
C1 OLC DB . 18.18 24.32 3.79
C22 OLC DB . 17.23 25.48 7.18
O25 OLC DB . 17.59 27.45 8.50
O23 OLC DB . 16.12 26.11 6.63
O20 OLC DB . 17.45 24.94 4.83
C18 OLC EB . 0.50 5.72 1.67
C10 OLC EB . 5.51 -0.06 -2.41
C9 OLC EB . 5.81 -1.13 -3.18
C17 OLC EB . 1.93 5.40 2.14
C11 OLC EB . 4.18 0.61 -2.86
C8 OLC EB . 5.52 -2.12 -4.36
C24 OLC EB . 6.50 -4.34 -14.58
C16 OLC EB . 2.79 5.00 0.92
C12 OLC EB . 4.11 2.05 -2.25
C7 OLC EB . 6.78 -2.23 -5.28
C15 OLC EB . 2.14 3.80 0.21
C13 OLC EB . 2.65 2.34 -1.80
C6 OLC EB . 6.45 -3.14 -6.50
C14 OLC EB . 2.56 3.80 -1.27
C5 OLC EB . 6.45 -4.63 -6.05
C4 OLC EB . 5.91 -5.55 -7.19
C3 OLC EB . 4.90 -4.77 -8.08
C2 OLC EB . 4.47 -5.65 -9.29
C21 OLC EB . 5.76 -4.24 -12.19
C1 OLC EB . 5.61 -5.71 -10.33
C22 OLC EB . 6.78 -4.86 -13.16
O25 OLC EB . 6.48 -5.43 -15.47
O20 OLC EB . 6.17 -4.52 -10.85
C1 RET FB . 7.51 30.42 -3.54
C2 RET FB . 7.96 31.51 -2.55
C3 RET FB . 7.36 32.85 -2.78
C4 RET FB . 7.59 33.30 -4.20
C5 RET FB . 7.66 32.21 -5.23
C6 RET FB . 7.52 30.89 -4.98
C7 RET FB . 7.00 30.06 -6.08
C8 RET FB . 7.15 28.75 -6.32
C9 RET FB . 6.56 28.02 -7.45
C10 RET FB . 6.38 26.69 -7.32
C11 RET FB . 5.81 25.77 -8.30
C12 RET FB . 5.41 24.55 -7.91
C13 RET FB . 4.82 23.52 -8.74
C14 RET FB . 4.40 22.42 -8.14
C15 RET FB . 3.76 21.23 -8.76
C16 RET FB . 8.53 29.32 -3.20
C17 RET FB . 6.14 29.88 -3.10
C18 RET FB . 7.59 32.84 -6.58
C19 RET FB . 6.21 28.75 -8.70
C20 RET FB . 4.72 23.77 -10.21
NA NA GB . -8.15 15.82 14.13
C10 OLC HB . 17.25 20.17 -7.68
C9 OLC HB . 17.81 19.83 -8.86
C11 OLC HB . 18.30 20.40 -6.57
C8 OLC HB . 17.75 19.42 -10.37
C24 OLC HB . 20.09 14.28 -18.12
C7 OLC HB . 18.51 18.07 -10.57
C6 OLC HB . 17.48 16.96 -10.96
C5 OLC HB . 18.24 15.72 -11.53
C4 OLC HB . 17.24 14.54 -11.74
C3 OLC HB . 18.03 13.27 -12.16
C2 OLC HB . 18.70 13.54 -13.53
C21 OLC HB . 20.48 13.87 -15.69
C1 OLC HB . 20.11 12.87 -13.56
C22 OLC HB . 20.81 13.40 -17.11
O25 OLC HB . 19.90 13.56 -19.32
O23 OLC HB . 22.19 13.48 -17.31
O20 OLC HB . 20.87 12.88 -14.75
C18 OLC IB . 17.56 40.24 -5.08
C10 OLC IB . 18.54 35.17 -12.77
C9 OLC IB . 19.47 34.25 -13.08
C17 OLC IB . 18.23 38.89 -5.42
C11 OLC IB . 18.51 35.48 -11.24
C8 OLC IB . 20.62 33.25 -12.72
C16 OLC IB . 18.20 38.66 -6.95
C12 OLC IB . 17.96 36.92 -11.00
C7 OLC IB . 21.27 32.70 -14.02
C15 OLC IB . 19.10 37.46 -7.31
C13 OLC IB . 18.73 37.57 -9.82
C6 OLC IB . 22.05 31.38 -13.69
C14 OLC IB . 18.53 36.72 -8.53
C5 OLC IB . 21.79 30.32 -14.82
C4 OLC IB . 22.32 28.93 -14.34
C3 OLC IB . 23.49 28.48 -15.27
C2 OLC IB . 24.32 27.36 -14.57
C1 OLC IB . 24.60 27.75 -13.10
C10 OLC JB . 21.45 33.92 -3.31
C9 OLC JB . 20.94 33.89 -2.07
C11 OLC JB . 21.13 35.25 -4.06
C8 OLC JB . 20.16 34.53 -0.86
C24 OLC JB . 15.49 40.60 9.36
C7 OLC JB . 21.15 35.30 0.06
C6 OLC JB . 20.52 36.67 0.47
C5 OLC JB . 20.61 36.87 2.02
C4 OLC JB . 19.22 37.30 2.57
C3 OLC JB . 19.37 37.74 4.06
C2 OLC JB . 18.17 38.64 4.47
C21 OLC JB . 16.58 39.32 7.48
C1 OLC JB . 17.43 38.01 5.68
C22 OLC JB . 15.37 40.15 7.90
O25 OLC JB . 16.58 39.93 9.98
O20 OLC JB . 16.31 38.69 6.24
C24 OLC KB . 16.09 35.17 12.66
C7 OLC KB . 20.72 29.60 5.97
C6 OLC KB . 19.51 30.54 6.31
C5 OLC KB . 19.83 31.36 7.60
C4 OLC KB . 18.50 31.66 8.35
C3 OLC KB . 18.39 33.20 8.63
C2 OLC KB . 17.39 33.83 7.62
C21 OLC KB . 15.12 35.24 10.35
C1 OLC KB . 16.20 34.46 8.38
C22 OLC KB . 15.54 36.08 11.56
O25 OLC KB . 15.15 35.07 13.70
O23 OLC KB . 16.51 37.00 11.17
O20 OLC KB . 16.27 34.62 9.79
C8 OLC LB . -12.63 31.01 -0.65
C7 OLC LB . -12.40 30.46 0.80
C6 OLC LB . -13.22 31.33 1.82
C5 OLC LB . -14.74 30.98 1.72
C4 OLC LB . -15.50 31.60 2.93
C3 OLC LB . -16.74 30.72 3.26
C2 OLC LB . -16.94 30.62 4.80
C18 OLC MB . -10.51 21.90 -18.24
C10 OLC MB . -9.29 21.76 -9.03
C9 OLC MB . -10.26 21.79 -8.10
C17 OLC MB . -10.96 22.41 -16.85
C11 OLC MB . -9.88 21.90 -10.47
C8 OLC MB . -11.76 21.89 -7.65
C24 OLC MB . -19.12 27.39 2.42
C16 OLC MB . -9.71 22.68 -15.98
C12 OLC MB . -8.79 22.44 -11.44
C7 OLC MB . -11.89 22.73 -6.34
C15 OLC MB . -10.05 23.65 -14.83
C13 OLC MB . -9.24 22.22 -12.91
C6 OLC MB . -13.34 23.30 -6.23
C14 OLC MB . -8.98 23.52 -13.72
C5 OLC MB . -13.75 23.38 -4.73
C4 OLC MB . -14.48 24.74 -4.46
C3 OLC MB . -15.57 24.56 -3.36
C2 OLC MB . -15.59 25.82 -2.45
C21 OLC MB . -17.73 26.21 0.70
C1 OLC MB . -16.70 25.67 -1.37
C22 OLC MB . -17.73 27.32 1.77
O25 OLC MB . -19.13 28.46 3.36
O23 OLC MB . -16.78 27.01 2.75
O20 OLC MB . -16.61 26.37 -0.14
C1 LFA NB . -6.53 27.62 -20.82
C2 LFA NB . -7.10 27.37 -19.42
C3 LFA NB . -6.23 28.09 -18.39
C4 LFA NB . -6.89 27.99 -17.01
C5 LFA NB . -6.85 26.55 -16.53
C6 LFA NB . -6.48 26.52 -15.05
C7 LFA NB . -7.46 27.38 -14.26
C8 LFA NB . -6.69 28.16 -13.19
C9 LFA NB . -7.69 28.87 -12.27
C10 LFA NB . -7.40 30.36 -12.26
C11 LFA NB . -8.28 31.05 -11.22
C12 LFA NB . -7.98 30.47 -9.84
C13 LFA NB . -8.18 31.55 -8.79
C14 LFA NB . -8.52 30.92 -7.44
C15 LFA NB . -9.42 31.88 -6.67
C16 LFA NB . -9.55 31.41 -5.22
C17 LFA NB . -10.54 32.33 -4.49
C18 LFA NB . -10.18 32.41 -3.01
C19 LFA NB . -9.69 33.82 -2.68
C20 LFA NB . -8.20 33.93 -2.99
C1 LFA OB . 20.74 29.66 1.71
C2 LFA OB . 21.17 29.33 0.28
C3 LFA OB . 21.38 27.82 0.15
C4 LFA OB . 22.09 27.52 -1.18
C5 LFA OB . 22.08 26.00 -1.41
C6 LFA OB . 22.87 25.68 -2.68
C7 LFA OB . 21.90 25.23 -3.77
C8 LFA OB . 22.63 24.34 -4.77
C9 LFA OB . 21.80 24.29 -6.05
C10 LFA OB . 21.99 22.92 -6.73
C11 LFA OB . 21.28 22.94 -8.08
C12 LFA OB . 21.87 21.82 -8.96
C13 LFA OB . 21.56 22.13 -10.42
C14 LFA OB . 22.64 21.48 -11.30
C15 LFA OB . 22.34 21.78 -12.77
C16 LFA OB . 23.45 21.20 -13.64
C17 LFA OB . 23.27 19.69 -13.78
C18 LFA OB . 24.31 19.14 -14.75
C19 LFA OB . 23.83 17.80 -15.32
C20 LFA OB . 24.81 17.32 -16.38
C1 LFA PB . -10.53 18.33 -10.03
C2 LFA PB . -10.78 17.96 -11.49
C3 LFA PB . -9.58 17.19 -12.03
C4 LFA PB . -9.99 15.77 -12.41
C5 LFA PB . -8.94 15.17 -13.33
C6 LFA PB . -8.68 13.71 -12.94
C7 LFA PB . -7.28 13.30 -13.37
C8 LFA PB . -7.36 12.09 -14.29
C9 LFA PB . -6.76 12.45 -15.66
C10 LFA PB . -7.72 12.05 -16.76
C11 LFA PB . -7.37 12.81 -18.03
C12 LFA PB . -8.34 12.44 -19.15
C13 LFA PB . -7.93 13.16 -20.43
C14 LFA PB . -8.93 12.87 -21.54
C15 LFA PB . -8.63 13.76 -22.74
C16 LFA PB . -7.34 13.32 -23.42
C17 LFA PB . -7.66 12.30 -24.52
C14 LFA QB . 1.27 38.07 -13.57
C15 LFA QB . 0.46 36.79 -13.70
C16 LFA QB . -0.93 37.12 -14.22
C17 LFA QB . -1.88 35.96 -13.93
C18 LFA QB . -2.00 35.77 -12.42
C19 LFA QB . -3.21 34.88 -12.11
C20 LFA QB . -3.46 34.88 -10.60
C14 LFA RB . 7.83 42.27 -1.43
C15 LFA RB . 6.83 41.27 -2.03
C16 LFA RB . 7.44 39.87 -2.02
C17 LFA RB . 6.60 38.96 -2.90
C18 LFA RB . 6.95 37.50 -2.61
C19 LFA RB . 6.15 36.59 -3.55
C14 LFA SB . 2.28 42.18 -0.29
C15 LFA SB . 1.33 41.64 0.77
C16 LFA SB . 1.25 42.63 1.93
C17 LFA SB . 2.53 42.57 2.76
C18 LFA SB . 2.18 42.49 4.25
C19 LFA SB . 1.16 43.58 4.59
C20 LFA SB . 1.11 43.78 6.10
C1 RET TB . -26.34 16.57 -4.85
C2 RET TB . -26.96 17.80 -4.15
C3 RET TB . -28.44 17.81 -4.09
C4 RET TB . -29.04 17.62 -5.46
C5 RET TB . -28.24 16.81 -6.43
C6 RET TB . -27.02 16.26 -6.18
C7 RET TB . -26.62 15.12 -7.03
C8 RET TB . -25.40 14.63 -7.32
C9 RET TB . -25.11 13.47 -8.17
C10 RET TB . -23.90 12.88 -8.03
C11 RET TB . -23.37 11.72 -8.74
C12 RET TB . -22.24 11.15 -8.28
C13 RET TB . -21.55 9.98 -8.84
C14 RET TB . -20.45 9.58 -8.20
C15 RET TB . -19.56 8.43 -8.54
C16 RET TB . -24.89 17.05 -4.95
C17 RET TB . -26.35 15.38 -3.89
C18 RET TB . -29.14 16.40 -7.55
C19 RET TB . -26.13 13.00 -9.14
C20 RET TB . -22.10 9.34 -10.05
NA NA UB . -15.04 2.92 16.68
C5 LFA VB . 0.13 -0.60 -4.19
C6 LFA VB . 0.70 -1.75 -5.02
C7 LFA VB . 1.25 -1.20 -6.34
C8 LFA VB . 1.64 -2.36 -7.25
C9 LFA VB . 1.07 -2.11 -8.64
C10 LFA VB . 1.96 -2.77 -9.68
C11 LFA VB . 1.12 -3.26 -10.86
C12 LFA VB . 2.04 -3.70 -12.00
C13 LFA VB . 1.20 -4.37 -13.09
C14 LFA VB . 1.99 -4.40 -14.40
C18 OLC WB . -12.92 24.18 -10.44
C10 OLC WB . -12.00 17.55 -16.26
C9 OLC WB . -10.77 17.66 -16.77
C17 OLC WB . -13.53 22.80 -10.74
C11 OLC WB . -12.71 18.93 -16.12
C8 OLC WB . -9.56 18.48 -17.33
C16 OLC WB . -13.61 22.59 -12.27
C12 OLC WB . -12.88 19.29 -14.62
C7 OLC WB . -8.63 17.56 -18.18
C15 OLC WB . -13.27 21.12 -12.62
C13 OLC WB . -14.39 19.61 -14.35
C6 OLC WB . -7.89 18.42 -19.27
C14 OLC WB . -14.56 20.35 -12.99
C5 OLC WB . -8.78 18.50 -20.56
C4 OLC WB . -8.05 19.37 -21.62
C3 OLC WB . -7.60 18.47 -22.82
C2 OLC WB . -8.82 18.18 -23.73
C1 OLC WB . -8.60 16.84 -24.49
C9 OLC XB . -16.05 24.41 -15.19
C8 OLC XB . -15.66 23.51 -16.42
C7 OLC XB . -15.29 24.41 -17.65
C6 OLC XB . -16.13 23.96 -18.88
C5 OLC XB . -15.31 22.96 -19.76
C4 OLC XB . -14.14 23.71 -20.44
C3 OLC XB . -12.98 22.71 -20.74
C2 OLC XB . -12.32 23.04 -22.12
C10 OLC YB . -27.54 24.82 -16.66
C9 OLC YB . -26.90 25.33 -17.72
C17 OLC YB . -30.14 28.84 -10.35
C11 OLC YB . -29.07 25.08 -16.72
C8 OLC YB . -26.86 26.09 -19.09
C16 OLC YB . -30.89 28.27 -11.58
C12 OLC YB . -29.61 25.32 -15.27
C7 OLC YB . -25.40 26.53 -19.42
C15 OLC YB . -29.89 27.98 -12.71
C13 OLC YB . -29.59 26.84 -14.96
C6 OLC YB . -25.01 26.01 -20.84
C14 OLC YB . -30.59 27.14 -13.81
C5 OLC YB . -23.59 25.34 -20.79
C4 OLC YB . -22.49 26.45 -20.78
C3 OLC YB . -21.39 26.10 -21.82
C2 OLC YB . -20.04 26.73 -21.38
C10 OLC ZB . -25.50 31.91 -6.69
C9 OLC ZB . -26.34 32.54 -5.84
C11 OLC ZB . -26.09 30.56 -7.21
C8 OLC ZB . -27.68 32.64 -5.03
C24 OLC ZB . -32.12 31.38 6.14
C12 OLC ZB . -25.34 30.13 -8.50
C7 OLC ZB . -27.53 31.93 -3.64
C13 OLC ZB . -26.38 29.56 -9.52
C6 OLC ZB . -28.95 31.87 -2.96
C5 OLC ZB . -28.86 31.04 -1.64
C4 OLC ZB . -28.51 31.99 -0.45
C3 OLC ZB . -27.94 31.17 0.73
C2 OLC ZB . -28.79 31.44 2.01
C21 OLC ZB . -30.76 30.97 4.09
C1 OLC ZB . -30.26 31.07 1.77
C22 OLC ZB . -31.21 32.02 5.10
O25 OLC ZB . -31.77 31.85 7.44
O23 OLC ZB . -30.09 32.56 5.72
O20 OLC ZB . -31.22 31.32 2.80
C8 OLC AC . -18.53 30.94 -1.40
C24 OLC AC . -25.90 30.42 7.76
C7 OLC AC . -19.94 30.42 -0.99
C6 OLC AC . -20.21 30.75 0.52
C5 OLC AC . -21.73 30.57 0.83
C4 OLC AC . -21.89 30.06 2.31
C3 OLC AC . -23.26 30.54 2.88
C2 OLC AC . -24.42 29.84 2.12
C21 OLC AC . -26.28 29.90 5.34
C1 OLC AC . -25.58 29.52 3.10
C22 OLC AC . -26.31 31.01 6.40
O25 OLC AC . -27.07 30.09 8.49
O23 OLC AC . -25.40 32.01 6.05
O20 OLC AC . -25.94 30.47 4.09
C8 OLC BC . -32.21 -0.98 5.82
C7 OLC BC . -32.56 0.49 6.23
C6 OLC BC . -33.49 0.50 7.48
C5 OLC BC . -33.11 -0.67 8.44
C4 OLC BC . -34.19 -0.83 9.55
C3 OLC BC . -33.62 -1.68 10.73
C10 OLC CC . -24.63 -3.20 -3.46
C9 OLC CC . -25.13 -3.75 -2.33
C11 OLC CC . -25.22 -3.87 -4.74
C8 OLC CC . -26.04 -4.77 -1.55
C24 OLC CC . -31.33 -5.76 10.13
C12 OLC CC . -24.96 -2.93 -5.97
C7 OLC CC . -26.13 -4.34 -0.05
C13 OLC CC . -25.30 -3.68 -7.28
C6 OLC CC . -27.50 -4.83 0.56
C14 OLC CC . -26.84 -3.78 -7.43
C5 OLC CC . -27.32 -5.03 2.10
C4 OLC CC . -28.68 -5.50 2.73
C3 OLC CC . -28.63 -5.28 4.28
C2 OLC CC . -29.99 -4.71 4.78
C21 OLC CC . -29.57 -5.05 8.48
C1 OLC CC . -29.85 -4.28 6.25
C22 OLC CC . -30.47 -4.59 9.64
O25 OLC CC . -32.41 -5.24 10.89
O20 OLC CC . -30.35 -5.10 7.29
C13 LFA DC . -31.98 -2.55 -15.70
C14 LFA DC . -30.82 -2.33 -14.74
C15 LFA DC . -31.22 -1.32 -13.67
C16 LFA DC . -30.20 -1.35 -12.54
C17 LFA DC . -30.69 -0.48 -11.38
C18 LFA DC . -29.54 -0.28 -10.38
C19 LFA DC . -29.96 -0.80 -9.01
C20 LFA DC . -30.89 0.20 -8.35
C7 LFA EC . -37.51 6.32 -12.17
C8 LFA EC . -36.65 7.42 -11.55
C9 LFA EC . -36.67 7.30 -10.03
C10 LFA EC . -35.69 6.22 -9.59
C11 LFA EC . -36.04 5.74 -8.18
C12 LFA EC . -35.63 6.79 -7.15
C13 LFA EC . -36.02 6.29 -5.76
C14 LFA EC . -35.36 7.15 -4.68
C15 LFA EC . -35.38 6.37 -3.36
C16 LFA EC . -34.84 7.26 -2.23
C17 LFA EC . -34.14 6.40 -1.19
C18 LFA EC . -35.17 5.58 -0.40
C19 LFA EC . -34.52 5.06 0.88
C20 LFA EC . -35.40 3.99 1.52
C17 LFA FC . -35.60 13.15 -5.57
C18 LFA FC . -35.35 11.86 -4.79
C19 LFA FC . -36.62 11.02 -4.77
C20 LFA FC . -37.74 11.80 -4.08
C16 LFA GC . -34.92 28.51 -4.48
C17 LFA GC . -35.25 27.45 -5.52
C18 LFA GC . -34.47 27.73 -6.80
C19 LFA GC . -34.80 26.67 -7.84
C20 LFA GC . -34.00 26.93 -9.12
C14 LFA HC . -38.47 17.48 0.08
C15 LFA HC . -38.48 17.23 1.59
C16 LFA HC . -38.25 18.54 2.33
C17 LFA HC . -38.02 18.26 3.81
C18 LFA HC . -39.36 18.28 4.54
C19 LFA HC . -39.11 18.45 6.04
C20 LFA HC . -38.70 19.90 6.32
C15 LFA IC . -43.31 13.73 4.54
C16 LFA IC . -42.40 14.94 4.63
C17 LFA IC . -43.17 16.14 5.17
C18 LFA IC . -43.41 15.97 6.66
C19 LFA IC . -43.56 17.34 7.32
C20 LFA IC . -42.76 17.38 8.61
C11 LFA JC . -36.85 24.76 -2.93
C12 LFA JC . -37.14 24.87 -1.44
C13 LFA JC . -37.04 26.33 -1.01
C14 LFA JC . -37.03 26.42 0.52
C15 LFA JC . -38.43 26.19 1.07
C16 LFA JC . -38.36 26.02 2.58
C17 LFA JC . -38.87 27.28 3.28
C18 LFA JC . -38.30 27.37 4.70
C19 LFA JC . -38.71 26.13 5.50
C20 LFA JC . -38.61 26.44 6.99
C10 OLC KC . -4.10 0.51 -3.03
C9 OLC KC . -3.66 0.74 -4.28
C17 OLC KC . -5.26 -2.28 4.07
C11 OLC KC . -3.39 -0.69 -2.34
C8 OLC KC . -3.67 1.53 -5.62
C24 OLC KC . -0.45 -1.79 -16.33
C16 OLC KC . -4.61 -2.20 2.67
C12 OLC KC . -4.43 -1.48 -1.49
C7 OLC KC . -3.16 0.60 -6.78
C15 OLC KC . -4.36 -0.70 2.32
C13 OLC KC . -3.93 -1.56 -0.02
C6 OLC KC . -2.04 1.34 -7.57
C14 OLC KC . -4.66 -0.48 0.82
C5 OLC KC . -2.67 2.52 -8.39
C4 OLC KC . -1.84 2.84 -9.67
C3 OLC KC . -0.70 1.79 -9.89
C2 OLC KC . -0.21 1.86 -11.36
C21 OLC KC . -0.92 -0.60 -14.17
C1 OLC KC . -0.57 0.54 -12.10
C22 OLC KC . -0.64 -0.42 -15.67
O25 OLC KC . -0.50 -1.65 -17.73
O20 OLC KC . -0.16 0.36 -13.45
C10 OLC LC . -16.68 -5.96 -8.68
C9 OLC LC . -15.97 -6.13 -9.81
C17 OLC LC . -21.85 -5.38 -4.30
C11 OLC LC . -17.71 -7.10 -8.44
C8 OLC LC . -15.58 -6.91 -11.11
C16 OLC LC . -22.32 -6.22 -5.51
C12 OLC LC . -19.07 -6.75 -9.14
C7 OLC LC . -16.54 -6.47 -12.27
C15 OLC LC . -21.75 -5.62 -6.82
C13 OLC LC . -20.24 -7.10 -8.17
C6 OLC LC . -17.50 -7.66 -12.63
C14 OLC LC . -20.29 -6.09 -7.01
C5 OLC LC . -17.19 -8.18 -14.07
C4 OLC LC . -18.22 -9.27 -14.47
C3 OLC LC . -17.90 -9.78 -15.91
C2 OLC LC . -18.96 -9.23 -16.90
C1 OLC LC . -18.45 -9.42 -18.35
O20 OLC LC . -19.38 -9.60 -19.41
#